data_3VMH
#
_entry.id   3VMH
#
_cell.length_a   98.169
_cell.length_b   89.365
_cell.length_c   104.995
_cell.angle_alpha   90.00
_cell.angle_beta   104.10
_cell.angle_gamma   90.00
#
_symmetry.space_group_name_H-M   'P 1 21 1'
#
loop_
_entity.id
_entity.type
_entity.pdbx_description
1 polymer 'Terminal oxygenase component of carbazole'
2 polymer 'Ferredoxin component of carbazole'
3 non-polymer 'FE (II) ION'
4 non-polymer 'FE2/S2 (INORGANIC) CLUSTER'
5 non-polymer 'OXYGEN MOLECULE'
6 water water
#
loop_
_entity_poly.entity_id
_entity_poly.type
_entity_poly.pdbx_seq_one_letter_code
_entity_poly.pdbx_strand_id
1 'polypeptide(L)'
;MANVDEAILKRVKGWAPYVDAKLGFRNHWYPVMFSKEINEGEPKTLKLLGENLLVNRIDGKLYCLKDRCLHRGVQLSVKV
ECKTKSTITCWYHAWTYRWEDGVLCDILTNPTSAQIGRQKLKTYPVQEAKGCVFIYLGDGDPPPLARDTPPNFLDDDMEI
LGKNQIIKSNWRLAVENGFDPSHIYIHKDSILVKDNDLALPLGFAPGGDRKQQTRVVDDDVVGRKGVYDLIGEHGVPVFE
GTIGGEVVREGAYGEKIVANDISIWLPGVLKVNPFPNPDMMQFEWYVPIDENTHYYFQTLGKPCANDEERKKYEQEFESK
WKPMALEGFNNDDIWAREAMVDFYADDKGWVNEILFESDEAIVAWRKLASEHNQGIQTQAHVSGLEHHHHHH
;
A,B,C
2 'polypeptide(L)'
;MNQIWLKVCAASDMQPGTIRRVNRVGAAPLAVYRVGDQFYATEDTCTHGIASLSEGTLDGDVIECPFHGGAFNVCTGMPA
SSPCTVPLGVFEVEVKEGEVYVAGEKKLEHHHHHH
;
D,E,F
#
loop_
_chem_comp.id
_chem_comp.type
_chem_comp.name
_chem_comp.formula
FE2 non-polymer 'FE (II) ION' 'Fe 2'
FES non-polymer 'FE2/S2 (INORGANIC) CLUSTER' 'Fe2 S2'
OXY non-polymer 'OXYGEN MOLECULE' O2
#
# COMPACT_ATOMS: atom_id res chain seq x y z
N MET A 1 -3.33 7.11 19.58
CA MET A 1 -2.12 6.47 20.17
C MET A 1 -1.42 5.58 19.14
N ALA A 2 -0.23 6.00 18.71
CA ALA A 2 0.56 5.24 17.75
C ALA A 2 -0.06 5.17 16.35
N ASN A 3 -0.13 6.32 15.68
CA ASN A 3 -0.67 6.39 14.33
C ASN A 3 0.43 6.86 13.37
N VAL A 4 1.49 7.43 13.94
CA VAL A 4 2.59 7.95 13.15
C VAL A 4 3.92 7.32 13.56
N ASP A 5 4.88 7.31 12.66
CA ASP A 5 6.22 6.78 12.92
C ASP A 5 6.71 7.36 14.24
N GLU A 6 7.19 6.50 15.13
CA GLU A 6 7.69 6.95 16.43
C GLU A 6 8.86 7.93 16.29
N ALA A 7 9.64 7.79 15.23
CA ALA A 7 10.77 8.67 15.00
C ALA A 7 10.32 10.10 14.73
N ILE A 8 9.16 10.23 14.08
CA ILE A 8 8.61 11.54 13.79
C ILE A 8 8.00 12.13 15.05
N LEU A 9 7.25 11.32 15.79
CA LEU A 9 6.63 11.80 17.02
C LEU A 9 7.67 12.27 18.04
N LYS A 10 8.83 11.61 18.04
CA LYS A 10 9.89 11.97 18.96
C LYS A 10 10.46 13.36 18.65
N ARG A 11 10.41 13.74 17.38
CA ARG A 11 10.91 15.04 16.92
C ARG A 11 10.00 16.22 17.25
N VAL A 12 8.69 16.01 17.19
CA VAL A 12 7.75 17.10 17.46
C VAL A 12 7.28 17.13 18.90
N LYS A 13 8.22 17.43 19.79
CA LYS A 13 7.96 17.49 21.22
C LYS A 13 6.94 18.55 21.62
N GLY A 14 6.77 19.56 20.78
CA GLY A 14 5.83 20.62 21.11
C GLY A 14 4.38 20.17 20.97
N TRP A 15 4.14 19.16 20.14
CA TRP A 15 2.76 18.75 19.89
C TRP A 15 2.60 17.35 19.30
N ALA A 16 3.29 16.38 19.90
CA ALA A 16 3.23 15.00 19.44
C ALA A 16 1.82 14.40 19.40
N PRO A 17 1.01 14.62 20.46
CA PRO A 17 -0.35 14.04 20.42
C PRO A 17 -1.15 14.53 19.21
N TYR A 18 -1.00 15.80 18.87
CA TYR A 18 -1.70 16.39 17.73
C TYR A 18 -1.27 15.74 16.42
N VAL A 19 0.04 15.59 16.23
CA VAL A 19 0.57 14.98 15.01
C VAL A 19 0.13 13.52 14.92
N ASP A 20 -0.05 12.88 16.08
CA ASP A 20 -0.47 11.49 16.11
C ASP A 20 -1.97 11.34 15.82
N ALA A 21 -2.71 12.41 16.09
CA ALA A 21 -4.16 12.42 15.92
C ALA A 21 -4.67 12.53 14.47
N LYS A 22 -4.14 11.68 13.60
CA LYS A 22 -4.50 11.56 12.19
C LYS A 22 -6.00 11.37 11.99
N LEU A 23 -6.57 10.52 12.86
CA LEU A 23 -7.98 10.15 12.77
C LEU A 23 -8.91 11.04 13.60
N GLY A 24 -8.34 12.03 14.28
CA GLY A 24 -9.15 12.91 15.10
C GLY A 24 -9.10 12.60 16.58
N PHE A 25 -9.77 13.43 17.36
CA PHE A 25 -9.80 13.26 18.81
C PHE A 25 -11.09 12.59 19.26
N ARG A 26 -10.95 11.50 20.00
CA ARG A 26 -12.10 10.77 20.50
C ARG A 26 -12.63 11.49 21.75
N ASN A 27 -13.88 11.19 22.10
CA ASN A 27 -14.54 11.77 23.27
C ASN A 27 -14.88 13.26 23.17
N HIS A 28 -15.37 13.66 21.99
CA HIS A 28 -15.82 15.02 21.70
C HIS A 28 -17.07 14.87 20.84
N TRP A 29 -17.88 15.93 20.83
CA TRP A 29 -19.09 15.99 20.02
C TRP A 29 -18.69 16.50 18.64
N TYR A 30 -19.38 16.02 17.61
CA TYR A 30 -19.12 16.45 16.23
C TYR A 30 -20.42 16.55 15.44
N PRO A 31 -20.59 17.64 14.67
CA PRO A 31 -21.82 17.78 13.87
C PRO A 31 -21.58 16.95 12.61
N VAL A 32 -22.59 16.25 12.12
CA VAL A 32 -22.41 15.42 10.92
C VAL A 32 -23.46 15.61 9.82
N MET A 33 -24.57 16.22 10.17
CA MET A 33 -25.64 16.46 9.21
C MET A 33 -26.63 17.44 9.85
N PHE A 34 -27.61 17.90 9.06
CA PHE A 34 -28.62 18.80 9.58
C PHE A 34 -29.84 17.97 9.95
N SER A 35 -30.58 18.43 10.95
CA SER A 35 -31.77 17.73 11.42
C SER A 35 -32.74 17.36 10.29
N LYS A 36 -32.93 18.29 9.35
CA LYS A 36 -33.85 18.05 8.24
C LYS A 36 -33.44 16.94 7.28
N GLU A 37 -32.21 16.44 7.42
CA GLU A 37 -31.71 15.39 6.56
C GLU A 37 -32.06 13.97 6.99
N ILE A 38 -32.58 13.82 8.20
CA ILE A 38 -32.95 12.51 8.69
C ILE A 38 -34.39 12.53 9.20
N ASN A 39 -35.25 11.77 8.55
CA ASN A 39 -36.66 11.71 8.94
C ASN A 39 -37.01 10.44 9.70
N GLU A 40 -38.17 10.47 10.35
CA GLU A 40 -38.68 9.38 11.15
C GLU A 40 -38.60 8.03 10.43
N GLY A 41 -38.02 7.05 11.11
CA GLY A 41 -37.90 5.71 10.57
C GLY A 41 -37.10 5.52 9.29
N GLU A 42 -36.15 6.41 9.02
CA GLU A 42 -35.33 6.30 7.82
C GLU A 42 -33.84 6.38 8.17
N PRO A 43 -33.25 5.24 8.61
CA PRO A 43 -31.84 5.16 8.99
C PRO A 43 -30.89 5.75 7.96
N LYS A 44 -29.89 6.48 8.42
CA LYS A 44 -28.90 7.11 7.53
C LYS A 44 -27.50 6.66 7.92
N THR A 45 -26.65 6.45 6.92
CA THR A 45 -25.28 6.02 7.15
C THR A 45 -24.29 7.18 7.04
N LEU A 46 -23.15 7.03 7.72
CA LEU A 46 -22.09 8.03 7.69
C LEU A 46 -20.86 7.42 8.32
N LYS A 47 -19.70 8.02 8.08
CA LYS A 47 -18.44 7.56 8.66
C LYS A 47 -17.89 8.73 9.49
N LEU A 48 -17.56 8.46 10.75
CA LEU A 48 -17.03 9.50 11.64
C LEU A 48 -15.83 8.94 12.41
N LEU A 49 -14.71 9.65 12.35
CA LEU A 49 -13.47 9.20 13.01
C LEU A 49 -13.09 7.78 12.55
N GLY A 50 -13.40 7.48 11.30
CA GLY A 50 -13.08 6.19 10.73
C GLY A 50 -14.08 5.08 11.01
N GLU A 51 -15.10 5.40 11.80
CA GLU A 51 -16.11 4.41 12.17
C GLU A 51 -17.41 4.56 11.38
N ASN A 52 -17.91 3.45 10.85
CA ASN A 52 -19.17 3.50 10.10
C ASN A 52 -20.32 3.54 11.11
N LEU A 53 -21.20 4.53 10.96
CA LEU A 53 -22.32 4.69 11.88
C LEU A 53 -23.67 4.71 11.18
N LEU A 54 -24.71 4.44 11.96
CA LEU A 54 -26.09 4.44 11.49
C LEU A 54 -26.89 5.33 12.44
N VAL A 55 -27.67 6.26 11.89
CA VAL A 55 -28.48 7.14 12.71
C VAL A 55 -29.94 6.98 12.30
N ASN A 56 -30.83 6.89 13.28
CA ASN A 56 -32.24 6.72 13.01
C ASN A 56 -33.05 7.65 13.92
N ARG A 57 -34.23 8.06 13.43
CA ARG A 57 -35.11 8.92 14.21
C ARG A 57 -36.35 8.10 14.55
N ILE A 58 -36.57 7.89 15.85
CA ILE A 58 -37.70 7.11 16.33
C ILE A 58 -38.52 7.96 17.31
N ASP A 59 -39.79 8.18 16.96
CA ASP A 59 -40.66 9.02 17.76
C ASP A 59 -40.04 10.41 17.92
N GLY A 60 -39.42 10.88 16.85
CA GLY A 60 -38.79 12.19 16.84
C GLY A 60 -37.38 12.28 17.40
N LYS A 61 -36.94 11.27 18.15
CA LYS A 61 -35.62 11.29 18.77
C LYS A 61 -34.57 10.52 17.96
N LEU A 62 -33.34 11.04 17.94
CA LEU A 62 -32.24 10.40 17.20
C LEU A 62 -31.48 9.38 18.03
N TYR A 63 -31.07 8.30 17.37
CA TYR A 63 -30.31 7.22 17.98
C TYR A 63 -29.15 6.86 17.05
N CYS A 64 -28.03 6.45 17.62
CA CYS A 64 -26.86 6.10 16.82
C CYS A 64 -26.27 4.77 17.22
N LEU A 65 -26.11 3.90 16.23
CA LEU A 65 -25.53 2.57 16.43
C LEU A 65 -24.35 2.43 15.49
N LYS A 66 -23.34 1.68 15.90
CA LYS A 66 -22.21 1.45 15.01
C LYS A 66 -22.75 0.58 13.88
N ASP A 67 -22.40 0.93 12.65
CA ASP A 67 -22.86 0.18 11.48
C ASP A 67 -21.94 -1.00 11.18
N ARG A 68 -21.90 -1.95 12.12
CA ARG A 68 -21.11 -3.15 11.96
C ARG A 68 -21.66 -4.22 12.90
N CYS A 69 -22.20 -5.28 12.31
CA CYS A 69 -22.75 -6.37 13.12
C CYS A 69 -21.66 -7.01 13.97
N LEU A 70 -22.01 -7.38 15.19
CA LEU A 70 -21.08 -8.02 16.11
C LEU A 70 -20.63 -9.40 15.65
N HIS A 71 -21.52 -10.06 14.92
CA HIS A 71 -21.29 -11.41 14.43
C HIS A 71 -20.14 -11.59 13.43
N ARG A 72 -20.38 -11.24 12.18
CA ARG A 72 -19.35 -11.38 11.15
C ARG A 72 -18.82 -10.05 10.61
N GLY A 73 -19.14 -8.96 11.31
CA GLY A 73 -18.63 -7.65 10.92
C GLY A 73 -19.15 -6.97 9.66
N VAL A 74 -20.31 -7.38 9.17
CA VAL A 74 -20.86 -6.74 7.97
C VAL A 74 -21.57 -5.46 8.37
N GLN A 75 -21.72 -4.53 7.42
CA GLN A 75 -22.44 -3.31 7.71
C GLN A 75 -23.92 -3.68 7.63
N LEU A 76 -24.68 -3.32 8.66
CA LEU A 76 -26.11 -3.61 8.68
C LEU A 76 -26.81 -2.90 7.53
N SER A 77 -26.26 -1.74 7.16
CA SER A 77 -26.82 -0.91 6.10
C SER A 77 -26.80 -1.49 4.68
N VAL A 78 -26.07 -2.58 4.47
CA VAL A 78 -26.03 -3.19 3.15
C VAL A 78 -27.46 -3.53 2.75
N LYS A 79 -28.25 -3.97 3.73
CA LYS A 79 -29.64 -4.30 3.52
C LYS A 79 -30.34 -4.07 4.86
N VAL A 80 -30.86 -2.87 5.05
CA VAL A 80 -31.52 -2.53 6.30
C VAL A 80 -32.83 -3.27 6.52
N GLU A 81 -32.96 -3.86 7.70
CA GLU A 81 -34.16 -4.58 8.08
C GLU A 81 -34.61 -4.11 9.47
N CYS A 82 -35.49 -3.11 9.50
CA CYS A 82 -36.02 -2.62 10.76
C CYS A 82 -37.40 -3.27 10.86
N LYS A 83 -37.45 -4.40 11.55
CA LYS A 83 -38.68 -5.17 11.68
C LYS A 83 -39.64 -4.72 12.77
N THR A 84 -39.15 -3.93 13.72
CA THR A 84 -40.01 -3.38 14.77
C THR A 84 -39.53 -1.96 14.95
N LYS A 85 -40.40 -1.10 15.45
CA LYS A 85 -40.08 0.30 15.63
C LYS A 85 -38.79 0.56 16.41
N SER A 86 -38.54 -0.23 17.45
CA SER A 86 -37.38 -0.04 18.31
C SER A 86 -36.13 -0.86 18.02
N THR A 87 -36.11 -1.61 16.92
CA THR A 87 -34.95 -2.44 16.64
C THR A 87 -34.51 -2.44 15.19
N ILE A 88 -33.36 -3.06 14.95
CA ILE A 88 -32.83 -3.25 13.61
C ILE A 88 -32.28 -4.67 13.60
N THR A 89 -32.60 -5.41 12.55
CA THR A 89 -32.18 -6.79 12.40
C THR A 89 -31.15 -6.93 11.29
N CYS A 90 -30.03 -7.57 11.60
CA CYS A 90 -28.98 -7.76 10.59
C CYS A 90 -29.53 -8.65 9.47
N TRP A 91 -29.24 -8.26 8.23
CA TRP A 91 -29.71 -9.00 7.07
C TRP A 91 -29.07 -10.37 6.91
N TYR A 92 -27.95 -10.61 7.59
CA TYR A 92 -27.21 -11.87 7.43
C TYR A 92 -27.77 -13.05 8.22
N HIS A 93 -27.66 -13.00 9.54
CA HIS A 93 -28.17 -14.08 10.39
C HIS A 93 -29.21 -13.59 11.39
N ALA A 94 -29.82 -12.45 11.07
CA ALA A 94 -30.88 -11.87 11.86
C ALA A 94 -30.61 -11.48 13.32
N TRP A 95 -29.37 -11.15 13.66
CA TRP A 95 -29.08 -10.70 15.02
C TRP A 95 -29.81 -9.37 15.12
N THR A 96 -30.59 -9.20 16.18
CA THR A 96 -31.39 -8.01 16.34
C THR A 96 -30.98 -7.15 17.53
N TYR A 97 -30.83 -5.86 17.26
CA TYR A 97 -30.38 -4.91 18.28
C TYR A 97 -31.39 -3.80 18.55
N ARG A 98 -31.41 -3.30 19.78
CA ARG A 98 -32.28 -2.22 20.16
C ARG A 98 -31.55 -0.90 19.90
N TRP A 99 -32.21 0.03 19.23
CA TRP A 99 -31.61 1.33 18.94
C TRP A 99 -31.28 2.10 20.21
N GLU A 100 -32.13 1.93 21.22
CA GLU A 100 -31.97 2.62 22.50
C GLU A 100 -30.67 2.36 23.25
N ASP A 101 -30.25 1.09 23.33
CA ASP A 101 -29.04 0.75 24.07
C ASP A 101 -28.12 -0.22 23.35
N GLY A 102 -28.47 -0.58 22.12
CA GLY A 102 -27.64 -1.50 21.35
C GLY A 102 -27.63 -2.95 21.80
N VAL A 103 -28.45 -3.29 22.79
CA VAL A 103 -28.47 -4.66 23.27
C VAL A 103 -28.99 -5.65 22.24
N LEU A 104 -28.30 -6.79 22.16
CA LEU A 104 -28.68 -7.88 21.25
C LEU A 104 -29.87 -8.52 21.97
N CYS A 105 -31.07 -8.13 21.58
CA CYS A 105 -32.29 -8.61 22.21
C CYS A 105 -32.94 -9.85 21.60
N ASP A 106 -32.58 -10.17 20.37
CA ASP A 106 -33.15 -11.33 19.67
C ASP A 106 -32.26 -11.79 18.53
N ILE A 107 -32.43 -13.05 18.13
CA ILE A 107 -31.72 -13.61 16.97
C ILE A 107 -32.73 -14.51 16.29
N LEU A 108 -33.32 -14.03 15.20
CA LEU A 108 -34.33 -14.80 14.49
C LEU A 108 -33.91 -16.20 14.04
N THR A 109 -32.65 -16.36 13.64
CA THR A 109 -32.15 -17.65 13.18
C THR A 109 -31.88 -18.67 14.29
N ASN A 110 -31.94 -18.22 15.54
CA ASN A 110 -31.74 -19.12 16.68
C ASN A 110 -32.22 -18.44 17.97
N PRO A 111 -33.53 -18.50 18.22
CA PRO A 111 -34.15 -17.89 19.41
C PRO A 111 -33.66 -18.46 20.74
N THR A 112 -32.90 -19.55 20.71
CA THR A 112 -32.38 -20.15 21.94
C THR A 112 -30.89 -19.85 22.15
N SER A 113 -30.33 -19.00 21.31
CA SER A 113 -28.91 -18.67 21.43
C SER A 113 -28.55 -18.07 22.79
N ALA A 114 -27.42 -18.53 23.33
CA ALA A 114 -26.92 -18.05 24.61
C ALA A 114 -26.38 -16.62 24.47
N GLN A 115 -26.21 -16.15 23.24
CA GLN A 115 -25.71 -14.80 23.01
C GLN A 115 -26.75 -13.72 23.26
N ILE A 116 -28.03 -14.10 23.14
CA ILE A 116 -29.12 -13.14 23.35
C ILE A 116 -29.06 -12.49 24.73
N GLY A 117 -29.06 -11.17 24.74
CA GLY A 117 -29.00 -10.43 25.99
C GLY A 117 -27.62 -10.45 26.63
N ARG A 118 -26.64 -11.01 25.93
CA ARG A 118 -25.28 -11.12 26.46
C ARG A 118 -24.25 -10.34 25.64
N GLN A 119 -24.72 -9.57 24.67
CA GLN A 119 -23.83 -8.76 23.84
C GLN A 119 -24.48 -7.41 23.62
N LYS A 120 -23.66 -6.42 23.25
CA LYS A 120 -24.16 -5.08 23.02
C LYS A 120 -23.43 -4.41 21.85
N LEU A 121 -24.19 -3.89 20.90
CA LEU A 121 -23.61 -3.19 19.76
C LEU A 121 -23.30 -1.79 20.27
N LYS A 122 -22.14 -1.26 19.90
CA LYS A 122 -21.74 0.08 20.34
C LYS A 122 -22.75 1.15 19.95
N THR A 123 -23.09 2.01 20.91
CA THR A 123 -24.00 3.13 20.67
C THR A 123 -23.24 4.41 21.01
N TYR A 124 -23.65 5.52 20.40
CA TYR A 124 -23.03 6.82 20.66
C TYR A 124 -24.14 7.83 20.90
N PRO A 125 -23.92 8.77 21.83
CA PRO A 125 -24.94 9.80 22.12
C PRO A 125 -25.16 10.68 20.90
N VAL A 126 -26.39 11.12 20.71
CA VAL A 126 -26.72 12.00 19.60
C VAL A 126 -27.61 13.10 20.15
N GLN A 127 -27.30 14.34 19.80
CA GLN A 127 -28.08 15.47 20.25
C GLN A 127 -28.31 16.44 19.10
N GLU A 128 -29.52 16.97 19.01
CA GLU A 128 -29.83 17.94 17.98
C GLU A 128 -29.85 19.33 18.61
N ALA A 129 -29.17 20.26 17.97
CA ALA A 129 -29.12 21.64 18.46
C ALA A 129 -28.97 22.58 17.28
N LYS A 130 -29.82 23.60 17.23
CA LYS A 130 -29.78 24.58 16.16
C LYS A 130 -29.91 23.97 14.78
N GLY A 131 -30.74 22.94 14.66
CA GLY A 131 -30.95 22.29 13.38
C GLY A 131 -29.79 21.41 12.92
N CYS A 132 -28.82 21.21 13.81
CA CYS A 132 -27.64 20.40 13.53
C CYS A 132 -27.64 19.13 14.36
N VAL A 133 -27.15 18.05 13.77
CA VAL A 133 -27.08 16.76 14.46
C VAL A 133 -25.66 16.52 14.95
N PHE A 134 -25.49 16.45 16.27
CA PHE A 134 -24.18 16.20 16.88
C PHE A 134 -24.08 14.79 17.47
N ILE A 135 -22.96 14.13 17.21
CA ILE A 135 -22.73 12.80 17.73
C ILE A 135 -21.53 12.82 18.66
N TYR A 136 -21.67 12.25 19.86
CA TYR A 136 -20.54 12.20 20.77
C TYR A 136 -19.77 10.94 20.42
N LEU A 137 -18.69 11.08 19.64
CA LEU A 137 -17.91 9.91 19.27
C LEU A 137 -16.95 9.68 20.42
N GLY A 138 -17.49 9.09 21.48
CA GLY A 138 -16.70 8.82 22.66
C GLY A 138 -17.31 7.77 23.56
N ASP A 139 -16.63 7.49 24.65
CA ASP A 139 -17.07 6.47 25.59
C ASP A 139 -17.50 7.06 26.92
N GLY A 140 -18.50 6.44 27.53
CA GLY A 140 -18.98 6.93 28.82
C GLY A 140 -19.97 8.07 28.70
N ASP A 141 -20.35 8.63 29.84
CA ASP A 141 -21.29 9.74 29.85
C ASP A 141 -20.69 10.95 29.17
N PRO A 142 -21.43 11.53 28.22
CA PRO A 142 -20.96 12.71 27.49
C PRO A 142 -21.02 13.99 28.29
N PRO A 143 -20.13 14.94 27.98
CA PRO A 143 -20.10 16.22 28.67
C PRO A 143 -21.15 17.07 27.98
N PRO A 144 -21.42 18.27 28.50
CA PRO A 144 -22.43 19.12 27.84
C PRO A 144 -21.93 19.46 26.44
N LEU A 145 -22.84 19.57 25.48
CA LEU A 145 -22.47 19.91 24.11
C LEU A 145 -21.74 21.25 24.07
N ALA A 146 -22.10 22.14 24.99
CA ALA A 146 -21.49 23.46 25.06
C ALA A 146 -19.97 23.42 25.14
N ARG A 147 -19.42 22.37 25.77
CA ARG A 147 -17.97 22.27 25.91
C ARG A 147 -17.29 22.23 24.55
N ASP A 148 -17.90 21.55 23.59
CA ASP A 148 -17.34 21.39 22.25
C ASP A 148 -17.92 22.29 21.17
N THR A 149 -18.47 23.44 21.56
CA THR A 149 -19.01 24.38 20.59
C THR A 149 -18.46 25.76 20.93
N PRO A 150 -18.29 26.63 19.92
CA PRO A 150 -17.77 27.97 20.18
C PRO A 150 -18.77 28.81 20.96
N PRO A 151 -18.29 29.86 21.64
CA PRO A 151 -19.18 30.73 22.41
C PRO A 151 -20.28 31.30 21.51
N ASN A 152 -21.49 31.41 22.08
CA ASN A 152 -22.66 31.96 21.40
C ASN A 152 -23.38 31.09 20.37
N PHE A 153 -22.77 30.00 19.94
CA PHE A 153 -23.42 29.13 18.97
C PHE A 153 -24.77 28.64 19.49
N LEU A 154 -24.82 28.37 20.79
CA LEU A 154 -26.03 27.88 21.43
C LEU A 154 -26.93 28.96 22.03
N ASP A 155 -26.66 30.22 21.73
CA ASP A 155 -27.50 31.30 22.26
C ASP A 155 -28.94 31.11 21.78
N ASP A 156 -29.89 31.29 22.70
CA ASP A 156 -31.30 31.11 22.37
C ASP A 156 -31.77 31.81 21.09
N ASP A 157 -31.43 33.08 20.94
CA ASP A 157 -31.86 33.85 19.78
C ASP A 157 -30.98 33.71 18.54
N MET A 158 -29.96 32.86 18.63
CA MET A 158 -29.06 32.66 17.51
C MET A 158 -29.69 31.72 16.48
N GLU A 159 -29.95 32.22 15.28
CA GLU A 159 -30.55 31.43 14.22
C GLU A 159 -29.41 30.87 13.37
N ILE A 160 -29.33 29.55 13.29
CA ILE A 160 -28.27 28.87 12.54
C ILE A 160 -28.73 28.26 11.23
N LEU A 161 -27.99 28.54 10.16
CA LEU A 161 -28.27 28.00 8.84
C LEU A 161 -26.91 27.58 8.29
N GLY A 162 -26.87 26.53 7.47
CA GLY A 162 -25.58 26.12 6.96
C GLY A 162 -25.54 25.22 5.74
N LYS A 163 -24.38 24.62 5.54
CA LYS A 163 -24.13 23.73 4.43
C LYS A 163 -23.07 22.73 4.86
N ASN A 164 -23.15 21.50 4.36
CA ASN A 164 -22.18 20.49 4.72
C ASN A 164 -21.77 19.69 3.48
N GLN A 165 -20.50 19.28 3.43
CA GLN A 165 -20.01 18.50 2.31
C GLN A 165 -18.74 17.77 2.72
N ILE A 166 -18.33 16.81 1.89
CA ILE A 166 -17.12 16.04 2.17
C ILE A 166 -15.94 16.60 1.38
N ILE A 167 -14.85 16.91 2.09
CA ILE A 167 -13.66 17.47 1.47
C ILE A 167 -12.49 16.50 1.57
N LYS A 168 -11.71 16.40 0.50
CA LYS A 168 -10.58 15.49 0.45
C LYS A 168 -9.26 16.01 1.02
N SER A 169 -9.19 16.11 2.34
CA SER A 169 -7.97 16.51 3.03
C SER A 169 -8.14 16.10 4.49
N ASN A 170 -7.03 15.86 5.16
CA ASN A 170 -7.07 15.50 6.57
C ASN A 170 -7.66 16.70 7.30
N TRP A 171 -8.42 16.43 8.36
CA TRP A 171 -9.08 17.48 9.13
C TRP A 171 -8.16 18.58 9.67
N ARG A 172 -6.93 18.22 10.02
CA ARG A 172 -6.00 19.18 10.58
C ARG A 172 -5.55 20.24 9.57
N LEU A 173 -5.44 19.85 8.31
CA LEU A 173 -5.03 20.79 7.28
C LEU A 173 -6.15 21.83 7.15
N ALA A 174 -7.39 21.40 7.34
CA ALA A 174 -8.53 22.30 7.25
C ALA A 174 -8.54 23.28 8.44
N VAL A 175 -8.32 22.74 9.64
CA VAL A 175 -8.29 23.58 10.83
C VAL A 175 -7.20 24.64 10.74
N GLU A 176 -5.98 24.21 10.42
CA GLU A 176 -4.87 25.15 10.34
C GLU A 176 -5.06 26.22 9.29
N ASN A 177 -5.62 25.85 8.14
CA ASN A 177 -5.85 26.85 7.09
C ASN A 177 -6.87 27.87 7.57
N GLY A 178 -7.94 27.41 8.22
CA GLY A 178 -8.96 28.33 8.69
C GLY A 178 -8.50 29.33 9.75
N PHE A 179 -7.58 28.90 10.61
CA PHE A 179 -7.08 29.75 11.71
C PHE A 179 -5.79 30.51 11.32
N ASP A 180 -5.28 30.21 10.13
CA ASP A 180 -4.05 30.80 9.59
C ASP A 180 -4.26 32.30 9.34
N PRO A 181 -3.63 33.18 10.14
CA PRO A 181 -3.79 34.62 9.94
C PRO A 181 -3.38 35.14 8.56
N SER A 182 -2.29 34.61 8.00
CA SER A 182 -1.82 35.08 6.71
C SER A 182 -2.46 34.45 5.48
N HIS A 183 -3.30 33.44 5.67
CA HIS A 183 -3.95 32.77 4.53
C HIS A 183 -4.99 33.67 3.87
N ILE A 184 -5.31 34.77 4.55
CA ILE A 184 -6.25 35.75 4.06
C ILE A 184 -5.86 36.17 2.63
N TYR A 185 -4.57 36.00 2.30
CA TYR A 185 -4.06 36.34 0.98
C TYR A 185 -4.81 35.61 -0.15
N ILE A 186 -5.20 34.35 0.09
CA ILE A 186 -5.89 33.59 -0.94
C ILE A 186 -7.29 34.13 -1.24
N HIS A 187 -7.80 34.99 -0.37
CA HIS A 187 -9.14 35.55 -0.55
C HIS A 187 -9.17 36.92 -1.21
N LYS A 188 -8.01 37.45 -1.57
CA LYS A 188 -7.94 38.77 -2.16
C LYS A 188 -8.87 39.04 -3.35
N ASP A 189 -9.16 38.02 -4.14
CA ASP A 189 -10.04 38.19 -5.30
C ASP A 189 -11.46 37.62 -5.13
N SER A 190 -11.83 37.27 -3.90
CA SER A 190 -13.16 36.72 -3.66
C SER A 190 -14.28 37.70 -4.02
N ILE A 191 -15.35 37.18 -4.62
CA ILE A 191 -16.47 38.02 -5.01
C ILE A 191 -17.12 38.68 -3.80
N LEU A 192 -16.99 38.06 -2.64
CA LEU A 192 -17.57 38.61 -1.42
C LEU A 192 -16.90 39.93 -1.07
N VAL A 193 -15.58 39.99 -1.25
CA VAL A 193 -14.83 41.20 -0.94
C VAL A 193 -15.35 42.39 -1.73
N LYS A 194 -15.52 42.20 -3.04
CA LYS A 194 -16.02 43.28 -3.88
C LYS A 194 -17.52 43.48 -3.71
N ASP A 195 -18.29 42.40 -3.82
CA ASP A 195 -19.75 42.49 -3.71
C ASP A 195 -20.31 42.88 -2.35
N ASN A 196 -19.56 42.67 -1.27
CA ASN A 196 -20.06 43.07 0.04
C ASN A 196 -19.21 44.18 0.62
N ASP A 197 -18.44 44.84 -0.25
CA ASP A 197 -17.58 45.96 0.11
C ASP A 197 -16.81 45.75 1.41
N LEU A 198 -16.04 44.67 1.47
CA LEU A 198 -15.26 44.38 2.66
C LEU A 198 -13.86 44.98 2.62
N ALA A 199 -13.36 45.33 3.80
CA ALA A 199 -12.00 45.84 3.91
C ALA A 199 -11.25 44.52 4.14
N LEU A 200 -10.23 44.26 3.33
CA LEU A 200 -9.48 43.01 3.48
C LEU A 200 -8.00 43.19 3.18
N PRO A 201 -7.16 43.15 4.22
CA PRO A 201 -5.73 43.30 3.99
C PRO A 201 -5.14 42.05 3.36
N LEU A 202 -3.90 42.14 2.90
CA LEU A 202 -3.20 41.02 2.29
C LEU A 202 -2.54 40.18 3.38
N GLY A 203 -2.31 40.81 4.53
CA GLY A 203 -1.68 40.12 5.64
C GLY A 203 -1.43 41.07 6.80
N PHE A 204 -0.50 40.70 7.68
CA PHE A 204 -0.18 41.50 8.85
C PHE A 204 1.31 41.52 9.20
N ALA A 205 1.79 42.67 9.63
CA ALA A 205 3.16 42.81 10.09
C ALA A 205 2.99 42.77 11.60
N PRO A 206 3.37 41.65 12.23
CA PRO A 206 3.24 41.48 13.68
C PRO A 206 3.88 42.57 14.54
N GLY A 207 3.26 42.82 15.69
CA GLY A 207 3.75 43.81 16.64
C GLY A 207 3.63 43.22 18.03
N GLY A 208 4.48 43.65 18.96
CA GLY A 208 4.41 43.13 20.32
C GLY A 208 5.16 41.81 20.47
N ASP A 209 4.97 41.12 21.59
CA ASP A 209 5.65 39.84 21.82
C ASP A 209 4.81 38.67 21.32
N ARG A 210 5.43 37.49 21.24
CA ARG A 210 4.71 36.31 20.75
C ARG A 210 3.54 35.96 21.65
N LYS A 211 3.69 36.21 22.95
CA LYS A 211 2.62 35.94 23.90
C LYS A 211 1.38 36.75 23.56
N GLN A 212 1.58 37.96 23.06
CA GLN A 212 0.47 38.85 22.71
C GLN A 212 -0.17 38.52 21.36
N GLN A 213 0.40 37.56 20.63
CA GLN A 213 -0.13 37.20 19.32
C GLN A 213 -1.39 36.36 19.39
N THR A 214 -1.62 35.71 20.52
CA THR A 214 -2.80 34.88 20.67
C THR A 214 -3.32 34.98 22.09
N ARG A 215 -4.52 34.45 22.30
CA ARG A 215 -5.12 34.41 23.63
C ARG A 215 -5.69 33.01 23.75
N VAL A 216 -5.04 32.19 24.58
CA VAL A 216 -5.47 30.81 24.80
C VAL A 216 -6.50 30.77 25.92
N VAL A 217 -7.59 30.03 25.68
CA VAL A 217 -8.64 29.87 26.68
C VAL A 217 -8.56 28.42 27.15
N ASP A 218 -8.06 28.21 28.37
CA ASP A 218 -7.89 26.86 28.91
C ASP A 218 -9.12 26.31 29.59
N ASP A 219 -10.08 27.16 29.88
CA ASP A 219 -11.29 26.72 30.53
C ASP A 219 -12.34 27.81 30.51
N ASP A 220 -13.53 27.44 30.07
CA ASP A 220 -14.67 28.34 29.99
C ASP A 220 -15.60 27.86 31.09
N VAL A 221 -16.72 28.56 31.28
CA VAL A 221 -17.67 28.14 32.30
C VAL A 221 -18.13 26.72 31.97
N VAL A 222 -17.97 26.31 30.72
CA VAL A 222 -18.37 24.96 30.29
C VAL A 222 -17.19 24.07 29.89
N GLY A 223 -15.97 24.50 30.22
CA GLY A 223 -14.80 23.69 29.89
C GLY A 223 -14.28 23.80 28.47
N ARG A 224 -14.66 24.86 27.77
CA ARG A 224 -14.20 25.06 26.39
C ARG A 224 -12.69 25.22 26.36
N LYS A 225 -12.08 24.83 25.24
CA LYS A 225 -10.63 24.95 25.06
C LYS A 225 -10.41 25.56 23.67
N GLY A 226 -9.76 26.72 23.61
CA GLY A 226 -9.54 27.34 22.32
C GLY A 226 -8.49 28.44 22.30
N VAL A 227 -8.31 29.05 21.14
CA VAL A 227 -7.32 30.09 20.95
C VAL A 227 -7.86 31.19 20.04
N TYR A 228 -7.63 32.45 20.43
CA TYR A 228 -8.04 33.60 19.65
C TYR A 228 -6.81 34.13 18.92
N ASP A 229 -6.99 34.53 17.67
CA ASP A 229 -5.92 35.09 16.86
C ASP A 229 -5.93 36.59 17.12
N LEU A 230 -4.88 37.09 17.78
CA LEU A 230 -4.80 38.51 18.09
C LEU A 230 -3.71 39.22 17.30
N ILE A 231 -3.38 38.72 16.12
CA ILE A 231 -2.32 39.33 15.33
C ILE A 231 -2.63 40.80 15.00
N GLY A 232 -3.92 41.12 14.90
CA GLY A 232 -4.32 42.49 14.58
C GLY A 232 -4.33 43.46 15.74
N GLU A 233 -4.09 42.96 16.95
CA GLU A 233 -4.09 43.80 18.14
C GLU A 233 -2.97 44.83 18.15
N HIS A 234 -1.77 44.38 17.83
CA HIS A 234 -0.60 45.24 17.79
C HIS A 234 0.10 45.15 16.44
N GLY A 235 -0.50 44.38 15.53
CA GLY A 235 0.08 44.22 14.21
C GLY A 235 -0.37 45.29 13.24
N VAL A 236 0.35 45.42 12.13
CA VAL A 236 0.03 46.42 11.13
C VAL A 236 -0.57 45.77 9.89
N PRO A 237 -1.84 46.09 9.59
CA PRO A 237 -2.44 45.48 8.41
C PRO A 237 -1.68 45.88 7.15
N VAL A 238 -1.45 44.91 6.28
CA VAL A 238 -0.73 45.15 5.04
C VAL A 238 -1.75 45.30 3.90
N PHE A 239 -1.76 46.48 3.28
CA PHE A 239 -2.68 46.74 2.18
C PHE A 239 -1.98 46.91 0.83
N GLU A 240 -0.66 47.01 0.87
CA GLU A 240 0.13 47.15 -0.35
C GLU A 240 1.23 46.09 -0.39
N GLY A 241 1.08 45.13 -1.31
CA GLY A 241 2.08 44.08 -1.44
C GLY A 241 3.21 44.52 -2.36
N THR A 242 4.43 44.49 -1.84
CA THR A 242 5.58 44.93 -2.62
C THR A 242 6.60 43.82 -2.89
N ILE A 243 7.34 43.97 -3.97
CA ILE A 243 8.40 43.04 -4.36
C ILE A 243 9.54 43.93 -4.82
N GLY A 244 10.66 43.88 -4.12
CA GLY A 244 11.80 44.69 -4.48
C GLY A 244 11.46 46.17 -4.32
N GLY A 245 10.48 46.46 -3.47
CA GLY A 245 10.08 47.84 -3.25
C GLY A 245 8.92 48.33 -4.09
N GLU A 246 8.64 47.66 -5.21
CA GLU A 246 7.55 48.05 -6.09
C GLU A 246 6.23 47.41 -5.67
N VAL A 247 5.15 48.18 -5.76
CA VAL A 247 3.82 47.70 -5.41
C VAL A 247 3.29 46.82 -6.53
N VAL A 248 3.01 45.56 -6.23
CA VAL A 248 2.49 44.62 -7.22
C VAL A 248 1.07 44.17 -6.94
N ARG A 249 0.57 44.46 -5.74
CA ARG A 249 -0.78 44.06 -5.37
C ARG A 249 -1.30 44.92 -4.22
N GLU A 250 -2.61 45.10 -4.18
CA GLU A 250 -3.23 45.88 -3.12
C GLU A 250 -4.35 45.11 -2.47
N GLY A 251 -4.56 45.35 -1.18
CA GLY A 251 -5.63 44.69 -0.45
C GLY A 251 -6.91 45.41 -0.85
N ALA A 252 -8.02 45.08 -0.20
CA ALA A 252 -9.31 45.69 -0.51
C ALA A 252 -9.66 46.79 0.49
N TYR A 253 -10.01 47.97 -0.03
CA TYR A 253 -10.34 49.12 0.80
C TYR A 253 -11.83 49.33 1.04
N GLY A 254 -12.56 48.23 1.23
CA GLY A 254 -13.99 48.35 1.47
C GLY A 254 -14.25 49.01 2.81
N GLU A 255 -15.51 49.39 3.05
CA GLU A 255 -15.86 50.05 4.31
C GLU A 255 -16.34 49.08 5.40
N LYS A 256 -16.76 47.88 5.00
CA LYS A 256 -17.23 46.91 5.98
C LYS A 256 -16.08 46.20 6.68
N ILE A 257 -16.01 46.35 8.00
CA ILE A 257 -14.96 45.72 8.79
C ILE A 257 -15.50 44.43 9.36
N VAL A 258 -14.91 43.30 8.96
CA VAL A 258 -15.36 42.01 9.45
C VAL A 258 -14.23 41.20 10.07
N ALA A 259 -14.59 40.10 10.71
CA ALA A 259 -13.59 39.24 11.34
C ALA A 259 -12.78 40.00 12.38
N ASN A 260 -13.45 40.67 13.31
CA ASN A 260 -12.70 41.39 14.32
C ASN A 260 -12.07 40.36 15.27
N ASP A 261 -12.76 39.24 15.49
CA ASP A 261 -12.20 38.19 16.34
C ASP A 261 -12.39 36.82 15.71
N ILE A 262 -11.31 36.06 15.71
CA ILE A 262 -11.27 34.73 15.12
C ILE A 262 -10.73 33.77 16.18
N SER A 263 -11.44 32.68 16.42
CA SER A 263 -10.99 31.71 17.42
C SER A 263 -11.22 30.29 16.95
N ILE A 264 -10.32 29.39 17.35
CA ILE A 264 -10.44 27.98 17.00
C ILE A 264 -10.65 27.24 18.31
N TRP A 265 -11.54 26.26 18.31
CA TRP A 265 -11.85 25.51 19.52
C TRP A 265 -11.83 24.00 19.30
N LEU A 266 -11.46 23.26 20.34
CA LEU A 266 -11.46 21.80 20.24
C LEU A 266 -12.94 21.47 20.14
N PRO A 267 -13.30 20.38 19.42
CA PRO A 267 -12.40 19.44 18.73
C PRO A 267 -11.90 19.92 17.38
N GLY A 268 -12.30 21.12 16.97
CA GLY A 268 -11.85 21.63 15.69
C GLY A 268 -12.93 22.44 14.99
N VAL A 269 -13.32 23.54 15.62
CA VAL A 269 -14.35 24.40 15.04
C VAL A 269 -13.89 25.86 15.15
N LEU A 270 -14.01 26.58 14.03
CA LEU A 270 -13.59 27.97 13.95
C LEU A 270 -14.78 28.92 14.06
N LYS A 271 -14.57 30.05 14.73
CA LYS A 271 -15.58 31.08 14.89
C LYS A 271 -14.99 32.37 14.36
N VAL A 272 -15.66 32.99 13.39
CA VAL A 272 -15.20 34.24 12.81
C VAL A 272 -16.33 35.23 13.10
N ASN A 273 -16.00 36.31 13.79
CA ASN A 273 -16.99 37.31 14.17
C ASN A 273 -16.53 38.77 14.02
N PRO A 274 -17.28 39.60 13.28
CA PRO A 274 -18.50 39.22 12.55
C PRO A 274 -18.13 38.78 11.14
N PHE A 275 -18.95 37.93 10.54
CA PHE A 275 -18.67 37.46 9.18
C PHE A 275 -19.89 36.69 8.67
N PRO A 276 -20.20 36.83 7.37
CA PRO A 276 -19.53 37.62 6.33
C PRO A 276 -20.03 39.07 6.27
N ASN A 277 -20.87 39.43 7.23
CA ASN A 277 -21.44 40.77 7.32
C ASN A 277 -21.34 41.18 8.78
N PRO A 278 -21.21 42.49 9.05
CA PRO A 278 -21.08 43.00 10.41
C PRO A 278 -22.12 42.51 11.42
N ASP A 279 -23.28 42.06 10.95
CA ASP A 279 -24.32 41.59 11.86
C ASP A 279 -24.48 40.08 11.91
N MET A 280 -23.48 39.35 11.44
CA MET A 280 -23.52 37.89 11.43
C MET A 280 -22.24 37.27 11.98
N MET A 281 -22.28 35.96 12.16
CA MET A 281 -21.17 35.17 12.68
C MET A 281 -21.02 33.90 11.86
N GLN A 282 -19.82 33.36 11.78
CA GLN A 282 -19.61 32.12 11.07
C GLN A 282 -18.95 31.10 12.00
N PHE A 283 -19.54 29.92 12.07
CA PHE A 283 -19.01 28.82 12.89
C PHE A 283 -18.84 27.66 11.92
N GLU A 284 -17.63 27.14 11.77
CA GLU A 284 -17.42 26.03 10.86
C GLU A 284 -16.53 24.94 11.45
N TRP A 285 -16.99 23.71 11.30
CA TRP A 285 -16.30 22.52 11.80
C TRP A 285 -15.58 21.79 10.67
N TYR A 286 -14.48 21.11 11.00
CA TYR A 286 -13.70 20.33 10.04
C TYR A 286 -13.69 18.98 10.75
N VAL A 287 -14.72 18.18 10.47
CA VAL A 287 -14.95 16.89 11.11
C VAL A 287 -14.20 15.73 10.46
N PRO A 288 -13.41 14.98 11.25
CA PRO A 288 -12.65 13.85 10.71
C PRO A 288 -13.57 12.70 10.27
N ILE A 289 -13.48 12.31 9.00
CA ILE A 289 -14.26 11.19 8.48
C ILE A 289 -13.31 9.99 8.51
N ASP A 290 -12.12 10.18 7.95
CA ASP A 290 -11.06 9.18 7.98
C ASP A 290 -9.76 9.96 7.89
N GLU A 291 -8.63 9.28 7.66
CA GLU A 291 -7.37 10.02 7.63
C GLU A 291 -7.19 10.95 6.43
N ASN A 292 -7.99 10.78 5.38
CA ASN A 292 -7.86 11.61 4.18
C ASN A 292 -9.02 12.55 3.88
N THR A 293 -10.08 12.48 4.67
CA THR A 293 -11.25 13.32 4.41
C THR A 293 -11.92 13.89 5.64
N HIS A 294 -12.67 14.96 5.44
CA HIS A 294 -13.39 15.59 6.53
C HIS A 294 -14.68 16.21 6.06
N TYR A 295 -15.60 16.44 6.99
CA TYR A 295 -16.84 17.12 6.67
C TYR A 295 -16.52 18.58 6.87
N TYR A 296 -16.87 19.43 5.90
CA TYR A 296 -16.66 20.86 6.04
C TYR A 296 -18.07 21.34 6.35
N PHE A 297 -18.38 21.39 7.64
CA PHE A 297 -19.70 21.75 8.15
C PHE A 297 -19.74 23.25 8.44
N GLN A 298 -20.29 24.01 7.50
CA GLN A 298 -20.39 25.47 7.61
C GLN A 298 -21.71 25.95 8.16
N THR A 299 -21.67 26.96 9.04
CA THR A 299 -22.90 27.53 9.58
C THR A 299 -22.73 29.03 9.73
N LEU A 300 -23.82 29.75 9.51
CA LEU A 300 -23.86 31.20 9.65
C LEU A 300 -24.94 31.47 10.68
N GLY A 301 -24.61 32.28 11.67
CA GLY A 301 -25.57 32.59 12.71
C GLY A 301 -25.91 34.07 12.78
N LYS A 302 -27.16 34.36 13.08
CA LYS A 302 -27.61 35.75 13.21
C LYS A 302 -28.72 35.80 14.25
N PRO A 303 -28.60 36.70 15.23
CA PRO A 303 -29.62 36.80 16.26
C PRO A 303 -30.96 37.19 15.63
N CYS A 304 -32.01 36.45 15.96
CA CYS A 304 -33.34 36.72 15.43
C CYS A 304 -34.33 36.72 16.60
N ALA A 305 -35.04 37.83 16.75
CA ALA A 305 -36.00 37.98 17.84
C ALA A 305 -37.34 37.28 17.62
N ASN A 306 -37.74 37.14 16.36
CA ASN A 306 -39.01 36.51 16.06
C ASN A 306 -39.02 35.76 14.72
N ASP A 307 -40.09 35.03 14.48
CA ASP A 307 -40.23 34.26 13.25
C ASP A 307 -40.11 35.13 12.01
N GLU A 308 -40.44 36.41 12.17
CA GLU A 308 -40.36 37.37 11.06
C GLU A 308 -38.91 37.51 10.60
N GLU A 309 -38.02 37.78 11.54
CA GLU A 309 -36.61 37.96 11.22
C GLU A 309 -35.95 36.66 10.78
N ARG A 310 -36.37 35.55 11.37
CA ARG A 310 -35.80 34.26 11.00
C ARG A 310 -36.13 33.98 9.55
N LYS A 311 -37.33 34.38 9.15
CA LYS A 311 -37.80 34.19 7.78
C LYS A 311 -36.94 35.01 6.82
N LYS A 312 -36.77 36.29 7.15
CA LYS A 312 -35.96 37.19 6.32
C LYS A 312 -34.53 36.69 6.24
N TYR A 313 -33.99 36.26 7.38
CA TYR A 313 -32.62 35.76 7.44
C TYR A 313 -32.47 34.56 6.50
N GLU A 314 -33.42 33.64 6.57
CA GLU A 314 -33.40 32.45 5.73
C GLU A 314 -33.40 32.84 4.26
N GLN A 315 -34.17 33.85 3.89
CA GLN A 315 -34.23 34.30 2.51
C GLN A 315 -32.89 34.89 2.08
N GLU A 316 -32.32 35.73 2.94
CA GLU A 316 -31.04 36.37 2.65
C GLU A 316 -29.92 35.32 2.56
N PHE A 317 -30.00 34.31 3.40
CA PHE A 317 -29.02 33.23 3.42
C PHE A 317 -28.99 32.49 2.08
N GLU A 318 -30.15 32.05 1.63
CA GLU A 318 -30.27 31.32 0.38
C GLU A 318 -29.95 32.16 -0.85
N SER A 319 -30.35 33.42 -0.85
CA SER A 319 -30.12 34.28 -1.99
C SER A 319 -28.79 35.00 -2.06
N LYS A 320 -28.10 35.16 -0.93
CA LYS A 320 -26.84 35.89 -0.92
C LYS A 320 -25.67 35.28 -0.14
N TRP A 321 -25.87 35.06 1.15
CA TRP A 321 -24.82 34.54 2.01
C TRP A 321 -24.26 33.16 1.65
N LYS A 322 -25.13 32.21 1.31
CA LYS A 322 -24.67 30.88 0.95
C LYS A 322 -23.82 30.93 -0.32
N PRO A 323 -24.36 31.49 -1.42
CA PRO A 323 -23.58 31.55 -2.65
C PRO A 323 -22.40 32.54 -2.67
N MET A 324 -22.58 33.72 -2.07
CA MET A 324 -21.50 34.72 -2.08
C MET A 324 -20.40 34.50 -1.05
N ALA A 325 -20.78 33.99 0.12
CA ALA A 325 -19.79 33.77 1.18
C ALA A 325 -19.40 32.30 1.37
N LEU A 326 -20.32 31.48 1.86
CA LEU A 326 -20.02 30.07 2.09
C LEU A 326 -19.37 29.39 0.88
N GLU A 327 -19.77 29.81 -0.32
CA GLU A 327 -19.19 29.23 -1.53
C GLU A 327 -18.24 30.23 -2.18
N GLY A 328 -18.73 31.44 -2.43
CA GLY A 328 -17.90 32.45 -3.07
C GLY A 328 -16.64 32.82 -2.32
N PHE A 329 -16.65 32.70 -1.01
CA PHE A 329 -15.47 33.04 -0.23
C PHE A 329 -14.68 31.79 0.15
N ASN A 330 -15.35 30.83 0.79
CA ASN A 330 -14.69 29.62 1.24
C ASN A 330 -14.28 28.58 0.20
N ASN A 331 -14.77 28.68 -1.02
CA ASN A 331 -14.35 27.69 -2.01
C ASN A 331 -12.83 27.71 -2.18
N ASP A 332 -12.22 28.89 -2.05
CA ASP A 332 -10.77 28.97 -2.19
C ASP A 332 -10.08 28.22 -1.04
N ASP A 333 -10.73 28.15 0.11
CA ASP A 333 -10.15 27.44 1.25
C ASP A 333 -10.08 25.95 0.95
N ILE A 334 -11.06 25.45 0.20
CA ILE A 334 -11.11 24.03 -0.13
C ILE A 334 -9.89 23.57 -0.92
N TRP A 335 -9.57 24.24 -2.03
CA TRP A 335 -8.41 23.78 -2.77
C TRP A 335 -7.08 24.08 -2.07
N ALA A 336 -7.08 25.07 -1.18
CA ALA A 336 -5.87 25.40 -0.42
C ALA A 336 -5.55 24.21 0.49
N ARG A 337 -6.57 23.68 1.15
CA ARG A 337 -6.41 22.53 2.03
C ARG A 337 -5.87 21.35 1.22
N GLU A 338 -6.49 21.12 0.07
CA GLU A 338 -6.10 20.00 -0.79
C GLU A 338 -4.64 20.15 -1.25
N ALA A 339 -4.19 21.39 -1.39
CA ALA A 339 -2.82 21.65 -1.83
C ALA A 339 -1.75 21.23 -0.83
N MET A 340 -2.11 21.13 0.46
CA MET A 340 -1.15 20.72 1.49
C MET A 340 -1.11 19.22 1.73
N VAL A 341 -2.04 18.49 1.12
CA VAL A 341 -2.10 17.04 1.31
C VAL A 341 -0.80 16.27 1.05
N ASP A 342 -0.17 16.46 -0.10
CA ASP A 342 1.05 15.73 -0.42
C ASP A 342 2.17 15.90 0.61
N PHE A 343 2.46 17.15 0.97
CA PHE A 343 3.54 17.46 1.91
C PHE A 343 3.38 16.79 3.27
N TYR A 344 2.14 16.64 3.73
CA TYR A 344 1.89 16.02 5.03
C TYR A 344 1.43 14.57 4.94
N ALA A 345 1.20 14.08 3.73
CA ALA A 345 0.73 12.71 3.54
C ALA A 345 1.64 11.62 4.12
N ASP A 346 2.96 11.82 4.08
CA ASP A 346 3.90 10.85 4.61
C ASP A 346 4.31 11.24 6.03
N ASP A 347 3.57 12.18 6.60
CA ASP A 347 3.81 12.70 7.94
C ASP A 347 5.12 13.49 8.07
N LYS A 348 5.85 13.64 6.96
CA LYS A 348 7.12 14.37 6.99
C LYS A 348 6.99 15.90 6.98
N GLY A 349 5.85 16.39 6.51
CA GLY A 349 5.65 17.84 6.49
C GLY A 349 5.64 18.43 7.89
N TRP A 350 5.27 17.60 8.88
CA TRP A 350 5.21 18.03 10.27
C TRP A 350 6.61 18.32 10.80
N VAL A 351 7.63 17.88 10.06
CA VAL A 351 9.01 18.12 10.46
C VAL A 351 9.70 19.12 9.53
N ASN A 352 9.42 19.01 8.23
CA ASN A 352 10.06 19.86 7.22
C ASN A 352 9.47 21.23 6.90
N GLU A 353 8.28 21.51 7.41
CA GLU A 353 7.63 22.79 7.20
C GLU A 353 8.53 23.91 7.74
N ILE A 354 8.55 25.06 7.08
CA ILE A 354 9.33 26.20 7.56
C ILE A 354 8.33 27.30 7.90
N LEU A 355 8.06 27.46 9.19
CA LEU A 355 7.08 28.42 9.67
C LEU A 355 7.61 29.86 9.77
N PHE A 356 6.70 30.83 9.69
CA PHE A 356 7.10 32.21 9.87
C PHE A 356 6.21 32.85 10.93
N GLU A 357 6.42 34.13 11.23
CA GLU A 357 5.69 34.79 12.32
C GLU A 357 4.21 34.55 12.58
N SER A 358 3.36 34.75 11.58
CA SER A 358 1.92 34.56 11.81
C SER A 358 1.54 33.12 12.21
N ASP A 359 2.44 32.17 12.01
CA ASP A 359 2.17 30.79 12.38
C ASP A 359 2.16 30.57 13.90
N GLU A 360 2.41 31.64 14.66
CA GLU A 360 2.36 31.52 16.12
C GLU A 360 0.95 31.08 16.49
N ALA A 361 -0.04 31.51 15.70
CA ALA A 361 -1.42 31.15 15.94
C ALA A 361 -1.62 29.64 15.78
N ILE A 362 -1.05 29.08 14.70
CA ILE A 362 -1.18 27.66 14.45
C ILE A 362 -0.45 26.86 15.54
N VAL A 363 0.73 27.32 15.93
CA VAL A 363 1.51 26.64 16.97
C VAL A 363 0.71 26.61 18.30
N ALA A 364 0.06 27.72 18.63
CA ALA A 364 -0.73 27.79 19.86
C ALA A 364 -1.88 26.78 19.80
N TRP A 365 -2.48 26.63 18.63
CA TRP A 365 -3.56 25.66 18.46
C TRP A 365 -3.02 24.24 18.60
N ARG A 366 -1.87 23.97 17.99
CA ARG A 366 -1.30 22.63 18.06
C ARG A 366 -1.01 22.24 19.51
N LYS A 367 -0.52 23.19 20.29
CA LYS A 367 -0.20 22.91 21.68
C LYS A 367 -1.44 22.75 22.53
N LEU A 368 -2.43 23.61 22.29
CA LEU A 368 -3.68 23.54 23.04
C LEU A 368 -4.38 22.23 22.73
N ALA A 369 -4.37 21.85 21.46
CA ALA A 369 -5.01 20.60 21.05
C ALA A 369 -4.27 19.41 21.67
N SER A 370 -2.95 19.49 21.69
CA SER A 370 -2.15 18.40 22.25
C SER A 370 -2.36 18.24 23.75
N GLU A 371 -2.51 19.36 24.45
CA GLU A 371 -2.68 19.33 25.89
C GLU A 371 -4.09 19.09 26.41
N HIS A 372 -5.10 19.44 25.62
CA HIS A 372 -6.47 19.31 26.10
C HIS A 372 -7.46 18.43 25.36
N ASN A 373 -6.99 17.69 24.36
CA ASN A 373 -7.90 16.79 23.64
C ASN A 373 -8.33 15.70 24.63
N GLN A 374 -9.48 15.08 24.37
CA GLN A 374 -9.99 14.06 25.27
C GLN A 374 -9.69 12.63 24.84
N GLY A 375 -8.74 12.47 23.92
CA GLY A 375 -8.38 11.14 23.48
C GLY A 375 -7.97 11.06 22.02
N ILE A 376 -6.99 10.21 21.73
CA ILE A 376 -6.52 10.03 20.36
C ILE A 376 -7.21 8.83 19.72
N GLN A 377 -7.92 9.05 18.63
CA GLN A 377 -8.59 7.96 17.94
C GLN A 377 -7.50 7.14 17.22
N THR A 378 -7.53 5.82 17.37
CA THR A 378 -6.55 4.96 16.73
C THR A 378 -7.22 3.98 15.78
N GLN A 379 -6.45 3.35 14.90
CA GLN A 379 -7.02 2.40 13.96
C GLN A 379 -7.61 1.23 14.75
N ALA A 380 -7.08 0.99 15.94
CA ALA A 380 -7.55 -0.09 16.79
C ALA A 380 -8.97 0.20 17.29
N HIS A 381 -9.31 1.49 17.45
CA HIS A 381 -10.67 1.84 17.89
C HIS A 381 -11.63 1.44 16.77
N VAL A 382 -11.14 1.54 15.54
CA VAL A 382 -11.95 1.21 14.37
C VAL A 382 -12.16 -0.30 14.22
N SER A 383 -11.09 -1.07 14.31
CA SER A 383 -11.22 -2.53 14.16
C SER A 383 -11.60 -3.24 15.46
N GLY A 384 -11.15 -2.69 16.59
CA GLY A 384 -11.44 -3.28 17.88
C GLY A 384 -10.22 -3.12 18.77
N LEU A 385 -10.39 -2.44 19.91
CA LEU A 385 -9.26 -2.22 20.82
C LEU A 385 -8.51 -3.50 21.12
N GLU A 386 -7.20 -3.40 21.19
CA GLU A 386 -6.35 -4.57 21.44
C GLU A 386 -5.53 -4.45 22.71
N HIS A 387 -5.39 -5.57 23.41
CA HIS A 387 -4.62 -5.63 24.64
C HIS A 387 -4.30 -7.08 24.97
N HIS A 388 -3.03 -7.37 25.25
CA HIS A 388 -2.63 -8.72 25.60
C HIS A 388 -2.02 -8.73 27.00
N HIS A 389 -2.53 -9.61 27.86
CA HIS A 389 -2.06 -9.70 29.24
C HIS A 389 -0.58 -10.09 29.31
N MET B 1 21.80 3.64 -1.29
CA MET B 1 21.16 4.47 -0.23
C MET B 1 19.79 3.93 0.23
N ALA B 2 19.77 2.64 0.53
CA ALA B 2 18.59 1.94 1.02
C ALA B 2 17.21 2.20 0.39
N ASN B 3 17.05 1.80 -0.87
CA ASN B 3 15.77 1.93 -1.57
C ASN B 3 15.17 0.54 -1.73
N VAL B 4 15.99 -0.47 -1.45
CA VAL B 4 15.57 -1.86 -1.59
C VAL B 4 15.96 -2.70 -0.37
N ASP B 5 15.20 -3.77 -0.14
CA ASP B 5 15.45 -4.69 0.97
C ASP B 5 16.94 -5.02 0.99
N GLU B 6 17.56 -4.86 2.15
CA GLU B 6 18.98 -5.14 2.30
C GLU B 6 19.34 -6.58 1.95
N ALA B 7 18.40 -7.49 2.17
CA ALA B 7 18.64 -8.90 1.86
C ALA B 7 18.84 -9.11 0.37
N ILE B 8 18.16 -8.29 -0.43
CA ILE B 8 18.29 -8.40 -1.88
C ILE B 8 19.59 -7.78 -2.35
N LEU B 9 19.93 -6.60 -1.81
CA LEU B 9 21.16 -5.95 -2.21
C LEU B 9 22.36 -6.82 -1.86
N LYS B 10 22.27 -7.56 -0.76
CA LYS B 10 23.35 -8.44 -0.34
C LYS B 10 23.55 -9.57 -1.35
N ARG B 11 22.47 -9.96 -2.02
CA ARG B 11 22.53 -11.03 -3.01
C ARG B 11 23.13 -10.62 -4.34
N VAL B 12 22.84 -9.40 -4.80
CA VAL B 12 23.37 -8.93 -6.07
C VAL B 12 24.68 -8.18 -5.90
N LYS B 13 25.72 -8.91 -5.49
CA LYS B 13 27.04 -8.35 -5.24
C LYS B 13 27.73 -7.64 -6.39
N GLY B 14 27.38 -7.99 -7.62
CA GLY B 14 28.03 -7.37 -8.76
C GLY B 14 27.48 -6.02 -9.19
N TRP B 15 26.28 -5.67 -8.73
CA TRP B 15 25.67 -4.40 -9.11
C TRP B 15 24.59 -3.89 -8.15
N ALA B 16 24.89 -3.94 -6.86
CA ALA B 16 23.94 -3.49 -5.83
C ALA B 16 23.54 -2.01 -5.94
N PRO B 17 24.50 -1.13 -6.26
CA PRO B 17 24.12 0.29 -6.35
C PRO B 17 23.04 0.51 -7.42
N TYR B 18 23.19 -0.22 -8.54
CA TYR B 18 22.24 -0.13 -9.65
C TYR B 18 20.85 -0.62 -9.23
N VAL B 19 20.80 -1.74 -8.52
CA VAL B 19 19.54 -2.29 -8.07
C VAL B 19 18.89 -1.34 -7.07
N ASP B 20 19.72 -0.64 -6.29
CA ASP B 20 19.22 0.29 -5.29
C ASP B 20 18.74 1.61 -5.92
N ALA B 21 19.22 1.90 -7.13
CA ALA B 21 18.88 3.14 -7.83
C ALA B 21 17.51 3.15 -8.48
N LYS B 22 16.49 2.74 -7.73
CA LYS B 22 15.12 2.69 -8.23
C LYS B 22 14.58 4.05 -8.67
N LEU B 23 15.07 5.12 -8.04
CA LEU B 23 14.62 6.48 -8.37
C LEU B 23 15.56 7.19 -9.34
N GLY B 24 16.60 6.49 -9.77
CA GLY B 24 17.54 7.08 -10.71
C GLY B 24 18.81 7.59 -10.05
N PHE B 25 19.75 8.04 -10.87
CA PHE B 25 21.01 8.56 -10.36
C PHE B 25 20.99 10.08 -10.27
N ARG B 26 21.32 10.58 -9.08
CA ARG B 26 21.37 12.02 -8.84
C ARG B 26 22.71 12.54 -9.39
N ASN B 27 22.79 13.84 -9.59
CA ASN B 27 23.99 14.50 -10.09
C ASN B 27 24.36 14.19 -11.54
N HIS B 28 23.35 14.14 -12.39
CA HIS B 28 23.53 13.91 -13.82
C HIS B 28 22.54 14.82 -14.54
N TRP B 29 22.83 15.12 -15.81
CA TRP B 29 21.96 15.95 -16.63
C TRP B 29 20.91 15.03 -17.25
N TYR B 30 19.68 15.52 -17.39
CA TYR B 30 18.60 14.75 -17.97
C TYR B 30 17.72 15.62 -18.87
N PRO B 31 17.37 15.12 -20.06
CA PRO B 31 16.50 15.91 -20.96
C PRO B 31 15.05 15.68 -20.50
N VAL B 32 14.24 16.73 -20.46
CA VAL B 32 12.85 16.59 -20.02
C VAL B 32 11.80 17.14 -20.97
N MET B 33 12.23 17.94 -21.93
CA MET B 33 11.30 18.50 -22.91
C MET B 33 12.10 19.17 -24.02
N PHE B 34 11.40 19.66 -25.02
CA PHE B 34 12.05 20.34 -26.13
C PHE B 34 11.92 21.85 -25.92
N SER B 35 12.93 22.58 -26.37
CA SER B 35 12.95 24.04 -26.25
C SER B 35 11.67 24.73 -26.70
N LYS B 36 11.10 24.25 -27.80
CA LYS B 36 9.88 24.85 -28.34
C LYS B 36 8.63 24.61 -27.49
N GLU B 37 8.78 23.85 -26.41
CA GLU B 37 7.64 23.57 -25.54
C GLU B 37 7.57 24.50 -24.34
N ILE B 38 8.63 25.29 -24.14
CA ILE B 38 8.67 26.23 -23.03
C ILE B 38 8.84 27.65 -23.58
N ASN B 39 7.81 28.46 -23.44
CA ASN B 39 7.85 29.83 -23.95
C ASN B 39 8.06 30.90 -22.89
N GLU B 40 8.57 32.04 -23.32
CA GLU B 40 8.85 33.18 -22.47
C GLU B 40 7.74 33.50 -21.47
N GLY B 41 8.11 33.60 -20.21
CA GLY B 41 7.16 33.93 -19.16
C GLY B 41 6.01 32.95 -18.92
N GLU B 42 6.16 31.71 -19.35
CA GLU B 42 5.11 30.72 -19.13
C GLU B 42 5.67 29.48 -18.44
N PRO B 43 5.79 29.53 -17.09
CA PRO B 43 6.32 28.42 -16.29
C PRO B 43 5.65 27.08 -16.60
N LYS B 44 6.45 26.02 -16.67
CA LYS B 44 5.91 24.69 -16.94
C LYS B 44 6.33 23.71 -15.85
N THR B 45 5.41 22.80 -15.50
CA THR B 45 5.67 21.80 -14.47
C THR B 45 6.12 20.46 -15.04
N LEU B 46 6.81 19.70 -14.21
CA LEU B 46 7.29 18.38 -14.57
C LEU B 46 7.85 17.73 -13.31
N LYS B 47 7.94 16.41 -13.33
CA LYS B 47 8.50 15.68 -12.20
C LYS B 47 9.74 14.95 -12.72
N LEU B 48 10.85 15.13 -12.02
CA LEU B 48 12.13 14.51 -12.39
C LEU B 48 12.76 13.87 -11.16
N LEU B 49 13.08 12.59 -11.26
CA LEU B 49 13.67 11.84 -10.14
C LEU B 49 12.80 11.97 -8.89
N GLY B 50 11.49 12.02 -9.11
CA GLY B 50 10.54 12.10 -8.02
C GLY B 50 10.27 13.49 -7.48
N GLU B 51 11.02 14.48 -7.96
CA GLU B 51 10.88 15.86 -7.51
C GLU B 51 10.04 16.72 -8.45
N ASN B 52 9.11 17.50 -7.92
CA ASN B 52 8.28 18.38 -8.75
C ASN B 52 9.07 19.65 -9.03
N LEU B 53 9.22 19.99 -10.30
CA LEU B 53 9.98 21.18 -10.68
C LEU B 53 9.16 22.10 -11.55
N LEU B 54 9.61 23.35 -11.63
CA LEU B 54 8.99 24.38 -12.45
C LEU B 54 10.09 24.99 -13.30
N VAL B 55 9.85 25.11 -14.61
CA VAL B 55 10.84 25.71 -15.48
C VAL B 55 10.20 26.95 -16.09
N ASN B 56 10.98 28.02 -16.24
CA ASN B 56 10.47 29.25 -16.82
C ASN B 56 11.54 29.85 -17.73
N ARG B 57 11.09 30.57 -18.75
CA ARG B 57 12.01 31.22 -19.67
C ARG B 57 11.89 32.72 -19.45
N ILE B 58 13.01 33.34 -19.09
CA ILE B 58 13.04 34.78 -18.84
C ILE B 58 14.16 35.38 -19.69
N ASP B 59 13.80 36.28 -20.59
CA ASP B 59 14.78 36.91 -21.48
C ASP B 59 15.46 35.82 -22.31
N GLY B 60 14.68 34.80 -22.65
CA GLY B 60 15.18 33.71 -23.46
C GLY B 60 15.97 32.63 -22.75
N LYS B 61 16.31 32.87 -21.48
CA LYS B 61 17.09 31.89 -20.71
C LYS B 61 16.20 31.07 -19.76
N LEU B 62 16.52 29.80 -19.61
CA LEU B 62 15.74 28.92 -18.75
C LEU B 62 16.22 28.89 -17.30
N TYR B 63 15.25 28.80 -16.39
CA TYR B 63 15.52 28.75 -14.95
C TYR B 63 14.66 27.64 -14.37
N CYS B 64 15.17 26.96 -13.36
CA CYS B 64 14.43 25.87 -12.74
C CYS B 64 14.41 25.99 -11.22
N LEU B 65 13.21 25.97 -10.66
CA LEU B 65 13.01 26.05 -9.22
C LEU B 65 12.23 24.82 -8.81
N LYS B 66 12.44 24.36 -7.57
CA LYS B 66 11.66 23.22 -7.11
C LYS B 66 10.24 23.73 -6.93
N ASP B 67 9.26 22.96 -7.39
CA ASP B 67 7.86 23.33 -7.31
C ASP B 67 7.28 22.88 -5.97
N ARG B 68 7.76 23.50 -4.90
CA ARG B 68 7.29 23.21 -3.54
C ARG B 68 7.70 24.35 -2.62
N CYS B 69 6.72 25.15 -2.22
CA CYS B 69 6.98 26.28 -1.34
C CYS B 69 7.66 25.81 -0.04
N LEU B 70 8.62 26.59 0.44
CA LEU B 70 9.35 26.26 1.67
C LEU B 70 8.45 26.27 2.90
N HIS B 71 7.41 27.09 2.85
CA HIS B 71 6.50 27.27 3.98
C HIS B 71 5.64 26.07 4.36
N ARG B 72 4.57 25.83 3.62
CA ARG B 72 3.71 24.70 3.94
C ARG B 72 3.75 23.57 2.91
N GLY B 73 4.78 23.59 2.06
CA GLY B 73 4.98 22.55 1.07
C GLY B 73 4.00 22.38 -0.08
N VAL B 74 3.28 23.44 -0.43
CA VAL B 74 2.35 23.35 -1.54
C VAL B 74 3.11 23.58 -2.84
N GLN B 75 2.56 23.11 -3.94
CA GLN B 75 3.17 23.33 -5.23
C GLN B 75 2.75 24.75 -5.64
N LEU B 76 3.73 25.57 -6.01
CA LEU B 76 3.45 26.93 -6.42
C LEU B 76 2.58 26.89 -7.68
N SER B 77 2.77 25.84 -8.47
CA SER B 77 2.05 25.69 -9.73
C SER B 77 0.53 25.54 -9.63
N VAL B 78 0.02 25.29 -8.42
CA VAL B 78 -1.42 25.16 -8.26
C VAL B 78 -2.08 26.45 -8.75
N LYS B 79 -1.45 27.58 -8.45
CA LYS B 79 -1.95 28.88 -8.90
C LYS B 79 -0.71 29.76 -9.06
N VAL B 80 -0.19 29.79 -10.28
CA VAL B 80 1.01 30.56 -10.57
C VAL B 80 0.80 32.07 -10.50
N GLU B 81 1.64 32.72 -9.71
CA GLU B 81 1.60 34.18 -9.54
C GLU B 81 3.00 34.76 -9.76
N CYS B 82 3.33 35.09 -11.00
CA CYS B 82 4.62 35.71 -11.29
C CYS B 82 4.30 37.20 -11.37
N LYS B 83 4.54 37.90 -10.27
CA LYS B 83 4.23 39.32 -10.18
C LYS B 83 5.26 40.28 -10.74
N THR B 84 6.50 39.84 -10.85
CA THR B 84 7.54 40.66 -11.47
C THR B 84 8.26 39.69 -12.38
N LYS B 85 8.93 40.22 -13.39
CA LYS B 85 9.63 39.40 -14.36
C LYS B 85 10.60 38.37 -13.77
N SER B 86 11.32 38.75 -12.72
CA SER B 86 12.33 37.87 -12.12
C SER B 86 11.88 37.04 -10.91
N THR B 87 10.61 37.07 -10.58
CA THR B 87 10.15 36.32 -9.40
C THR B 87 8.87 35.52 -9.58
N ILE B 88 8.58 34.70 -8.59
CA ILE B 88 7.35 33.93 -8.54
C ILE B 88 6.87 34.02 -7.09
N THR B 89 5.60 34.31 -6.92
CA THR B 89 4.99 34.46 -5.60
C THR B 89 4.05 33.29 -5.29
N CYS B 90 4.26 32.63 -4.16
CA CYS B 90 3.40 31.52 -3.77
C CYS B 90 1.99 32.06 -3.57
N TRP B 91 1.01 31.36 -4.12
CA TRP B 91 -0.39 31.76 -4.03
C TRP B 91 -0.99 31.69 -2.63
N TYR B 92 -0.31 30.98 -1.73
CA TYR B 92 -0.82 30.78 -0.37
C TYR B 92 -0.58 31.94 0.62
N HIS B 93 0.67 32.18 0.99
CA HIS B 93 0.99 33.26 1.91
C HIS B 93 1.95 34.26 1.28
N ALA B 94 2.04 34.20 -0.05
CA ALA B 94 2.86 35.14 -0.81
C ALA B 94 4.38 35.14 -0.60
N TRP B 95 4.95 34.01 -0.20
CA TRP B 95 6.40 33.96 -0.07
C TRP B 95 6.88 34.10 -1.52
N THR B 96 7.81 35.02 -1.74
CA THR B 96 8.30 35.31 -3.09
C THR B 96 9.76 34.93 -3.30
N TYR B 97 10.02 34.23 -4.40
CA TYR B 97 11.35 33.74 -4.72
C TYR B 97 11.91 34.26 -6.04
N ARG B 98 13.23 34.41 -6.10
CA ARG B 98 13.89 34.84 -7.32
C ARG B 98 14.19 33.62 -8.18
N TRP B 99 13.86 33.67 -9.46
CA TRP B 99 14.12 32.55 -10.35
C TRP B 99 15.62 32.25 -10.48
N GLU B 100 16.45 33.28 -10.46
CA GLU B 100 17.88 33.06 -10.66
C GLU B 100 18.66 32.38 -9.52
N ASP B 101 18.23 32.55 -8.27
CA ASP B 101 18.95 31.90 -7.18
C ASP B 101 18.05 31.31 -6.10
N GLY B 102 16.74 31.34 -6.33
CA GLY B 102 15.78 30.80 -5.38
C GLY B 102 15.67 31.51 -4.04
N VAL B 103 16.37 32.62 -3.87
CA VAL B 103 16.29 33.34 -2.59
C VAL B 103 14.90 33.90 -2.27
N LEU B 104 14.49 33.73 -1.02
CA LEU B 104 13.20 34.26 -0.56
C LEU B 104 13.48 35.75 -0.37
N CYS B 105 13.08 36.54 -1.37
CA CYS B 105 13.34 37.98 -1.35
C CYS B 105 12.25 38.87 -0.79
N ASP B 106 11.02 38.36 -0.73
CA ASP B 106 9.90 39.13 -0.22
C ASP B 106 8.79 38.19 0.27
N ILE B 107 7.91 38.71 1.11
CA ILE B 107 6.76 37.97 1.59
C ILE B 107 5.66 39.03 1.70
N LEU B 108 4.74 39.04 0.76
CA LEU B 108 3.68 40.04 0.74
C LEU B 108 2.77 40.07 1.97
N THR B 109 2.58 38.92 2.61
CA THR B 109 1.73 38.86 3.80
C THR B 109 2.42 39.36 5.07
N ASN B 110 3.73 39.57 4.99
CA ASN B 110 4.50 40.07 6.13
C ASN B 110 5.89 40.51 5.67
N PRO B 111 5.99 41.75 5.16
CA PRO B 111 7.27 42.28 4.68
C PRO B 111 8.33 42.48 5.75
N THR B 112 8.00 42.26 7.02
CA THR B 112 8.97 42.41 8.10
C THR B 112 9.50 41.06 8.61
N SER B 113 9.03 39.97 8.01
CA SER B 113 9.44 38.63 8.44
C SER B 113 10.94 38.39 8.46
N ALA B 114 11.40 37.73 9.52
CA ALA B 114 12.82 37.41 9.64
C ALA B 114 13.28 36.35 8.64
N GLN B 115 12.34 35.70 7.98
CA GLN B 115 12.70 34.67 7.01
C GLN B 115 13.21 35.27 5.69
N ILE B 116 12.77 36.48 5.40
CA ILE B 116 13.17 37.17 4.17
C ILE B 116 14.69 37.30 4.07
N GLY B 117 15.24 36.82 2.96
CA GLY B 117 16.67 36.88 2.75
C GLY B 117 17.46 35.80 3.46
N ARG B 118 16.81 34.98 4.27
CA ARG B 118 17.50 33.93 5.00
C ARG B 118 17.23 32.51 4.49
N GLN B 119 16.14 32.32 3.77
CA GLN B 119 15.80 31.01 3.24
C GLN B 119 16.00 31.01 1.73
N LYS B 120 16.15 29.81 1.15
CA LYS B 120 16.38 29.69 -0.28
C LYS B 120 15.72 28.43 -0.84
N LEU B 121 14.91 28.61 -1.88
CA LEU B 121 14.22 27.51 -2.53
C LEU B 121 15.23 26.81 -3.46
N LYS B 122 15.21 25.49 -3.47
CA LYS B 122 16.13 24.71 -4.29
C LYS B 122 16.04 25.05 -5.78
N THR B 123 17.19 25.29 -6.40
CA THR B 123 17.24 25.58 -7.84
C THR B 123 18.08 24.48 -8.49
N TYR B 124 17.88 24.28 -9.79
CA TYR B 124 18.64 23.28 -10.54
C TYR B 124 19.10 23.90 -11.85
N PRO B 125 20.34 23.62 -12.27
CA PRO B 125 20.85 24.17 -13.53
C PRO B 125 20.06 23.65 -14.72
N VAL B 126 19.87 24.51 -15.71
CA VAL B 126 19.13 24.13 -16.91
C VAL B 126 19.95 24.60 -18.11
N GLN B 127 20.07 23.75 -19.12
CA GLN B 127 20.82 24.10 -20.32
C GLN B 127 20.10 23.56 -21.53
N GLU B 128 20.03 24.38 -22.58
CA GLU B 128 19.40 23.97 -23.82
C GLU B 128 20.47 23.65 -24.84
N ALA B 129 20.33 22.50 -25.48
CA ALA B 129 21.27 22.06 -26.50
C ALA B 129 20.50 21.22 -27.52
N LYS B 130 20.72 21.52 -28.80
CA LYS B 130 20.06 20.79 -29.87
C LYS B 130 18.54 20.84 -29.75
N GLY B 131 18.02 21.96 -29.27
CA GLY B 131 16.59 22.13 -29.12
C GLY B 131 16.00 21.29 -28.00
N CYS B 132 16.85 20.78 -27.12
CA CYS B 132 16.40 19.94 -26.01
C CYS B 132 16.71 20.61 -24.68
N VAL B 133 15.80 20.50 -23.72
CA VAL B 133 16.00 21.10 -22.41
C VAL B 133 16.55 20.07 -21.44
N PHE B 134 17.76 20.33 -20.94
CA PHE B 134 18.42 19.44 -20.00
C PHE B 134 18.44 20.08 -18.61
N ILE B 135 18.11 19.30 -17.60
CA ILE B 135 18.14 19.79 -16.21
C ILE B 135 19.16 18.98 -15.44
N TYR B 136 20.01 19.65 -14.68
CA TYR B 136 21.01 18.95 -13.88
C TYR B 136 20.35 18.68 -12.54
N LEU B 137 19.85 17.47 -12.35
CA LEU B 137 19.20 17.13 -11.09
C LEU B 137 20.31 16.72 -10.15
N GLY B 138 20.99 17.72 -9.59
CA GLY B 138 22.08 17.45 -8.68
C GLY B 138 22.47 18.67 -7.87
N ASP B 139 23.50 18.51 -7.04
CA ASP B 139 23.95 19.57 -6.17
C ASP B 139 25.36 20.04 -6.54
N GLY B 140 25.61 21.34 -6.34
CA GLY B 140 26.92 21.89 -6.65
C GLY B 140 26.98 22.33 -8.10
N ASP B 141 28.07 22.96 -8.51
CA ASP B 141 28.20 23.39 -9.90
C ASP B 141 28.24 22.16 -10.79
N PRO B 142 27.42 22.16 -11.85
CA PRO B 142 27.32 21.05 -12.80
C PRO B 142 28.52 20.78 -13.70
N PRO B 143 28.69 19.52 -14.11
CA PRO B 143 29.80 19.15 -14.98
C PRO B 143 29.34 19.54 -16.39
N PRO B 144 30.22 19.43 -17.39
CA PRO B 144 29.78 19.78 -18.73
C PRO B 144 28.72 18.79 -19.21
N LEU B 145 27.75 19.29 -19.96
CA LEU B 145 26.67 18.45 -20.48
C LEU B 145 27.18 17.26 -21.28
N ALA B 146 28.26 17.46 -22.01
CA ALA B 146 28.84 16.41 -22.82
C ALA B 146 29.13 15.13 -22.03
N ARG B 147 29.43 15.27 -20.75
CA ARG B 147 29.71 14.10 -19.91
C ARG B 147 28.54 13.13 -19.89
N ASP B 148 27.32 13.67 -19.89
CA ASP B 148 26.11 12.86 -19.84
C ASP B 148 25.35 12.73 -21.16
N THR B 149 26.08 12.82 -22.27
CA THR B 149 25.48 12.69 -23.60
C THR B 149 26.32 11.68 -24.39
N PRO B 150 25.70 11.01 -25.38
CA PRO B 150 26.45 10.03 -26.18
C PRO B 150 27.35 10.76 -27.17
N PRO B 151 28.40 10.09 -27.67
CA PRO B 151 29.29 10.74 -28.63
C PRO B 151 28.49 11.19 -29.85
N ASN B 152 28.88 12.33 -30.41
CA ASN B 152 28.25 12.91 -31.60
C ASN B 152 26.91 13.65 -31.46
N PHE B 153 26.19 13.42 -30.36
CA PHE B 153 24.89 14.09 -30.17
C PHE B 153 25.01 15.60 -30.27
N LEU B 154 26.11 16.13 -29.75
CA LEU B 154 26.34 17.57 -29.76
C LEU B 154 27.15 18.09 -30.93
N ASP B 155 27.33 17.27 -31.96
CA ASP B 155 28.10 17.71 -33.13
C ASP B 155 27.44 18.93 -33.76
N ASP B 156 28.25 19.92 -34.12
CA ASP B 156 27.74 21.15 -34.73
C ASP B 156 26.83 20.92 -35.93
N ASP B 157 27.23 19.99 -36.79
CA ASP B 157 26.45 19.70 -37.99
C ASP B 157 25.32 18.71 -37.76
N MET B 158 25.24 18.15 -36.56
CA MET B 158 24.20 17.18 -36.24
C MET B 158 22.86 17.84 -35.94
N GLU B 159 21.90 17.65 -36.84
CA GLU B 159 20.56 18.21 -36.66
C GLU B 159 19.73 17.23 -35.83
N ILE B 160 19.19 17.69 -34.71
CA ILE B 160 18.40 16.84 -33.83
C ILE B 160 16.90 17.11 -33.85
N LEU B 161 16.13 16.05 -34.04
CA LEU B 161 14.67 16.11 -34.05
C LEU B 161 14.16 14.91 -33.27
N GLY B 162 12.97 15.02 -32.68
CA GLY B 162 12.46 13.88 -31.92
C GLY B 162 11.11 14.08 -31.27
N LYS B 163 10.82 13.23 -30.28
CA LYS B 163 9.57 13.30 -29.55
C LYS B 163 9.78 12.77 -28.15
N ASN B 164 8.87 13.12 -27.25
CA ASN B 164 8.98 12.70 -25.86
C ASN B 164 7.59 12.34 -25.33
N GLN B 165 7.55 11.37 -24.41
CA GLN B 165 6.29 10.94 -23.83
C GLN B 165 6.58 10.20 -22.53
N ILE B 166 5.54 10.02 -21.72
CA ILE B 166 5.66 9.33 -20.45
C ILE B 166 5.27 7.87 -20.58
N ILE B 167 6.16 6.98 -20.15
CA ILE B 167 5.94 5.55 -20.22
C ILE B 167 5.88 4.95 -18.82
N LYS B 168 4.96 4.01 -18.63
CA LYS B 168 4.76 3.37 -17.34
C LYS B 168 5.64 2.16 -17.02
N SER B 169 6.90 2.44 -16.69
CA SER B 169 7.84 1.42 -16.28
C SER B 169 9.04 2.14 -15.67
N ASN B 170 9.74 1.44 -14.79
CA ASN B 170 10.92 2.01 -14.17
C ASN B 170 11.92 2.27 -15.29
N TRP B 171 12.72 3.31 -15.14
CA TRP B 171 13.70 3.67 -16.16
C TRP B 171 14.70 2.56 -16.51
N ARG B 172 15.09 1.76 -15.53
CA ARG B 172 16.05 0.69 -15.76
C ARG B 172 15.57 -0.40 -16.71
N LEU B 173 14.27 -0.68 -16.68
CA LEU B 173 13.72 -1.69 -17.57
C LEU B 173 13.79 -1.18 -19.00
N ALA B 174 13.65 0.14 -19.18
CA ALA B 174 13.72 0.74 -20.50
C ALA B 174 15.16 0.71 -21.01
N VAL B 175 16.11 1.02 -20.13
CA VAL B 175 17.53 1.01 -20.49
C VAL B 175 17.99 -0.37 -20.93
N GLU B 176 17.69 -1.38 -20.11
CA GLU B 176 18.10 -2.73 -20.41
C GLU B 176 17.47 -3.26 -21.70
N ASN B 177 16.21 -2.93 -21.93
CA ASN B 177 15.55 -3.36 -23.16
C ASN B 177 16.25 -2.73 -24.36
N GLY B 178 16.56 -1.45 -24.24
CA GLY B 178 17.22 -0.75 -25.33
C GLY B 178 18.58 -1.30 -25.71
N PHE B 179 19.38 -1.67 -24.70
CA PHE B 179 20.73 -2.19 -24.92
C PHE B 179 20.80 -3.71 -25.08
N ASP B 180 19.64 -4.37 -24.95
CA ASP B 180 19.49 -5.82 -25.05
C ASP B 180 19.74 -6.29 -26.50
N PRO B 181 20.88 -6.97 -26.75
CA PRO B 181 21.17 -7.43 -28.11
C PRO B 181 20.12 -8.34 -28.74
N SER B 182 19.59 -9.28 -27.95
CA SER B 182 18.61 -10.23 -28.47
C SER B 182 17.15 -9.77 -28.55
N HIS B 183 16.84 -8.60 -27.99
CA HIS B 183 15.45 -8.12 -28.03
C HIS B 183 15.05 -7.69 -29.43
N ILE B 184 16.02 -7.69 -30.34
CA ILE B 184 15.79 -7.32 -31.73
C ILE B 184 14.67 -8.21 -32.31
N TYR B 185 14.46 -9.35 -31.68
CA TYR B 185 13.44 -10.30 -32.09
C TYR B 185 12.03 -9.68 -32.08
N ILE B 186 11.77 -8.75 -31.16
CA ILE B 186 10.44 -8.14 -31.08
C ILE B 186 10.17 -7.16 -32.21
N HIS B 187 11.21 -6.86 -33.00
CA HIS B 187 11.07 -5.92 -34.09
C HIS B 187 10.97 -6.58 -35.46
N LYS B 188 10.94 -7.91 -35.48
CA LYS B 188 10.89 -8.66 -36.74
C LYS B 188 9.72 -8.33 -37.67
N ASP B 189 8.62 -7.83 -37.12
CA ASP B 189 7.46 -7.49 -37.94
C ASP B 189 7.21 -5.99 -38.06
N SER B 190 8.17 -5.18 -37.60
CA SER B 190 8.02 -3.74 -37.68
C SER B 190 7.87 -3.31 -39.13
N ILE B 191 7.00 -2.33 -39.37
CA ILE B 191 6.79 -1.83 -40.72
C ILE B 191 8.07 -1.25 -41.29
N LEU B 192 8.92 -0.71 -40.42
CA LEU B 192 10.18 -0.12 -40.86
C LEU B 192 11.05 -1.15 -41.56
N VAL B 193 10.98 -2.39 -41.11
CA VAL B 193 11.78 -3.46 -41.71
C VAL B 193 11.46 -3.60 -43.20
N LYS B 194 10.20 -3.80 -43.53
CA LYS B 194 9.79 -3.95 -44.92
C LYS B 194 9.79 -2.62 -45.66
N ASP B 195 9.10 -1.64 -45.08
CA ASP B 195 8.97 -0.32 -45.69
C ASP B 195 10.28 0.46 -45.91
N ASN B 196 11.34 0.13 -45.16
CA ASN B 196 12.61 0.82 -45.35
C ASN B 196 13.70 -0.17 -45.79
N ASP B 197 13.25 -1.32 -46.25
CA ASP B 197 14.14 -2.37 -46.75
C ASP B 197 15.40 -2.57 -45.89
N LEU B 198 15.19 -2.93 -44.63
CA LEU B 198 16.31 -3.14 -43.71
C LEU B 198 16.75 -4.59 -43.63
N ALA B 199 18.02 -4.78 -43.27
CA ALA B 199 18.56 -6.11 -43.05
C ALA B 199 18.44 -6.22 -41.54
N LEU B 200 17.82 -7.28 -41.04
CA LEU B 200 17.66 -7.41 -39.59
C LEU B 200 17.61 -8.85 -39.12
N PRO B 201 18.63 -9.29 -38.39
CA PRO B 201 18.65 -10.68 -37.90
C PRO B 201 17.63 -10.86 -36.78
N LEU B 202 17.41 -12.12 -36.39
CA LEU B 202 16.47 -12.44 -35.33
C LEU B 202 17.21 -12.46 -34.00
N GLY B 203 18.52 -12.64 -34.09
CA GLY B 203 19.34 -12.69 -32.90
C GLY B 203 20.80 -12.90 -33.26
N PHE B 204 21.59 -13.37 -32.31
CA PHE B 204 23.01 -13.60 -32.54
C PHE B 204 23.55 -14.80 -31.80
N ALA B 205 24.44 -15.55 -32.47
CA ALA B 205 25.11 -16.69 -31.86
C ALA B 205 26.45 -16.03 -31.54
N PRO B 206 26.71 -15.75 -30.25
CA PRO B 206 27.96 -15.11 -29.83
C PRO B 206 29.23 -15.90 -30.08
N GLY B 207 30.34 -15.18 -30.23
CA GLY B 207 31.62 -15.79 -30.45
C GLY B 207 32.69 -15.05 -29.67
N GLY B 208 33.80 -15.72 -29.37
CA GLY B 208 34.87 -15.08 -28.63
C GLY B 208 34.67 -15.22 -27.13
N ASP B 209 35.49 -14.51 -26.35
CA ASP B 209 35.38 -14.58 -24.90
C ASP B 209 34.47 -13.50 -24.32
N ARG B 210 34.22 -13.60 -23.01
CA ARG B 210 33.37 -12.65 -22.31
C ARG B 210 33.76 -11.18 -22.54
N LYS B 211 35.05 -10.88 -22.35
CA LYS B 211 35.52 -9.51 -22.51
C LYS B 211 35.27 -8.95 -23.91
N GLN B 212 35.35 -9.82 -24.92
CA GLN B 212 35.14 -9.38 -26.30
C GLN B 212 33.70 -9.02 -26.66
N GLN B 213 32.76 -9.40 -25.81
CA GLN B 213 31.35 -9.11 -26.09
C GLN B 213 30.99 -7.63 -25.97
N THR B 214 31.83 -6.86 -25.29
CA THR B 214 31.56 -5.44 -25.12
C THR B 214 32.83 -4.61 -25.04
N ARG B 215 32.66 -3.29 -25.06
CA ARG B 215 33.77 -2.35 -24.91
C ARG B 215 33.31 -1.35 -23.85
N VAL B 216 33.87 -1.49 -22.65
CA VAL B 216 33.54 -0.61 -21.55
C VAL B 216 34.34 0.67 -21.68
N VAL B 217 33.64 1.80 -21.73
CA VAL B 217 34.30 3.09 -21.86
C VAL B 217 34.40 3.82 -20.54
N ASP B 218 35.62 4.00 -20.06
CA ASP B 218 35.88 4.70 -18.81
C ASP B 218 37.15 5.53 -18.97
N ASP B 219 37.51 5.80 -20.22
CA ASP B 219 38.71 6.58 -20.52
C ASP B 219 38.36 7.72 -21.47
N ASP B 220 37.06 8.01 -21.60
CA ASP B 220 36.62 9.09 -22.47
C ASP B 220 37.07 10.41 -21.84
N VAL B 221 37.83 11.19 -22.60
CA VAL B 221 38.37 12.46 -22.14
C VAL B 221 37.28 13.42 -21.64
N VAL B 222 36.07 13.28 -22.16
CA VAL B 222 34.93 14.12 -21.77
C VAL B 222 34.31 13.60 -20.49
N GLY B 223 34.78 12.45 -20.02
CA GLY B 223 34.24 11.89 -18.79
C GLY B 223 33.10 10.92 -19.03
N ARG B 224 32.68 10.79 -20.29
CA ARG B 224 31.59 9.88 -20.63
C ARG B 224 31.86 8.49 -20.07
N LYS B 225 30.82 7.82 -19.61
CA LYS B 225 30.94 6.48 -19.07
C LYS B 225 29.86 5.65 -19.74
N GLY B 226 30.26 4.59 -20.44
CA GLY B 226 29.29 3.76 -21.11
C GLY B 226 29.82 2.42 -21.58
N VAL B 227 29.00 1.71 -22.36
CA VAL B 227 29.37 0.40 -22.88
C VAL B 227 28.90 0.23 -24.32
N TYR B 228 29.75 -0.40 -25.13
CA TYR B 228 29.45 -0.69 -26.53
C TYR B 228 29.10 -2.17 -26.65
N ASP B 229 28.07 -2.47 -27.43
CA ASP B 229 27.65 -3.85 -27.66
C ASP B 229 28.42 -4.37 -28.87
N LEU B 230 29.31 -5.32 -28.63
CA LEU B 230 30.14 -5.88 -29.69
C LEU B 230 29.82 -7.33 -30.01
N ILE B 231 28.60 -7.77 -29.72
CA ILE B 231 28.22 -9.15 -29.96
C ILE B 231 28.37 -9.57 -31.42
N GLY B 232 28.20 -8.63 -32.33
CA GLY B 232 28.31 -8.94 -33.75
C GLY B 232 29.71 -9.02 -34.32
N GLU B 233 30.73 -8.67 -33.54
CA GLU B 233 32.11 -8.71 -34.03
C GLU B 233 32.62 -10.14 -34.19
N HIS B 234 32.20 -11.04 -33.30
CA HIS B 234 32.63 -12.43 -33.35
C HIS B 234 31.45 -13.37 -33.48
N GLY B 235 30.24 -12.81 -33.37
CA GLY B 235 29.05 -13.63 -33.46
C GLY B 235 28.51 -13.82 -34.86
N VAL B 236 27.72 -14.88 -35.03
CA VAL B 236 27.11 -15.18 -36.30
C VAL B 236 25.65 -14.76 -36.18
N PRO B 237 25.21 -13.79 -36.99
CA PRO B 237 23.82 -13.34 -36.90
C PRO B 237 22.85 -14.44 -37.31
N VAL B 238 21.73 -14.52 -36.59
CA VAL B 238 20.71 -15.52 -36.86
C VAL B 238 19.68 -14.97 -37.84
N PHE B 239 19.52 -15.65 -38.97
CA PHE B 239 18.55 -15.22 -39.97
C PHE B 239 17.50 -16.30 -40.22
N GLU B 240 17.73 -17.49 -39.65
CA GLU B 240 16.80 -18.60 -39.78
C GLU B 240 16.55 -19.21 -38.40
N GLY B 241 15.41 -18.87 -37.80
CA GLY B 241 15.08 -19.41 -36.50
C GLY B 241 14.47 -20.79 -36.62
N THR B 242 14.98 -21.73 -35.84
CA THR B 242 14.48 -23.10 -35.89
C THR B 242 13.99 -23.67 -34.57
N ILE B 243 13.10 -24.64 -34.69
CA ILE B 243 12.54 -25.35 -33.56
C ILE B 243 12.59 -26.81 -33.99
N GLY B 244 13.30 -27.64 -33.24
CA GLY B 244 13.41 -29.03 -33.61
C GLY B 244 14.12 -29.18 -34.94
N GLY B 245 14.98 -28.21 -35.27
CA GLY B 245 15.70 -28.25 -36.52
C GLY B 245 14.93 -27.73 -37.71
N GLU B 246 13.65 -27.44 -37.51
CA GLU B 246 12.79 -26.93 -38.57
C GLU B 246 12.73 -25.41 -38.56
N VAL B 247 12.93 -24.79 -39.71
CA VAL B 247 12.89 -23.33 -39.80
C VAL B 247 11.45 -22.86 -39.63
N VAL B 248 11.22 -22.00 -38.65
CA VAL B 248 9.88 -21.49 -38.38
C VAL B 248 9.81 -19.98 -38.53
N ARG B 249 10.97 -19.34 -38.66
CA ARG B 249 11.00 -17.89 -38.82
C ARG B 249 12.30 -17.43 -39.47
N GLU B 250 12.21 -16.41 -40.31
CA GLU B 250 13.38 -15.87 -40.97
C GLU B 250 13.55 -14.39 -40.64
N GLY B 251 14.80 -13.94 -40.62
CA GLY B 251 15.07 -12.53 -40.35
C GLY B 251 14.77 -11.76 -41.61
N ALA B 252 15.12 -10.48 -41.64
CA ALA B 252 14.88 -9.64 -42.81
C ALA B 252 16.13 -9.58 -43.68
N TYR B 253 15.96 -9.86 -44.97
CA TYR B 253 17.09 -9.85 -45.91
C TYR B 253 17.11 -8.60 -46.79
N GLY B 254 16.90 -7.44 -46.19
CA GLY B 254 16.91 -6.19 -46.95
C GLY B 254 18.33 -5.73 -47.22
N GLU B 255 18.48 -4.68 -48.02
CA GLU B 255 19.81 -4.16 -48.36
C GLU B 255 20.41 -3.11 -47.43
N LYS B 256 19.58 -2.48 -46.60
CA LYS B 256 20.08 -1.46 -45.70
C LYS B 256 20.63 -2.02 -44.40
N ILE B 257 21.92 -1.78 -44.17
CA ILE B 257 22.59 -2.24 -42.96
C ILE B 257 22.48 -1.15 -41.91
N VAL B 258 21.93 -1.48 -40.76
CA VAL B 258 21.78 -0.52 -39.68
C VAL B 258 22.06 -1.14 -38.32
N ALA B 259 22.08 -0.28 -37.30
CA ALA B 259 22.30 -0.70 -35.92
C ALA B 259 23.45 -1.69 -35.72
N ASN B 260 24.64 -1.34 -36.20
CA ASN B 260 25.80 -2.20 -36.04
C ASN B 260 26.75 -1.59 -35.01
N ASP B 261 26.36 -0.43 -34.51
CA ASP B 261 27.13 0.30 -33.51
C ASP B 261 26.17 0.80 -32.43
N ILE B 262 26.02 0.02 -31.38
CA ILE B 262 25.10 0.34 -30.28
C ILE B 262 25.85 0.54 -28.96
N SER B 263 25.51 1.60 -28.24
CA SER B 263 26.17 1.90 -26.97
C SER B 263 25.21 2.53 -25.97
N ILE B 264 25.41 2.23 -24.69
CA ILE B 264 24.58 2.78 -23.63
C ILE B 264 25.49 3.63 -22.74
N TRP B 265 24.99 4.79 -22.33
CA TRP B 265 25.79 5.70 -21.51
C TRP B 265 25.03 6.22 -20.30
N LEU B 266 25.76 6.45 -19.21
CA LEU B 266 25.13 6.99 -18.01
C LEU B 266 24.72 8.42 -18.42
N PRO B 267 23.64 8.94 -17.83
CA PRO B 267 22.79 8.33 -16.81
C PRO B 267 21.76 7.34 -17.34
N GLY B 268 21.73 7.17 -18.66
CA GLY B 268 20.78 6.24 -19.24
C GLY B 268 20.31 6.69 -20.61
N VAL B 269 21.23 6.74 -21.56
CA VAL B 269 20.91 7.15 -22.92
C VAL B 269 21.57 6.19 -23.90
N LEU B 270 20.79 5.72 -24.86
CA LEU B 270 21.25 4.77 -25.87
C LEU B 270 21.56 5.45 -27.20
N LYS B 271 22.60 4.98 -27.87
CA LYS B 271 22.97 5.51 -29.18
C LYS B 271 22.97 4.33 -30.15
N VAL B 272 22.17 4.44 -31.21
CA VAL B 272 22.10 3.38 -32.20
C VAL B 272 22.58 3.99 -33.52
N ASN B 273 23.66 3.43 -34.06
CA ASN B 273 24.25 3.95 -35.29
C ASN B 273 24.69 2.86 -36.27
N PRO B 274 24.23 2.96 -37.54
CA PRO B 274 23.34 4.00 -38.04
C PRO B 274 21.90 3.48 -37.91
N PHE B 275 20.95 4.39 -37.68
CA PHE B 275 19.55 4.00 -37.52
C PHE B 275 18.69 5.27 -37.48
N PRO B 276 17.48 5.23 -38.04
CA PRO B 276 16.80 4.12 -38.73
C PRO B 276 17.22 3.95 -40.19
N ASN B 277 18.13 4.80 -40.65
CA ASN B 277 18.62 4.76 -42.02
C ASN B 277 20.15 4.78 -41.96
N PRO B 278 20.83 4.21 -42.96
CA PRO B 278 22.31 4.18 -42.98
C PRO B 278 23.01 5.53 -42.81
N ASP B 279 22.28 6.62 -42.98
CA ASP B 279 22.87 7.94 -42.86
C ASP B 279 22.34 8.75 -41.67
N MET B 280 21.77 8.06 -40.69
CA MET B 280 21.21 8.70 -39.52
C MET B 280 21.66 7.98 -38.24
N MET B 281 21.36 8.60 -37.10
CA MET B 281 21.67 8.02 -35.79
C MET B 281 20.48 8.25 -34.87
N GLN B 282 20.34 7.40 -33.88
CA GLN B 282 19.26 7.55 -32.92
C GLN B 282 19.84 7.66 -31.51
N PHE B 283 19.37 8.65 -30.77
CA PHE B 283 19.79 8.89 -29.39
C PHE B 283 18.49 8.93 -28.58
N GLU B 284 18.35 8.05 -27.60
CA GLU B 284 17.15 8.05 -26.78
C GLU B 284 17.44 7.86 -25.30
N TRP B 285 16.82 8.72 -24.49
CA TRP B 285 16.98 8.70 -23.03
C TRP B 285 15.77 8.05 -22.37
N TYR B 286 15.99 7.46 -21.20
CA TYR B 286 14.94 6.84 -20.41
C TYR B 286 15.12 7.56 -19.08
N VAL B 287 14.43 8.69 -18.95
CA VAL B 287 14.52 9.57 -17.79
C VAL B 287 13.60 9.22 -16.63
N PRO B 288 14.16 9.00 -15.43
CA PRO B 288 13.33 8.66 -14.28
C PRO B 288 12.40 9.80 -13.83
N ILE B 289 11.10 9.52 -13.77
CA ILE B 289 10.12 10.51 -13.32
C ILE B 289 9.84 10.15 -11.86
N ASP B 290 9.54 8.87 -11.63
CA ASP B 290 9.34 8.33 -10.28
C ASP B 290 9.65 6.83 -10.39
N GLU B 291 9.48 6.06 -9.33
CA GLU B 291 9.84 4.66 -9.42
C GLU B 291 9.08 3.81 -10.43
N ASN B 292 7.94 4.31 -10.89
CA ASN B 292 7.11 3.56 -11.85
C ASN B 292 7.05 4.13 -13.26
N THR B 293 7.65 5.29 -13.48
CA THR B 293 7.55 5.93 -14.78
C THR B 293 8.82 6.61 -15.26
N HIS B 294 8.91 6.80 -16.58
CA HIS B 294 10.06 7.47 -17.17
C HIS B 294 9.67 8.22 -18.42
N TYR B 295 10.49 9.19 -18.81
CA TYR B 295 10.26 9.92 -20.05
C TYR B 295 11.01 9.11 -21.07
N TYR B 296 10.39 8.86 -22.22
CA TYR B 296 11.05 8.15 -23.30
C TYR B 296 11.36 9.28 -24.28
N PHE B 297 12.53 9.88 -24.08
CA PHE B 297 13.00 11.01 -24.88
C PHE B 297 13.76 10.50 -26.10
N GLN B 298 13.08 10.49 -27.24
CA GLN B 298 13.66 10.02 -28.50
C GLN B 298 14.17 11.14 -29.39
N THR B 299 15.34 10.94 -29.98
CA THR B 299 15.89 11.93 -30.90
C THR B 299 16.56 11.19 -32.04
N LEU B 300 16.47 11.77 -33.23
CA LEU B 300 17.10 11.20 -34.42
C LEU B 300 18.03 12.29 -34.93
N GLY B 301 19.24 11.91 -35.29
CA GLY B 301 20.19 12.90 -35.78
C GLY B 301 20.61 12.65 -37.21
N LYS B 302 20.80 13.74 -37.95
CA LYS B 302 21.23 13.65 -39.35
C LYS B 302 22.07 14.87 -39.69
N PRO B 303 23.32 14.66 -40.13
CA PRO B 303 24.16 15.81 -40.48
C PRO B 303 23.48 16.64 -41.56
N CYS B 304 23.45 17.95 -41.35
CA CYS B 304 22.86 18.89 -42.30
C CYS B 304 23.77 20.09 -42.43
N ALA B 305 24.21 20.37 -43.66
CA ALA B 305 25.11 21.48 -43.91
C ALA B 305 24.43 22.85 -44.01
N ASN B 306 23.12 22.86 -44.25
CA ASN B 306 22.41 24.12 -44.37
C ASN B 306 20.90 23.99 -44.18
N ASP B 307 20.22 25.14 -44.13
CA ASP B 307 18.78 25.20 -43.95
C ASP B 307 18.03 24.30 -44.94
N GLU B 308 18.50 24.26 -46.18
CA GLU B 308 17.86 23.47 -47.21
C GLU B 308 17.75 22.00 -46.78
N GLU B 309 18.88 21.45 -46.33
CA GLU B 309 18.91 20.06 -45.90
C GLU B 309 18.09 19.88 -44.62
N ARG B 310 18.13 20.89 -43.76
CA ARG B 310 17.40 20.86 -42.50
C ARG B 310 15.90 20.79 -42.75
N LYS B 311 15.41 21.55 -43.73
CA LYS B 311 13.99 21.54 -44.05
C LYS B 311 13.61 20.18 -44.61
N LYS B 312 14.41 19.70 -45.56
CA LYS B 312 14.17 18.40 -46.17
C LYS B 312 14.15 17.31 -45.10
N TYR B 313 15.14 17.33 -44.21
CA TYR B 313 15.22 16.35 -43.13
C TYR B 313 13.98 16.45 -42.25
N GLU B 314 13.61 17.69 -41.93
CA GLU B 314 12.44 17.95 -41.10
C GLU B 314 11.20 17.36 -41.76
N GLN B 315 11.06 17.54 -43.06
CA GLN B 315 9.91 17.02 -43.79
C GLN B 315 9.84 15.49 -43.75
N GLU B 316 10.98 14.85 -43.98
CA GLU B 316 11.03 13.38 -43.96
C GLU B 316 10.82 12.85 -42.56
N PHE B 317 11.28 13.60 -41.57
CA PHE B 317 11.13 13.20 -40.17
C PHE B 317 9.64 13.10 -39.86
N GLU B 318 8.90 14.13 -40.26
CA GLU B 318 7.46 14.16 -40.03
C GLU B 318 6.66 13.15 -40.83
N SER B 319 7.03 12.98 -42.10
CA SER B 319 6.28 12.06 -42.95
C SER B 319 6.74 10.60 -42.93
N LYS B 320 8.00 10.35 -42.58
CA LYS B 320 8.50 8.98 -42.57
C LYS B 320 9.12 8.47 -41.27
N TRP B 321 10.23 9.08 -40.87
CA TRP B 321 10.96 8.68 -39.68
C TRP B 321 10.16 8.61 -38.38
N LYS B 322 9.42 9.67 -38.04
CA LYS B 322 8.63 9.68 -36.81
C LYS B 322 7.56 8.59 -36.82
N PRO B 323 6.72 8.55 -37.87
CA PRO B 323 5.68 7.51 -37.89
C PRO B 323 6.17 6.09 -38.17
N MET B 324 7.14 5.95 -39.05
CA MET B 324 7.65 4.62 -39.41
C MET B 324 8.70 4.08 -38.44
N ALA B 325 9.52 4.96 -37.88
CA ALA B 325 10.58 4.53 -36.97
C ALA B 325 10.28 4.75 -35.50
N LEU B 326 10.33 6.00 -35.05
CA LEU B 326 10.09 6.31 -33.64
C LEU B 326 8.84 5.65 -33.11
N GLU B 327 7.82 5.54 -33.95
CA GLU B 327 6.58 4.92 -33.52
C GLU B 327 6.46 3.52 -34.12
N GLY B 328 6.55 3.43 -35.44
CA GLY B 328 6.45 2.13 -36.10
C GLY B 328 7.43 1.07 -35.64
N PHE B 329 8.62 1.49 -35.21
CA PHE B 329 9.63 0.54 -34.75
C PHE B 329 9.69 0.46 -33.22
N ASN B 330 9.83 1.61 -32.57
CA ASN B 330 9.96 1.67 -31.11
C ASN B 330 8.70 1.42 -30.28
N ASN B 331 7.51 1.51 -30.89
CA ASN B 331 6.30 1.27 -30.11
C ASN B 331 6.33 -0.09 -29.45
N ASP B 332 6.91 -1.09 -30.11
CA ASP B 332 6.99 -2.42 -29.52
C ASP B 332 7.90 -2.44 -28.30
N ASP B 333 8.82 -1.50 -28.22
CA ASP B 333 9.71 -1.43 -27.06
C ASP B 333 8.91 -0.97 -25.84
N ILE B 334 7.94 -0.10 -26.08
CA ILE B 334 7.11 0.42 -25.00
C ILE B 334 6.38 -0.68 -24.22
N TRP B 335 5.63 -1.53 -24.90
CA TRP B 335 4.92 -2.57 -24.16
C TRP B 335 5.86 -3.69 -23.69
N ALA B 336 7.03 -3.80 -24.30
CA ALA B 336 7.99 -4.81 -23.89
C ALA B 336 8.51 -4.41 -22.50
N ARG B 337 8.77 -3.12 -22.32
CA ARG B 337 9.24 -2.59 -21.03
C ARG B 337 8.15 -2.83 -19.99
N GLU B 338 6.92 -2.50 -20.36
CA GLU B 338 5.78 -2.66 -19.46
C GLU B 338 5.61 -4.12 -19.05
N ALA B 339 5.93 -5.04 -19.96
CA ALA B 339 5.79 -6.46 -19.69
C ALA B 339 6.70 -6.97 -18.57
N MET B 340 7.81 -6.27 -18.33
CA MET B 340 8.74 -6.69 -17.28
C MET B 340 8.43 -6.08 -15.92
N VAL B 341 7.55 -5.10 -15.89
CA VAL B 341 7.21 -4.43 -14.64
C VAL B 341 6.89 -5.34 -13.44
N ASP B 342 5.96 -6.27 -13.63
CA ASP B 342 5.55 -7.17 -12.54
C ASP B 342 6.67 -8.01 -11.94
N PHE B 343 7.53 -8.57 -12.79
CA PHE B 343 8.62 -9.41 -12.31
C PHE B 343 9.61 -8.65 -11.44
N TYR B 344 9.84 -7.38 -11.76
CA TYR B 344 10.79 -6.57 -11.01
C TYR B 344 10.17 -5.62 -9.99
N ALA B 345 8.85 -5.49 -10.03
CA ALA B 345 8.13 -4.59 -9.14
C ALA B 345 8.41 -4.79 -7.66
N ASP B 346 8.58 -6.04 -7.24
CA ASP B 346 8.87 -6.35 -5.84
C ASP B 346 10.37 -6.50 -5.59
N ASP B 347 11.16 -6.11 -6.59
CA ASP B 347 12.62 -6.18 -6.52
C ASP B 347 13.15 -7.63 -6.61
N LYS B 348 12.26 -8.60 -6.64
CA LYS B 348 12.68 -10.01 -6.69
C LYS B 348 13.25 -10.43 -8.04
N GLY B 349 12.76 -9.79 -9.10
CA GLY B 349 13.25 -10.11 -10.43
C GLY B 349 14.76 -9.98 -10.55
N TRP B 350 15.34 -9.07 -9.76
CA TRP B 350 16.78 -8.84 -9.79
C TRP B 350 17.56 -10.05 -9.26
N VAL B 351 16.85 -10.98 -8.63
CA VAL B 351 17.47 -12.18 -8.09
C VAL B 351 17.06 -13.42 -8.88
N ASN B 352 15.79 -13.49 -9.28
CA ASN B 352 15.27 -14.66 -9.98
C ASN B 352 15.42 -14.74 -11.50
N GLU B 353 15.80 -13.63 -12.14
CA GLU B 353 16.00 -13.62 -13.59
C GLU B 353 16.99 -14.70 -14.01
N ILE B 354 16.72 -15.39 -15.11
CA ILE B 354 17.63 -16.42 -15.61
C ILE B 354 18.18 -15.88 -16.93
N LEU B 355 19.40 -15.37 -16.87
CA LEU B 355 20.04 -14.76 -18.03
C LEU B 355 20.73 -15.76 -18.95
N PHE B 356 20.92 -15.36 -20.21
CA PHE B 356 21.64 -16.20 -21.16
C PHE B 356 22.75 -15.36 -21.79
N GLU B 357 23.54 -15.97 -22.67
CA GLU B 357 24.69 -15.29 -23.29
C GLU B 357 24.66 -13.81 -23.66
N SER B 358 23.73 -13.39 -24.51
CA SER B 358 23.69 -12.00 -24.92
C SER B 358 23.47 -10.99 -23.79
N ASP B 359 23.03 -11.47 -22.63
CA ASP B 359 22.81 -10.58 -21.50
C ASP B 359 24.12 -10.07 -20.90
N GLU B 360 25.23 -10.56 -21.45
CA GLU B 360 26.54 -10.14 -21.00
C GLU B 360 26.60 -8.62 -21.16
N ALA B 361 25.95 -8.11 -22.19
CA ALA B 361 25.92 -6.68 -22.44
C ALA B 361 25.20 -5.96 -21.30
N ILE B 362 24.06 -6.50 -20.88
CA ILE B 362 23.30 -5.89 -19.79
C ILE B 362 24.10 -5.91 -18.49
N VAL B 363 24.77 -7.02 -18.23
CA VAL B 363 25.58 -7.16 -17.02
C VAL B 363 26.70 -6.11 -17.01
N ALA B 364 27.32 -5.90 -18.17
CA ALA B 364 28.39 -4.91 -18.28
C ALA B 364 27.84 -3.52 -17.92
N TRP B 365 26.64 -3.23 -18.42
CA TRP B 365 26.00 -1.94 -18.13
C TRP B 365 25.69 -1.80 -16.64
N ARG B 366 25.15 -2.86 -16.04
CA ARG B 366 24.82 -2.81 -14.62
C ARG B 366 26.05 -2.52 -13.77
N LYS B 367 27.17 -3.13 -14.13
CA LYS B 367 28.41 -2.92 -13.39
C LYS B 367 28.96 -1.51 -13.63
N LEU B 368 28.93 -1.06 -14.87
CA LEU B 368 29.41 0.28 -15.19
C LEU B 368 28.59 1.32 -14.44
N ALA B 369 27.27 1.18 -14.49
CA ALA B 369 26.39 2.11 -13.81
C ALA B 369 26.61 2.11 -12.29
N SER B 370 26.78 0.91 -11.73
CA SER B 370 27.00 0.77 -10.28
C SER B 370 28.29 1.45 -9.84
N GLU B 371 29.31 1.34 -10.67
CA GLU B 371 30.61 1.89 -10.35
C GLU B 371 30.84 3.36 -10.69
N HIS B 372 30.16 3.87 -11.72
CA HIS B 372 30.38 5.24 -12.16
C HIS B 372 29.24 6.25 -12.03
N ASN B 373 28.15 5.89 -11.37
CA ASN B 373 27.04 6.85 -11.21
C ASN B 373 27.51 7.94 -10.24
N GLN B 374 26.89 9.12 -10.33
CA GLN B 374 27.27 10.24 -9.46
C GLN B 374 26.42 10.40 -8.21
N GLY B 375 25.63 9.38 -7.90
CA GLY B 375 24.80 9.44 -6.70
C GLY B 375 23.49 8.69 -6.84
N ILE B 376 23.00 8.16 -5.72
CA ILE B 376 21.75 7.41 -5.70
C ILE B 376 20.64 8.31 -5.15
N GLN B 377 19.62 8.58 -5.97
CA GLN B 377 18.50 9.41 -5.52
C GLN B 377 17.70 8.59 -4.49
N THR B 378 17.26 9.23 -3.42
CA THR B 378 16.49 8.56 -2.37
C THR B 378 15.21 9.32 -2.06
N GLN B 379 14.25 8.66 -1.43
CA GLN B 379 12.98 9.30 -1.09
C GLN B 379 13.22 10.49 -0.18
N ALA B 380 14.30 10.44 0.59
CA ALA B 380 14.65 11.53 1.50
C ALA B 380 15.04 12.76 0.69
N HIS B 381 15.65 12.54 -0.47
CA HIS B 381 16.00 13.68 -1.34
C HIS B 381 14.69 14.34 -1.75
N VAL B 382 13.66 13.52 -1.93
CA VAL B 382 12.35 14.02 -2.34
C VAL B 382 11.61 14.76 -1.23
N SER B 383 11.56 14.18 -0.03
CA SER B 383 10.85 14.82 1.07
C SER B 383 11.68 15.88 1.80
N GLY B 384 12.98 15.61 1.94
CA GLY B 384 13.88 16.52 2.63
C GLY B 384 14.92 15.68 3.33
N LEU B 385 16.19 15.86 2.96
CA LEU B 385 17.27 15.06 3.55
C LEU B 385 17.20 14.98 5.08
N GLU B 386 17.52 13.79 5.60
CA GLU B 386 17.47 13.54 7.03
C GLU B 386 18.81 13.08 7.58
N HIS B 387 19.21 13.66 8.71
CA HIS B 387 20.46 13.28 9.36
C HIS B 387 20.44 13.67 10.82
N HIS B 388 21.04 12.82 11.66
CA HIS B 388 21.08 13.04 13.10
C HIS B 388 22.48 13.12 13.68
N HIS B 389 22.53 13.45 14.98
CA HIS B 389 23.78 13.60 15.73
C HIS B 389 24.53 14.83 15.29
N MET C 1 2.98 -20.38 4.62
CA MET C 1 3.31 -19.66 5.88
C MET C 1 3.79 -18.24 5.59
N ALA C 2 3.75 -17.40 6.62
CA ALA C 2 4.19 -16.01 6.50
C ALA C 2 3.26 -15.15 5.64
N ASN C 3 1.97 -15.46 5.66
CA ASN C 3 1.01 -14.67 4.89
C ASN C 3 0.30 -13.68 5.81
N VAL C 4 0.22 -14.03 7.08
CA VAL C 4 -0.45 -13.22 8.09
C VAL C 4 0.48 -12.87 9.25
N ASP C 5 0.25 -11.70 9.85
CA ASP C 5 1.05 -11.26 10.99
C ASP C 5 1.09 -12.37 12.04
N GLU C 6 2.29 -12.76 12.44
CA GLU C 6 2.45 -13.83 13.43
C GLU C 6 1.66 -13.60 14.72
N ALA C 7 1.50 -12.36 15.14
CA ALA C 7 0.76 -12.06 16.36
C ALA C 7 -0.69 -12.55 16.25
N ILE C 8 -1.26 -12.43 15.05
CA ILE C 8 -2.62 -12.88 14.83
C ILE C 8 -2.69 -14.39 14.79
N LEU C 9 -1.75 -15.02 14.09
CA LEU C 9 -1.73 -16.47 13.99
C LEU C 9 -1.58 -17.13 15.37
N LYS C 10 -0.83 -16.49 16.27
CA LYS C 10 -0.63 -17.03 17.61
C LYS C 10 -1.96 -17.04 18.38
N ARG C 11 -2.82 -16.07 18.06
CA ARG C 11 -4.12 -15.94 18.71
C ARG C 11 -5.15 -16.99 18.30
N VAL C 12 -5.10 -17.42 17.04
CA VAL C 12 -6.06 -18.41 16.55
C VAL C 12 -5.45 -19.82 16.52
N LYS C 13 -5.05 -20.29 17.70
CA LYS C 13 -4.42 -21.61 17.84
C LYS C 13 -5.24 -22.78 17.30
N GLY C 14 -6.56 -22.62 17.24
CA GLY C 14 -7.40 -23.69 16.73
C GLY C 14 -7.37 -23.88 15.23
N TRP C 15 -6.97 -22.86 14.49
CA TRP C 15 -6.95 -22.97 13.03
C TRP C 15 -6.00 -21.97 12.37
N ALA C 16 -4.78 -21.87 12.89
CA ALA C 16 -3.79 -20.94 12.35
C ALA C 16 -3.45 -21.21 10.88
N PRO C 17 -3.25 -22.49 10.51
CA PRO C 17 -2.93 -22.80 9.12
C PRO C 17 -3.97 -22.26 8.14
N TYR C 18 -5.24 -22.37 8.53
CA TYR C 18 -6.36 -21.90 7.73
C TYR C 18 -6.36 -20.38 7.60
N VAL C 19 -6.10 -19.69 8.71
CA VAL C 19 -6.06 -18.23 8.69
C VAL C 19 -4.87 -17.74 7.86
N ASP C 20 -3.82 -18.55 7.83
CA ASP C 20 -2.62 -18.19 7.08
C ASP C 20 -2.77 -18.46 5.59
N ALA C 21 -3.69 -19.36 5.24
CA ALA C 21 -3.92 -19.73 3.85
C ALA C 21 -4.73 -18.72 3.05
N LYS C 22 -4.31 -17.45 3.09
CA LYS C 22 -5.01 -16.39 2.35
C LYS C 22 -5.00 -16.66 0.85
N LEU C 23 -3.96 -17.31 0.35
CA LEU C 23 -3.86 -17.60 -1.10
C LEU C 23 -4.35 -18.99 -1.45
N GLY C 24 -4.87 -19.72 -0.46
CA GLY C 24 -5.37 -21.05 -0.72
C GLY C 24 -4.39 -22.16 -0.38
N PHE C 25 -4.82 -23.40 -0.59
CA PHE C 25 -3.98 -24.55 -0.29
C PHE C 25 -3.34 -25.16 -1.54
N ARG C 26 -2.02 -25.29 -1.49
CA ARG C 26 -1.28 -25.87 -2.60
C ARG C 26 -1.40 -27.39 -2.55
N ASN C 27 -1.17 -28.03 -3.70
CA ASN C 27 -1.23 -29.48 -3.84
C ASN C 27 -2.63 -30.09 -3.78
N HIS C 28 -3.58 -29.43 -4.42
CA HIS C 28 -4.97 -29.88 -4.52
C HIS C 28 -5.42 -29.61 -5.96
N TRP C 29 -6.46 -30.30 -6.40
CA TRP C 29 -7.01 -30.09 -7.73
C TRP C 29 -8.05 -28.97 -7.63
N TYR C 30 -8.12 -28.11 -8.64
CA TYR C 30 -9.08 -27.01 -8.66
C TYR C 30 -9.69 -26.82 -10.06
N PRO C 31 -11.02 -26.66 -10.13
CA PRO C 31 -11.64 -26.46 -11.44
C PRO C 31 -11.47 -24.98 -11.79
N VAL C 32 -11.17 -24.66 -13.05
CA VAL C 32 -10.98 -23.25 -13.42
C VAL C 32 -11.80 -22.79 -14.61
N MET C 33 -12.34 -23.72 -15.37
CA MET C 33 -13.15 -23.37 -16.54
C MET C 33 -13.83 -24.63 -17.01
N PHE C 34 -14.73 -24.49 -17.97
CA PHE C 34 -15.42 -25.64 -18.53
C PHE C 34 -14.68 -26.05 -19.80
N SER C 35 -14.69 -27.34 -20.09
CA SER C 35 -14.02 -27.89 -21.26
C SER C 35 -14.35 -27.16 -22.56
N LYS C 36 -15.62 -26.83 -22.75
CA LYS C 36 -16.06 -26.16 -23.98
C LYS C 36 -15.50 -24.76 -24.15
N GLU C 37 -14.84 -24.25 -23.11
CA GLU C 37 -14.27 -22.90 -23.15
C GLU C 37 -12.84 -22.86 -23.69
N ILE C 38 -12.21 -24.02 -23.78
CA ILE C 38 -10.84 -24.12 -24.28
C ILE C 38 -10.81 -25.02 -25.52
N ASN C 39 -10.53 -24.41 -26.67
CA ASN C 39 -10.50 -25.14 -27.93
C ASN C 39 -9.08 -25.41 -28.43
N GLU C 40 -8.98 -26.32 -29.39
CA GLU C 40 -7.70 -26.72 -29.98
C GLU C 40 -6.83 -25.53 -30.38
N GLY C 41 -5.58 -25.56 -29.92
CA GLY C 41 -4.63 -24.50 -30.26
C GLY C 41 -5.07 -23.10 -29.92
N GLU C 42 -5.88 -22.97 -28.88
CA GLU C 42 -6.38 -21.65 -28.47
C GLU C 42 -6.02 -21.43 -26.99
N PRO C 43 -4.74 -21.15 -26.71
CA PRO C 43 -4.27 -20.91 -25.34
C PRO C 43 -5.09 -19.88 -24.58
N LYS C 44 -5.36 -20.18 -23.31
CA LYS C 44 -6.14 -19.30 -22.45
C LYS C 44 -5.34 -18.96 -21.19
N THR C 45 -5.49 -17.73 -20.72
CA THR C 45 -4.80 -17.30 -19.52
C THR C 45 -5.72 -17.32 -18.31
N LEU C 46 -5.12 -17.52 -17.13
CA LEU C 46 -5.89 -17.53 -15.89
C LEU C 46 -4.91 -17.42 -14.72
N LYS C 47 -5.41 -16.97 -13.58
CA LYS C 47 -4.60 -16.86 -12.37
C LYS C 47 -5.24 -17.79 -11.35
N LEU C 48 -4.42 -18.68 -10.79
CA LEU C 48 -4.86 -19.65 -9.80
C LEU C 48 -3.85 -19.65 -8.65
N LEU C 49 -4.35 -19.45 -7.43
CA LEU C 49 -3.48 -19.41 -6.25
C LEU C 49 -2.40 -18.34 -6.41
N GLY C 50 -2.76 -17.27 -7.11
CA GLY C 50 -1.85 -16.15 -7.32
C GLY C 50 -0.87 -16.32 -8.48
N GLU C 51 -0.86 -17.50 -9.08
CA GLU C 51 0.05 -17.78 -10.18
C GLU C 51 -0.60 -17.61 -11.55
N ASN C 52 0.11 -16.92 -12.47
CA ASN C 52 -0.43 -16.73 -13.82
C ASN C 52 -0.13 -17.99 -14.60
N LEU C 53 -1.18 -18.57 -15.19
CA LEU C 53 -1.03 -19.80 -15.95
C LEU C 53 -1.57 -19.69 -17.37
N LEU C 54 -1.10 -20.59 -18.22
CA LEU C 54 -1.52 -20.67 -19.60
C LEU C 54 -1.99 -22.10 -19.82
N VAL C 55 -3.15 -22.25 -20.46
CA VAL C 55 -3.68 -23.57 -20.74
C VAL C 55 -3.92 -23.64 -22.24
N ASN C 56 -3.63 -24.80 -22.83
CA ASN C 56 -3.79 -24.98 -24.25
C ASN C 56 -4.25 -26.40 -24.53
N ARG C 57 -4.92 -26.60 -25.66
CA ARG C 57 -5.40 -27.92 -26.04
C ARG C 57 -4.64 -28.32 -27.31
N ILE C 58 -3.88 -29.42 -27.21
CA ILE C 58 -3.09 -29.90 -28.34
C ILE C 58 -3.49 -31.35 -28.65
N ASP C 59 -4.02 -31.56 -29.85
CA ASP C 59 -4.48 -32.88 -30.26
C ASP C 59 -5.49 -33.38 -29.22
N GLY C 60 -6.33 -32.45 -28.78
CA GLY C 60 -7.37 -32.77 -27.81
C GLY C 60 -7.00 -32.72 -26.34
N LYS C 61 -5.73 -32.94 -26.02
CA LYS C 61 -5.27 -32.95 -24.64
C LYS C 61 -4.90 -31.57 -24.10
N LEU C 62 -5.20 -31.35 -22.82
CA LEU C 62 -4.90 -30.07 -22.18
C LEU C 62 -3.54 -30.08 -21.51
N TYR C 63 -2.84 -28.96 -21.60
CA TYR C 63 -1.52 -28.79 -21.02
C TYR C 63 -1.51 -27.45 -20.29
N CYS C 64 -0.77 -27.38 -19.20
CA CYS C 64 -0.70 -26.15 -18.44
C CYS C 64 0.74 -25.77 -18.13
N LEU C 65 1.10 -24.54 -18.52
CA LEU C 65 2.43 -23.98 -18.31
C LEU C 65 2.30 -22.69 -17.53
N LYS C 66 3.26 -22.39 -16.65
CA LYS C 66 3.20 -21.13 -15.92
C LYS C 66 3.38 -20.02 -16.94
N ASP C 67 2.53 -19.01 -16.87
CA ASP C 67 2.58 -17.89 -17.80
C ASP C 67 3.63 -16.86 -17.38
N ARG C 68 4.89 -17.28 -17.37
CA ARG C 68 5.98 -16.38 -17.02
C ARG C 68 7.29 -16.96 -17.52
N CYS C 69 7.86 -16.29 -18.51
CA CYS C 69 9.12 -16.72 -19.11
C CYS C 69 10.22 -16.80 -18.06
N LEU C 70 11.05 -17.83 -18.15
CA LEU C 70 12.16 -18.02 -17.22
C LEU C 70 13.21 -16.92 -17.32
N HIS C 71 13.31 -16.33 -18.51
CA HIS C 71 14.32 -15.30 -18.78
C HIS C 71 14.13 -13.99 -18.01
N ARG C 72 13.26 -13.12 -18.50
CA ARG C 72 13.03 -11.84 -17.85
C ARG C 72 11.65 -11.71 -17.19
N GLY C 73 11.03 -12.85 -16.90
CA GLY C 73 9.75 -12.90 -16.22
C GLY C 73 8.52 -12.23 -16.78
N VAL C 74 8.44 -12.13 -18.10
CA VAL C 74 7.27 -11.52 -18.72
C VAL C 74 6.24 -12.62 -18.95
N GLN C 75 4.98 -12.23 -19.13
CA GLN C 75 3.95 -13.21 -19.40
C GLN C 75 4.03 -13.54 -20.89
N LEU C 76 4.15 -14.82 -21.21
CA LEU C 76 4.20 -15.24 -22.61
C LEU C 76 2.91 -14.79 -23.31
N SER C 77 1.82 -14.73 -22.56
CA SER C 77 0.53 -14.35 -23.11
C SER C 77 0.38 -12.91 -23.63
N VAL C 78 1.35 -12.05 -23.33
CA VAL C 78 1.27 -10.67 -23.82
C VAL C 78 1.21 -10.69 -25.35
N LYS C 79 1.92 -11.65 -25.93
CA LYS C 79 1.96 -11.85 -27.38
C LYS C 79 2.30 -13.31 -27.61
N VAL C 80 1.27 -14.13 -27.74
CA VAL C 80 1.45 -15.56 -27.93
C VAL C 80 2.03 -15.93 -29.29
N GLU C 81 3.06 -16.77 -29.26
CA GLU C 81 3.71 -17.24 -30.49
C GLU C 81 3.90 -18.75 -30.45
N CYS C 82 2.92 -19.49 -30.95
CA CYS C 82 3.03 -20.94 -30.98
C CYS C 82 3.48 -21.29 -32.40
N LYS C 83 4.79 -21.27 -32.61
CA LYS C 83 5.39 -21.54 -33.91
C LYS C 83 5.29 -22.99 -34.37
N THR C 84 5.17 -23.91 -33.44
CA THR C 84 4.99 -25.31 -33.78
C THR C 84 3.84 -25.80 -32.90
N LYS C 85 3.25 -26.92 -33.27
CA LYS C 85 2.12 -27.48 -32.56
C LYS C 85 2.40 -27.86 -31.10
N SER C 86 3.61 -28.35 -30.83
CA SER C 86 3.97 -28.77 -29.47
C SER C 86 4.76 -27.76 -28.64
N THR C 87 4.88 -26.53 -29.13
CA THR C 87 5.66 -25.54 -28.38
C THR C 87 5.08 -24.14 -28.38
N ILE C 88 5.64 -23.29 -27.53
CA ILE C 88 5.25 -21.89 -27.46
C ILE C 88 6.56 -21.11 -27.36
N THR C 89 6.65 -20.03 -28.12
CA THR C 89 7.85 -19.20 -28.15
C THR C 89 7.62 -17.84 -27.53
N CYS C 90 8.42 -17.50 -26.52
CA CYS C 90 8.27 -16.19 -25.88
C CYS C 90 8.49 -15.12 -26.92
N TRP C 91 7.63 -14.11 -26.91
CA TRP C 91 7.69 -13.00 -27.86
C TRP C 91 8.89 -12.08 -27.68
N TYR C 92 9.56 -12.20 -26.53
CA TYR C 92 10.67 -11.30 -26.21
C TYR C 92 12.01 -11.70 -26.85
N HIS C 93 12.58 -12.81 -26.42
CA HIS C 93 13.86 -13.27 -26.95
C HIS C 93 13.76 -14.68 -27.52
N ALA C 94 12.52 -15.11 -27.77
CA ALA C 94 12.24 -16.41 -28.37
C ALA C 94 12.64 -17.70 -27.66
N TRP C 95 12.69 -17.68 -26.33
CA TRP C 95 13.00 -18.90 -25.60
C TRP C 95 11.78 -19.76 -25.88
N THR C 96 12.00 -21.01 -26.32
CA THR C 96 10.91 -21.89 -26.69
C THR C 96 10.75 -23.10 -25.77
N TYR C 97 9.52 -23.30 -25.30
CA TYR C 97 9.23 -24.39 -24.38
C TYR C 97 8.22 -25.38 -24.96
N ARG C 98 8.34 -26.63 -24.54
CA ARG C 98 7.42 -27.67 -24.97
C ARG C 98 6.24 -27.70 -24.01
N TRP C 99 5.02 -27.68 -24.54
CA TRP C 99 3.84 -27.71 -23.69
C TRP C 99 3.80 -28.97 -22.85
N GLU C 100 4.31 -30.06 -23.41
CA GLU C 100 4.32 -31.36 -22.74
C GLU C 100 5.12 -31.47 -21.45
N ASP C 101 6.26 -30.80 -21.36
CA ASP C 101 7.06 -30.89 -20.14
C ASP C 101 7.73 -29.58 -19.74
N GLY C 102 7.41 -28.51 -20.46
CA GLY C 102 7.97 -27.20 -20.14
C GLY C 102 9.45 -27.03 -20.40
N VAL C 103 10.10 -28.05 -20.94
CA VAL C 103 11.53 -27.96 -21.22
C VAL C 103 11.86 -26.89 -22.24
N LEU C 104 12.89 -26.08 -21.93
CA LEU C 104 13.35 -25.05 -22.84
C LEU C 104 14.07 -25.86 -23.93
N CYS C 105 13.40 -26.08 -25.05
CA CYS C 105 13.94 -26.90 -26.13
C CYS C 105 14.67 -26.16 -27.25
N ASP C 106 14.47 -24.86 -27.35
CA ASP C 106 15.11 -24.04 -28.37
C ASP C 106 15.10 -22.56 -27.99
N ILE C 107 15.97 -21.78 -28.62
CA ILE C 107 16.05 -20.35 -28.41
C ILE C 107 16.42 -19.77 -29.77
N LEU C 108 15.42 -19.21 -30.45
CA LEU C 108 15.62 -18.66 -31.78
C LEU C 108 16.64 -17.54 -31.88
N THR C 109 16.80 -16.75 -30.83
CA THR C 109 17.75 -15.65 -30.83
C THR C 109 19.19 -16.10 -30.62
N ASN C 110 19.38 -17.36 -30.20
CA ASN C 110 20.72 -17.89 -29.97
C ASN C 110 20.67 -19.42 -29.91
N PRO C 111 20.71 -20.07 -31.08
CA PRO C 111 20.67 -21.54 -31.16
C PRO C 111 21.85 -22.25 -30.50
N THR C 112 22.87 -21.51 -30.10
CA THR C 112 24.04 -22.10 -29.47
C THR C 112 24.05 -21.92 -27.96
N SER C 113 23.03 -21.23 -27.43
CA SER C 113 22.95 -20.98 -26.01
C SER C 113 23.07 -22.23 -25.13
N ALA C 114 23.82 -22.11 -24.05
CA ALA C 114 24.03 -23.21 -23.13
C ALA C 114 22.78 -23.49 -22.28
N GLN C 115 21.82 -22.58 -22.31
CA GLN C 115 20.58 -22.74 -21.54
C GLN C 115 19.66 -23.76 -22.19
N ILE C 116 19.82 -23.95 -23.49
CA ILE C 116 18.97 -24.90 -24.23
C ILE C 116 19.04 -26.30 -23.65
N GLY C 117 17.87 -26.84 -23.34
CA GLY C 117 17.78 -28.17 -22.77
C GLY C 117 18.21 -28.25 -21.33
N ARG C 118 18.52 -27.11 -20.72
CA ARG C 118 18.97 -27.10 -19.33
C ARG C 118 18.11 -26.28 -18.36
N GLN C 119 16.92 -25.89 -18.82
CA GLN C 119 16.00 -25.14 -17.99
C GLN C 119 14.62 -25.74 -18.24
N LYS C 120 13.73 -25.59 -17.27
CA LYS C 120 12.39 -26.14 -17.41
C LYS C 120 11.36 -25.19 -16.80
N LEU C 121 10.37 -24.80 -17.60
CA LEU C 121 9.30 -23.92 -17.16
C LEU C 121 8.32 -24.79 -16.38
N LYS C 122 7.80 -24.25 -15.27
CA LYS C 122 6.86 -24.98 -14.44
C LYS C 122 5.61 -25.42 -15.21
N THR C 123 5.25 -26.69 -15.03
CA THR C 123 4.06 -27.25 -15.65
C THR C 123 3.20 -27.80 -14.51
N TYR C 124 1.89 -27.85 -14.74
CA TYR C 124 0.96 -28.38 -13.75
C TYR C 124 0.02 -29.37 -14.43
N PRO C 125 -0.30 -30.48 -13.75
CA PRO C 125 -1.20 -31.48 -14.32
C PRO C 125 -2.58 -30.88 -14.59
N VAL C 126 -3.19 -31.27 -15.71
CA VAL C 126 -4.52 -30.80 -16.07
C VAL C 126 -5.37 -32.02 -16.40
N GLN C 127 -6.61 -32.04 -15.91
CA GLN C 127 -7.50 -33.16 -16.19
C GLN C 127 -8.91 -32.65 -16.42
N GLU C 128 -9.59 -33.24 -17.40
CA GLU C 128 -10.97 -32.88 -17.71
C GLU C 128 -11.88 -33.98 -17.21
N ALA C 129 -12.95 -33.59 -16.53
CA ALA C 129 -13.91 -34.55 -16.01
C ALA C 129 -15.28 -33.85 -15.89
N LYS C 130 -16.32 -34.52 -16.37
CA LYS C 130 -17.67 -33.98 -16.32
C LYS C 130 -17.76 -32.60 -17.00
N GLY C 131 -16.98 -32.41 -18.05
CA GLY C 131 -17.00 -31.14 -18.76
C GLY C 131 -16.30 -30.01 -18.04
N CYS C 132 -15.59 -30.34 -16.96
CA CYS C 132 -14.87 -29.35 -16.16
C CYS C 132 -13.36 -29.55 -16.25
N VAL C 133 -12.64 -28.44 -16.34
CA VAL C 133 -11.19 -28.47 -16.42
C VAL C 133 -10.56 -28.27 -15.04
N PHE C 134 -9.87 -29.30 -14.54
CA PHE C 134 -9.20 -29.25 -13.25
C PHE C 134 -7.69 -29.15 -13.38
N ILE C 135 -7.09 -28.23 -12.61
CA ILE C 135 -5.65 -28.07 -12.61
C ILE C 135 -5.14 -28.44 -11.23
N TYR C 136 -4.09 -29.27 -11.18
CA TYR C 136 -3.51 -29.65 -9.90
C TYR C 136 -2.42 -28.63 -9.62
N LEU C 137 -2.74 -27.62 -8.81
CA LEU C 137 -1.76 -26.59 -8.49
C LEU C 137 -0.93 -27.15 -7.35
N GLY C 138 0.03 -28.00 -7.71
CA GLY C 138 0.88 -28.62 -6.71
C GLY C 138 2.13 -29.18 -7.33
N ASP C 139 2.98 -29.79 -6.50
CA ASP C 139 4.25 -30.35 -6.95
C ASP C 139 4.28 -31.86 -6.84
N GLY C 140 5.01 -32.51 -7.74
CA GLY C 140 5.10 -33.96 -7.72
C GLY C 140 3.92 -34.62 -8.38
N ASP C 141 3.86 -35.94 -8.32
CA ASP C 141 2.76 -36.68 -8.92
C ASP C 141 1.47 -36.40 -8.17
N PRO C 142 0.41 -36.02 -8.91
CA PRO C 142 -0.89 -35.72 -8.31
C PRO C 142 -1.66 -36.93 -7.81
N PRO C 143 -2.55 -36.71 -6.83
CA PRO C 143 -3.37 -37.79 -6.27
C PRO C 143 -4.58 -37.93 -7.18
N PRO C 144 -5.42 -38.95 -6.95
CA PRO C 144 -6.60 -39.10 -7.80
C PRO C 144 -7.48 -37.87 -7.64
N LEU C 145 -8.11 -37.43 -8.72
CA LEU C 145 -8.99 -36.25 -8.68
C LEU C 145 -10.10 -36.47 -7.65
N ALA C 146 -10.59 -37.70 -7.56
CA ALA C 146 -11.66 -38.04 -6.63
C ALA C 146 -11.39 -37.55 -5.21
N ARG C 147 -10.12 -37.46 -4.83
CA ARG C 147 -9.77 -37.01 -3.47
C ARG C 147 -10.25 -35.59 -3.21
N ASP C 148 -10.19 -34.74 -4.23
CA ASP C 148 -10.58 -33.34 -4.08
C ASP C 148 -11.94 -33.00 -4.65
N THR C 149 -12.84 -33.98 -4.72
CA THR C 149 -14.17 -33.74 -5.24
C THR C 149 -15.19 -34.30 -4.24
N PRO C 150 -16.39 -33.74 -4.18
CA PRO C 150 -17.41 -34.23 -3.25
C PRO C 150 -17.97 -35.55 -3.73
N PRO C 151 -18.50 -36.37 -2.82
CA PRO C 151 -19.05 -37.66 -3.24
C PRO C 151 -20.13 -37.46 -4.31
N ASN C 152 -20.19 -38.41 -5.24
CA ASN C 152 -21.16 -38.42 -6.34
C ASN C 152 -20.93 -37.48 -7.51
N PHE C 153 -20.01 -36.53 -7.36
CA PHE C 153 -19.75 -35.61 -8.47
C PHE C 153 -19.26 -36.39 -9.68
N LEU C 154 -18.49 -37.45 -9.44
CA LEU C 154 -17.94 -38.26 -10.52
C LEU C 154 -18.77 -39.48 -10.92
N ASP C 155 -19.96 -39.63 -10.34
CA ASP C 155 -20.80 -40.78 -10.68
C ASP C 155 -21.04 -40.87 -12.19
N ASP C 156 -21.08 -42.10 -12.70
CA ASP C 156 -21.28 -42.37 -14.13
C ASP C 156 -22.42 -41.59 -14.81
N ASP C 157 -23.62 -41.68 -14.24
CA ASP C 157 -24.79 -41.02 -14.83
C ASP C 157 -25.05 -39.59 -14.41
N MET C 158 -24.22 -39.06 -13.50
CA MET C 158 -24.42 -37.69 -13.04
C MET C 158 -24.04 -36.68 -14.13
N GLU C 159 -25.05 -36.03 -14.71
CA GLU C 159 -24.80 -35.03 -15.74
C GLU C 159 -24.52 -33.69 -15.07
N ILE C 160 -23.38 -33.10 -15.37
CA ILE C 160 -22.96 -31.83 -14.79
C ILE C 160 -23.03 -30.64 -15.74
N LEU C 161 -23.73 -29.58 -15.29
CA LEU C 161 -23.85 -28.35 -16.05
C LEU C 161 -23.53 -27.24 -15.08
N GLY C 162 -23.07 -26.09 -15.57
CA GLY C 162 -22.75 -25.03 -14.65
C GLY C 162 -22.46 -23.66 -15.22
N LYS C 163 -21.91 -22.82 -14.35
CA LYS C 163 -21.56 -21.44 -14.67
C LYS C 163 -20.38 -21.07 -13.80
N ASN C 164 -19.49 -20.23 -14.32
CA ASN C 164 -18.32 -19.81 -13.55
C ASN C 164 -18.15 -18.30 -13.72
N GLN C 165 -17.62 -17.66 -12.68
CA GLN C 165 -17.39 -16.22 -12.73
C GLN C 165 -16.40 -15.83 -11.64
N ILE C 166 -15.87 -14.62 -11.76
CA ILE C 166 -14.91 -14.14 -10.77
C ILE C 166 -15.63 -13.25 -9.77
N ILE C 167 -15.45 -13.55 -8.49
CA ILE C 167 -16.10 -12.79 -7.42
C ILE C 167 -15.05 -12.10 -6.56
N LYS C 168 -15.34 -10.85 -6.18
CA LYS C 168 -14.41 -10.08 -5.38
C LYS C 168 -14.47 -10.27 -3.86
N SER C 169 -13.95 -11.41 -3.41
CA SER C 169 -13.83 -11.72 -1.99
C SER C 169 -12.84 -12.86 -1.88
N ASN C 170 -12.22 -12.98 -0.72
CA ASN C 170 -11.27 -14.06 -0.48
C ASN C 170 -12.08 -15.36 -0.52
N TRP C 171 -11.45 -16.43 -0.98
CA TRP C 171 -12.11 -17.73 -1.08
C TRP C 171 -12.70 -18.28 0.22
N ARG C 172 -12.06 -18.00 1.35
CA ARG C 172 -12.55 -18.52 2.61
C ARG C 172 -13.89 -17.92 3.04
N LEU C 173 -14.12 -16.66 2.69
CA LEU C 173 -15.40 -16.02 3.04
C LEU C 173 -16.51 -16.72 2.25
N ALA C 174 -16.21 -17.11 1.02
CA ALA C 174 -17.19 -17.80 0.18
C ALA C 174 -17.47 -19.20 0.73
N VAL C 175 -16.42 -19.89 1.17
CA VAL C 175 -16.58 -21.23 1.74
C VAL C 175 -17.43 -21.19 3.01
N GLU C 176 -17.09 -20.30 3.94
CA GLU C 176 -17.83 -20.23 5.19
C GLU C 176 -19.28 -19.83 4.99
N ASN C 177 -19.54 -18.87 4.10
CA ASN C 177 -20.90 -18.46 3.83
C ASN C 177 -21.70 -19.67 3.32
N GLY C 178 -21.12 -20.38 2.37
CA GLY C 178 -21.78 -21.55 1.80
C GLY C 178 -22.15 -22.66 2.78
N PHE C 179 -21.26 -22.92 3.73
CA PHE C 179 -21.47 -23.97 4.74
C PHE C 179 -22.13 -23.44 6.02
N ASP C 180 -22.41 -22.14 6.05
CA ASP C 180 -23.03 -21.46 7.19
C ASP C 180 -24.50 -21.89 7.34
N PRO C 181 -24.83 -22.70 8.36
CA PRO C 181 -26.22 -23.14 8.53
C PRO C 181 -27.27 -22.03 8.62
N SER C 182 -26.97 -20.99 9.39
CA SER C 182 -27.93 -19.91 9.58
C SER C 182 -28.00 -18.86 8.48
N HIS C 183 -27.06 -18.86 7.53
CA HIS C 183 -27.11 -17.84 6.49
C HIS C 183 -28.31 -18.03 5.58
N ILE C 184 -28.98 -19.18 5.74
CA ILE C 184 -30.17 -19.49 4.96
C ILE C 184 -31.17 -18.32 5.05
N TYR C 185 -31.04 -17.53 6.10
CA TYR C 185 -31.90 -16.35 6.31
C TYR C 185 -31.84 -15.37 5.14
N ILE C 186 -30.68 -15.22 4.50
CA ILE C 186 -30.54 -14.29 3.39
C ILE C 186 -31.30 -14.74 2.13
N HIS C 187 -31.72 -16.00 2.11
CA HIS C 187 -32.44 -16.55 0.96
C HIS C 187 -33.95 -16.60 1.11
N LYS C 188 -34.47 -16.07 2.21
CA LYS C 188 -35.91 -16.11 2.46
C LYS C 188 -36.80 -15.51 1.36
N ASP C 189 -36.28 -14.55 0.61
CA ASP C 189 -37.06 -13.93 -0.46
C ASP C 189 -36.65 -14.32 -1.89
N SER C 190 -35.78 -15.31 -2.02
CA SER C 190 -35.33 -15.75 -3.34
C SER C 190 -36.49 -16.20 -4.19
N ILE C 191 -36.46 -15.85 -5.48
CA ILE C 191 -37.53 -16.25 -6.39
C ILE C 191 -37.65 -17.77 -6.46
N LEU C 192 -36.56 -18.47 -6.19
CA LEU C 192 -36.55 -19.92 -6.22
C LEU C 192 -37.47 -20.52 -5.16
N VAL C 193 -37.56 -19.86 -4.01
CA VAL C 193 -38.41 -20.34 -2.91
C VAL C 193 -39.87 -20.43 -3.34
N LYS C 194 -40.40 -19.33 -3.84
CA LYS C 194 -41.78 -19.26 -4.30
C LYS C 194 -41.99 -19.94 -5.66
N ASP C 195 -41.12 -19.64 -6.62
CA ASP C 195 -41.25 -20.22 -7.95
C ASP C 195 -41.00 -21.72 -8.07
N ASN C 196 -40.38 -22.33 -7.05
CA ASN C 196 -40.16 -23.77 -7.10
C ASN C 196 -40.75 -24.46 -5.88
N ASP C 197 -41.71 -23.79 -5.23
CA ASP C 197 -42.42 -24.33 -4.07
C ASP C 197 -41.53 -25.01 -3.04
N LEU C 198 -40.52 -24.29 -2.56
CA LEU C 198 -39.59 -24.85 -1.58
C LEU C 198 -40.00 -24.64 -0.13
N ALA C 199 -39.63 -25.61 0.70
CA ALA C 199 -39.86 -25.51 2.12
C ALA C 199 -38.51 -24.96 2.55
N LEU C 200 -38.50 -23.83 3.24
CA LEU C 200 -37.23 -23.24 3.66
C LEU C 200 -37.37 -22.52 5.00
N PRO C 201 -36.72 -23.06 6.06
CA PRO C 201 -36.85 -22.38 7.35
C PRO C 201 -35.97 -21.13 7.37
N LEU C 202 -36.11 -20.33 8.43
CA LEU C 202 -35.33 -19.10 8.59
C LEU C 202 -34.03 -19.39 9.30
N GLY C 203 -34.00 -20.49 10.05
CA GLY C 203 -32.81 -20.84 10.79
C GLY C 203 -33.01 -22.12 11.58
N PHE C 204 -32.19 -22.32 12.60
CA PHE C 204 -32.25 -23.53 13.41
C PHE C 204 -31.96 -23.32 14.88
N ALA C 205 -32.69 -24.04 15.72
CA ALA C 205 -32.47 -24.01 17.16
C ALA C 205 -31.73 -25.33 17.38
N PRO C 206 -30.39 -25.26 17.58
CA PRO C 206 -29.57 -26.45 17.80
C PRO C 206 -30.03 -27.35 18.94
N GLY C 207 -29.70 -28.63 18.83
CA GLY C 207 -30.04 -29.59 19.87
C GLY C 207 -28.89 -30.56 20.02
N GLY C 208 -28.79 -31.22 21.17
CA GLY C 208 -27.70 -32.16 21.40
C GLY C 208 -26.38 -31.48 21.71
N ASP C 209 -25.28 -32.26 21.74
CA ASP C 209 -23.98 -31.70 22.05
C ASP C 209 -23.22 -31.22 20.81
N ARG C 210 -22.05 -30.61 21.05
CA ARG C 210 -21.22 -30.09 19.96
C ARG C 210 -20.86 -31.14 18.92
N LYS C 211 -20.34 -32.27 19.38
CA LYS C 211 -19.94 -33.35 18.48
C LYS C 211 -21.05 -33.73 17.50
N GLN C 212 -22.30 -33.69 17.95
CA GLN C 212 -23.44 -34.06 17.13
C GLN C 212 -23.84 -33.04 16.06
N GLN C 213 -23.31 -31.83 16.15
CA GLN C 213 -23.67 -30.79 15.18
C GLN C 213 -23.09 -31.06 13.80
N THR C 214 -22.04 -31.88 13.75
CA THR C 214 -21.40 -32.20 12.48
C THR C 214 -20.87 -33.63 12.46
N ARG C 215 -20.34 -34.02 11.30
CA ARG C 215 -19.73 -35.33 11.13
C ARG C 215 -18.47 -35.07 10.32
N VAL C 216 -17.33 -35.20 10.99
CA VAL C 216 -16.05 -34.97 10.35
C VAL C 216 -15.65 -36.23 9.59
N VAL C 217 -15.42 -36.08 8.29
CA VAL C 217 -15.04 -37.20 7.46
C VAL C 217 -13.54 -37.22 7.18
N ASP C 218 -12.86 -38.24 7.72
CA ASP C 218 -11.43 -38.41 7.52
C ASP C 218 -11.15 -39.89 7.34
N ASP C 219 -12.21 -40.66 7.08
CA ASP C 219 -12.10 -42.10 6.90
C ASP C 219 -12.53 -42.51 5.49
N ASP C 220 -12.84 -41.54 4.64
CA ASP C 220 -13.25 -41.87 3.28
C ASP C 220 -12.11 -42.63 2.61
N VAL C 221 -12.46 -43.71 1.92
CA VAL C 221 -11.47 -44.54 1.26
C VAL C 221 -10.72 -43.84 0.12
N VAL C 222 -11.36 -42.87 -0.52
CA VAL C 222 -10.69 -42.16 -1.62
C VAL C 222 -9.79 -41.05 -1.07
N GLY C 223 -9.83 -40.85 0.24
CA GLY C 223 -9.00 -39.85 0.86
C GLY C 223 -9.60 -38.46 0.99
N ARG C 224 -10.84 -38.26 0.55
CA ARG C 224 -11.45 -36.94 0.67
C ARG C 224 -11.67 -36.56 2.12
N LYS C 225 -11.48 -35.28 2.42
CA LYS C 225 -11.63 -34.77 3.77
C LYS C 225 -12.71 -33.69 3.78
N GLY C 226 -13.69 -33.83 4.67
CA GLY C 226 -14.75 -32.85 4.72
C GLY C 226 -15.59 -32.88 5.98
N VAL C 227 -16.65 -32.08 5.99
CA VAL C 227 -17.54 -32.00 7.13
C VAL C 227 -19.00 -31.91 6.70
N TYR C 228 -19.86 -32.66 7.39
CA TYR C 228 -21.29 -32.64 7.12
C TYR C 228 -21.98 -31.79 8.18
N ASP C 229 -22.94 -30.98 7.74
CA ASP C 229 -23.70 -30.12 8.64
C ASP C 229 -24.92 -30.89 9.12
N LEU C 230 -24.89 -31.33 10.37
CA LEU C 230 -26.01 -32.11 10.93
C LEU C 230 -26.85 -31.32 11.94
N ILE C 231 -26.84 -30.01 11.82
CA ILE C 231 -27.61 -29.18 12.75
C ILE C 231 -29.09 -29.55 12.80
N GLY C 232 -29.61 -30.06 11.69
CA GLY C 232 -31.01 -30.43 11.63
C GLY C 232 -31.39 -31.79 12.18
N GLU C 233 -30.41 -32.54 12.71
CA GLU C 233 -30.70 -33.88 13.25
C GLU C 233 -31.15 -33.86 14.71
N HIS C 234 -30.97 -32.72 15.37
CA HIS C 234 -31.37 -32.59 16.77
C HIS C 234 -31.94 -31.20 16.99
N GLY C 235 -31.74 -30.35 16.01
CA GLY C 235 -32.24 -29.00 16.10
C GLY C 235 -33.63 -28.85 15.53
N VAL C 236 -34.37 -27.89 16.06
CA VAL C 236 -35.72 -27.61 15.61
C VAL C 236 -35.62 -26.47 14.59
N PRO C 237 -36.14 -26.68 13.38
CA PRO C 237 -36.06 -25.60 12.37
C PRO C 237 -36.90 -24.40 12.80
N VAL C 238 -36.45 -23.21 12.42
CA VAL C 238 -37.17 -22.00 12.77
C VAL C 238 -38.02 -21.56 11.60
N PHE C 239 -39.33 -21.52 11.80
CA PHE C 239 -40.25 -21.09 10.75
C PHE C 239 -40.97 -19.80 11.14
N GLU C 240 -40.91 -19.45 12.43
CA GLU C 240 -41.52 -18.23 12.92
C GLU C 240 -40.45 -17.37 13.59
N GLY C 241 -40.03 -16.32 12.90
CA GLY C 241 -39.01 -15.44 13.45
C GLY C 241 -39.64 -14.41 14.35
N THR C 242 -39.16 -14.31 15.59
CA THR C 242 -39.73 -13.38 16.54
C THR C 242 -38.81 -12.32 17.13
N ILE C 243 -39.39 -11.18 17.46
CA ILE C 243 -38.67 -10.10 18.12
C ILE C 243 -39.55 -9.76 19.32
N GLY C 244 -39.01 -9.90 20.52
CA GLY C 244 -39.80 -9.61 21.70
C GLY C 244 -40.95 -10.60 21.81
N GLY C 245 -40.74 -11.80 21.29
CA GLY C 245 -41.77 -12.83 21.33
C GLY C 245 -42.87 -12.72 20.28
N GLU C 246 -42.81 -11.65 19.48
CA GLU C 246 -43.81 -11.42 18.45
C GLU C 246 -43.30 -11.82 17.07
N VAL C 247 -44.14 -12.52 16.31
CA VAL C 247 -43.76 -12.98 14.98
C VAL C 247 -43.67 -11.85 13.95
N VAL C 248 -42.48 -11.66 13.39
CA VAL C 248 -42.26 -10.60 12.40
C VAL C 248 -41.93 -11.14 11.01
N ARG C 249 -41.62 -12.43 10.95
CA ARG C 249 -41.29 -13.07 9.67
C ARG C 249 -41.42 -14.58 9.77
N GLU C 250 -41.94 -15.19 8.71
CA GLU C 250 -42.07 -16.64 8.68
C GLU C 250 -41.25 -17.21 7.54
N GLY C 251 -40.91 -18.49 7.66
CA GLY C 251 -40.15 -19.16 6.62
C GLY C 251 -41.09 -19.57 5.49
N ALA C 252 -40.61 -20.42 4.60
CA ALA C 252 -41.40 -20.89 3.47
C ALA C 252 -41.95 -22.29 3.74
N TYR C 253 -43.24 -22.47 3.50
CA TYR C 253 -43.91 -23.74 3.74
C TYR C 253 -44.22 -24.50 2.45
N GLY C 254 -43.26 -24.52 1.54
CA GLY C 254 -43.44 -25.22 0.29
C GLY C 254 -43.40 -26.73 0.48
N GLU C 255 -43.79 -27.46 -0.56
CA GLU C 255 -43.81 -28.91 -0.52
C GLU C 255 -42.47 -29.59 -0.77
N LYS C 256 -41.65 -29.00 -1.65
CA LYS C 256 -40.36 -29.60 -1.97
C LYS C 256 -39.33 -29.47 -0.85
N ILE C 257 -38.84 -30.61 -0.39
CA ILE C 257 -37.85 -30.68 0.68
C ILE C 257 -36.47 -30.72 0.04
N VAL C 258 -35.61 -29.77 0.41
CA VAL C 258 -34.27 -29.72 -0.16
C VAL C 258 -33.19 -29.34 0.86
N ALA C 259 -31.94 -29.48 0.43
CA ALA C 259 -30.78 -29.12 1.24
C ALA C 259 -30.75 -29.63 2.68
N ASN C 260 -31.02 -30.92 2.87
CA ASN C 260 -30.97 -31.48 4.21
C ASN C 260 -29.72 -32.36 4.32
N ASP C 261 -28.88 -32.25 3.29
CA ASP C 261 -27.64 -32.98 3.21
C ASP C 261 -26.60 -31.98 2.69
N ILE C 262 -25.91 -31.31 3.61
CA ILE C 262 -24.92 -30.31 3.23
C ILE C 262 -23.52 -30.66 3.75
N SER C 263 -22.52 -30.57 2.87
CA SER C 263 -21.16 -30.89 3.25
C SER C 263 -20.13 -30.04 2.53
N ILE C 264 -19.05 -29.72 3.23
CA ILE C 264 -17.97 -28.93 2.66
C ILE C 264 -16.75 -29.84 2.62
N TRP C 265 -15.98 -29.77 1.54
CA TRP C 265 -14.81 -30.61 1.37
C TRP C 265 -13.58 -29.83 0.92
N LEU C 266 -12.40 -30.31 1.32
CA LEU C 266 -11.15 -29.68 0.89
C LEU C 266 -11.07 -29.99 -0.61
N PRO C 267 -10.47 -29.08 -1.40
CA PRO C 267 -9.83 -27.83 -1.02
C PRO C 267 -10.80 -26.67 -0.77
N GLY C 268 -12.09 -26.91 -1.01
CA GLY C 268 -13.08 -25.87 -0.82
C GLY C 268 -14.22 -26.00 -1.79
N VAL C 269 -14.99 -27.08 -1.64
CA VAL C 269 -16.14 -27.33 -2.51
C VAL C 269 -17.31 -27.79 -1.64
N LEU C 270 -18.47 -27.19 -1.88
CA LEU C 270 -19.67 -27.51 -1.12
C LEU C 270 -20.62 -28.40 -1.92
N LYS C 271 -21.28 -29.32 -1.22
CA LYS C 271 -22.26 -30.20 -1.84
C LYS C 271 -23.57 -30.02 -1.09
N VAL C 272 -24.62 -29.65 -1.81
CA VAL C 272 -25.95 -29.45 -1.22
C VAL C 272 -26.87 -30.45 -1.91
N ASN C 273 -27.47 -31.33 -1.11
CA ASN C 273 -28.33 -32.37 -1.64
C ASN C 273 -29.59 -32.64 -0.82
N PRO C 274 -30.76 -32.65 -1.47
CA PRO C 274 -30.94 -32.39 -2.91
C PRO C 274 -31.17 -30.89 -3.08
N PHE C 275 -30.75 -30.35 -4.22
CA PHE C 275 -30.90 -28.92 -4.50
C PHE C 275 -30.55 -28.66 -5.96
N PRO C 276 -31.24 -27.71 -6.62
CA PRO C 276 -32.33 -26.86 -6.14
C PRO C 276 -33.68 -27.54 -6.25
N ASN C 277 -33.66 -28.82 -6.66
CA ASN C 277 -34.88 -29.60 -6.80
C ASN C 277 -34.64 -30.95 -6.13
N PRO C 278 -35.71 -31.60 -5.66
CA PRO C 278 -35.56 -32.90 -4.99
C PRO C 278 -34.82 -33.99 -5.77
N ASP C 279 -34.67 -33.80 -7.08
CA ASP C 279 -33.98 -34.80 -7.89
C ASP C 279 -32.64 -34.32 -8.43
N MET C 280 -32.11 -33.24 -7.85
CA MET C 280 -30.83 -32.68 -8.28
C MET C 280 -29.84 -32.48 -7.15
N MET C 281 -28.61 -32.14 -7.51
CA MET C 281 -27.54 -31.89 -6.56
C MET C 281 -26.75 -30.66 -7.00
N GLN C 282 -26.24 -29.90 -6.04
CA GLN C 282 -25.42 -28.74 -6.37
C GLN C 282 -24.04 -28.91 -5.77
N PHE C 283 -23.02 -28.70 -6.59
CA PHE C 283 -21.62 -28.79 -6.18
C PHE C 283 -20.99 -27.47 -6.59
N GLU C 284 -20.47 -26.71 -5.63
CA GLU C 284 -19.84 -25.45 -6.00
C GLU C 284 -18.48 -25.24 -5.35
N TRP C 285 -17.54 -24.78 -6.15
CA TRP C 285 -16.18 -24.52 -5.70
C TRP C 285 -15.96 -23.01 -5.54
N TYR C 286 -15.09 -22.67 -4.60
CA TYR C 286 -14.71 -21.28 -4.35
C TYR C 286 -13.19 -21.36 -4.50
N VAL C 287 -12.73 -21.17 -5.74
CA VAL C 287 -11.32 -21.29 -6.11
C VAL C 287 -10.51 -20.01 -5.93
N PRO C 288 -9.42 -20.09 -5.14
CA PRO C 288 -8.55 -18.93 -4.90
C PRO C 288 -7.86 -18.46 -6.17
N ILE C 289 -8.03 -17.18 -6.51
CA ILE C 289 -7.38 -16.58 -7.67
C ILE C 289 -6.19 -15.77 -7.11
N ASP C 290 -6.49 -14.99 -6.08
CA ASP C 290 -5.47 -14.24 -5.36
C ASP C 290 -6.07 -13.96 -3.98
N GLU C 291 -5.41 -13.13 -3.17
CA GLU C 291 -5.92 -12.88 -1.83
C GLU C 291 -7.30 -12.22 -1.77
N ASN C 292 -7.69 -11.54 -2.83
CA ASN C 292 -8.95 -10.80 -2.85
C ASN C 292 -10.07 -11.33 -3.74
N THR C 293 -9.79 -12.37 -4.52
CA THR C 293 -10.79 -12.87 -5.45
C THR C 293 -10.81 -14.38 -5.56
N HIS C 294 -11.94 -14.89 -6.05
CA HIS C 294 -12.08 -16.33 -6.23
C HIS C 294 -13.00 -16.64 -7.39
N TYR C 295 -12.88 -17.85 -7.92
CA TYR C 295 -13.80 -18.29 -8.96
C TYR C 295 -14.98 -18.91 -8.22
N TYR C 296 -16.18 -18.53 -8.61
CA TYR C 296 -17.37 -19.11 -8.01
C TYR C 296 -17.80 -20.10 -9.10
N PHE C 297 -17.29 -21.32 -8.97
CA PHE C 297 -17.53 -22.39 -9.94
C PHE C 297 -18.75 -23.20 -9.51
N GLN C 298 -19.90 -22.88 -10.07
CA GLN C 298 -21.15 -23.55 -9.75
C GLN C 298 -21.50 -24.68 -10.71
N THR C 299 -21.95 -25.80 -10.17
CA THR C 299 -22.40 -26.90 -11.02
C THR C 299 -23.65 -27.51 -10.40
N LEU C 300 -24.52 -28.00 -11.26
CA LEU C 300 -25.75 -28.66 -10.84
C LEU C 300 -25.70 -30.01 -11.51
N GLY C 301 -25.96 -31.06 -10.74
CA GLY C 301 -25.93 -32.40 -11.30
C GLY C 301 -27.29 -33.05 -11.24
N LYS C 302 -27.59 -33.85 -12.25
CA LYS C 302 -28.86 -34.58 -12.32
C LYS C 302 -28.61 -35.86 -13.09
N PRO C 303 -28.95 -37.01 -12.50
CA PRO C 303 -28.74 -38.28 -13.20
C PRO C 303 -29.51 -38.30 -14.52
N CYS C 304 -28.82 -38.70 -15.59
CA CYS C 304 -29.41 -38.80 -16.91
C CYS C 304 -28.93 -40.14 -17.47
N ALA C 305 -29.84 -40.88 -18.12
CA ALA C 305 -29.51 -42.18 -18.67
C ALA C 305 -29.14 -42.20 -20.14
N ASN C 306 -29.44 -41.12 -20.85
CA ASN C 306 -29.15 -41.06 -22.28
C ASN C 306 -29.14 -39.63 -22.82
N ASP C 307 -28.73 -39.50 -24.07
CA ASP C 307 -28.67 -38.19 -24.72
C ASP C 307 -30.00 -37.46 -24.68
N GLU C 308 -31.08 -38.23 -24.76
CA GLU C 308 -32.42 -37.65 -24.74
C GLU C 308 -32.65 -36.96 -23.39
N GLU C 309 -32.29 -37.65 -22.31
CA GLU C 309 -32.45 -37.11 -20.97
C GLU C 309 -31.48 -35.98 -20.65
N ARG C 310 -30.20 -36.16 -20.99
CA ARG C 310 -29.24 -35.11 -20.70
C ARG C 310 -29.51 -33.87 -21.55
N LYS C 311 -30.22 -34.05 -22.66
CA LYS C 311 -30.55 -32.92 -23.52
C LYS C 311 -31.74 -32.17 -22.92
N LYS C 312 -32.66 -32.92 -22.34
CA LYS C 312 -33.83 -32.33 -21.71
C LYS C 312 -33.37 -31.52 -20.52
N TYR C 313 -32.42 -32.08 -19.78
CA TYR C 313 -31.86 -31.43 -18.60
C TYR C 313 -31.18 -30.13 -18.98
N GLU C 314 -30.41 -30.14 -20.06
CA GLU C 314 -29.72 -28.94 -20.51
C GLU C 314 -30.71 -27.82 -20.82
N GLN C 315 -31.82 -28.16 -21.46
CA GLN C 315 -32.82 -27.16 -21.79
C GLN C 315 -33.46 -26.60 -20.53
N GLU C 316 -33.72 -27.46 -19.56
CA GLU C 316 -34.31 -27.04 -18.28
C GLU C 316 -33.31 -26.16 -17.53
N PHE C 317 -32.03 -26.49 -17.66
CA PHE C 317 -30.94 -25.76 -17.01
C PHE C 317 -30.88 -24.32 -17.51
N GLU C 318 -30.92 -24.15 -18.83
CA GLU C 318 -30.85 -22.82 -19.44
C GLU C 318 -32.08 -21.96 -19.20
N SER C 319 -33.25 -22.58 -19.25
CA SER C 319 -34.51 -21.86 -19.08
C SER C 319 -34.98 -21.67 -17.64
N LYS C 320 -34.54 -22.54 -16.74
CA LYS C 320 -34.98 -22.44 -15.35
C LYS C 320 -33.90 -22.46 -14.27
N TRP C 321 -33.21 -23.58 -14.12
CA TRP C 321 -32.20 -23.74 -13.08
C TRP C 321 -31.12 -22.68 -13.02
N LYS C 322 -30.55 -22.30 -14.17
CA LYS C 322 -29.50 -21.29 -14.17
C LYS C 322 -30.07 -19.94 -13.71
N PRO C 323 -31.10 -19.43 -14.38
CA PRO C 323 -31.65 -18.14 -13.96
C PRO C 323 -32.37 -18.15 -12.61
N MET C 324 -33.08 -19.23 -12.31
CA MET C 324 -33.84 -19.29 -11.06
C MET C 324 -33.05 -19.72 -9.83
N ALA C 325 -32.10 -20.63 -10.00
CA ALA C 325 -31.32 -21.11 -8.86
C ALA C 325 -29.91 -20.54 -8.79
N LEU C 326 -29.06 -20.88 -9.76
CA LEU C 326 -27.69 -20.38 -9.75
C LEU C 326 -27.62 -18.88 -9.61
N GLU C 327 -28.54 -18.18 -10.26
CA GLU C 327 -28.54 -16.74 -10.17
C GLU C 327 -29.62 -16.27 -9.20
N GLY C 328 -30.86 -16.69 -9.41
CA GLY C 328 -31.94 -16.29 -8.53
C GLY C 328 -31.77 -16.62 -7.06
N PHE C 329 -31.06 -17.70 -6.76
CA PHE C 329 -30.85 -18.09 -5.37
C PHE C 329 -29.48 -17.67 -4.86
N ASN C 330 -28.42 -18.03 -5.58
CA ASN C 330 -27.06 -17.72 -5.15
C ASN C 330 -26.56 -16.30 -5.32
N ASN C 331 -27.25 -15.46 -6.09
CA ASN C 331 -26.77 -14.09 -6.24
C ASN C 331 -26.66 -13.41 -4.88
N ASP C 332 -27.55 -13.76 -3.95
CA ASP C 332 -27.48 -13.15 -2.63
C ASP C 332 -26.22 -13.59 -1.88
N ASP C 333 -25.73 -14.78 -2.19
CA ASP C 333 -24.50 -15.27 -1.54
C ASP C 333 -23.32 -14.41 -1.98
N ILE C 334 -23.36 -13.94 -3.21
CA ILE C 334 -22.28 -13.12 -3.73
C ILE C 334 -22.10 -11.82 -2.95
N TRP C 335 -23.16 -11.05 -2.76
CA TRP C 335 -22.98 -9.81 -2.01
C TRP C 335 -22.78 -10.05 -0.52
N ALA C 336 -23.26 -11.20 -0.02
CA ALA C 336 -23.07 -11.53 1.40
C ALA C 336 -21.56 -11.71 1.62
N ARG C 337 -20.90 -12.40 0.68
CA ARG C 337 -19.46 -12.62 0.77
C ARG C 337 -18.73 -11.29 0.72
N GLU C 338 -19.12 -10.43 -0.21
CA GLU C 338 -18.50 -9.12 -0.37
C GLU C 338 -18.66 -8.27 0.88
N ALA C 339 -19.77 -8.45 1.58
CA ALA C 339 -20.06 -7.69 2.79
C ALA C 339 -19.11 -7.98 3.94
N MET C 340 -18.48 -9.16 3.94
CA MET C 340 -17.55 -9.53 4.99
C MET C 340 -16.11 -9.13 4.67
N VAL C 341 -15.88 -8.66 3.45
CA VAL C 341 -14.53 -8.30 3.05
C VAL C 341 -13.83 -7.32 3.98
N ASP C 342 -14.44 -6.18 4.25
CA ASP C 342 -13.82 -5.17 5.11
C ASP C 342 -13.38 -5.68 6.47
N PHE C 343 -14.25 -6.41 7.16
CA PHE C 343 -13.95 -6.93 8.49
C PHE C 343 -12.75 -7.88 8.56
N TYR C 344 -12.57 -8.67 7.51
CA TYR C 344 -11.48 -9.64 7.46
C TYR C 344 -10.27 -9.19 6.63
N ALA C 345 -10.42 -8.11 5.88
CA ALA C 345 -9.35 -7.61 5.01
C ALA C 345 -8.02 -7.33 5.71
N ASP C 346 -8.08 -6.84 6.95
CA ASP C 346 -6.87 -6.55 7.70
C ASP C 346 -6.48 -7.75 8.56
N ASP C 347 -7.16 -8.87 8.34
CA ASP C 347 -6.93 -10.11 9.08
C ASP C 347 -7.40 -10.03 10.54
N LYS C 348 -7.98 -8.90 10.93
CA LYS C 348 -8.44 -8.73 12.31
C LYS C 348 -9.78 -9.41 12.59
N GLY C 349 -10.60 -9.59 11.55
CA GLY C 349 -11.89 -10.23 11.72
C GLY C 349 -11.75 -11.65 12.27
N TRP C 350 -10.62 -12.29 11.97
CA TRP C 350 -10.38 -13.66 12.45
C TRP C 350 -10.21 -13.69 13.96
N VAL C 351 -10.05 -12.51 14.57
CA VAL C 351 -9.91 -12.42 16.02
C VAL C 351 -11.14 -11.77 16.65
N ASN C 352 -11.68 -10.73 16.01
CA ASN C 352 -12.81 -9.99 16.57
C ASN C 352 -14.24 -10.50 16.35
N GLU C 353 -14.42 -11.45 15.45
CA GLU C 353 -15.74 -12.03 15.17
C GLU C 353 -16.36 -12.56 16.46
N ILE C 354 -17.69 -12.41 16.60
CA ILE C 354 -18.38 -12.93 17.78
C ILE C 354 -19.33 -14.01 17.23
N LEU C 355 -18.94 -15.27 17.43
CA LEU C 355 -19.70 -16.40 16.90
C LEU C 355 -20.84 -16.88 17.79
N PHE C 356 -21.83 -17.53 17.17
CA PHE C 356 -22.92 -18.11 17.94
C PHE C 356 -23.04 -19.59 17.59
N GLU C 357 -23.96 -20.31 18.24
CA GLU C 357 -24.07 -21.75 18.06
C GLU C 357 -23.94 -22.43 16.70
N SER C 358 -24.66 -21.98 15.69
CA SER C 358 -24.57 -22.62 14.37
C SER C 358 -23.19 -22.52 13.72
N ASP C 359 -22.35 -21.60 14.21
CA ASP C 359 -21.02 -21.45 13.64
C ASP C 359 -20.16 -22.65 14.02
N GLU C 360 -20.73 -23.57 14.79
CA GLU C 360 -20.01 -24.78 15.19
C GLU C 360 -19.59 -25.49 13.91
N ALA C 361 -20.42 -25.39 12.88
CA ALA C 361 -20.13 -26.02 11.60
C ALA C 361 -18.90 -25.39 10.94
N ILE C 362 -18.84 -24.06 10.96
CA ILE C 362 -17.72 -23.34 10.36
C ILE C 362 -16.42 -23.65 11.11
N VAL C 363 -16.49 -23.72 12.43
CA VAL C 363 -15.33 -24.03 13.25
C VAL C 363 -14.79 -25.42 12.92
N ALA C 364 -15.68 -26.39 12.75
CA ALA C 364 -15.28 -27.74 12.40
C ALA C 364 -14.55 -27.72 11.06
N TRP C 365 -15.06 -26.93 10.12
CA TRP C 365 -14.41 -26.83 8.80
C TRP C 365 -13.03 -26.20 8.91
N ARG C 366 -12.92 -25.14 9.71
CA ARG C 366 -11.64 -24.47 9.90
C ARG C 366 -10.61 -25.43 10.48
N LYS C 367 -11.05 -26.27 11.41
CA LYS C 367 -10.15 -27.24 12.02
C LYS C 367 -9.75 -28.33 11.04
N LEU C 368 -10.72 -28.86 10.30
CA LEU C 368 -10.42 -29.90 9.32
C LEU C 368 -9.46 -29.37 8.25
N ALA C 369 -9.73 -28.16 7.76
CA ALA C 369 -8.90 -27.55 6.73
C ALA C 369 -7.48 -27.34 7.22
N SER C 370 -7.36 -26.88 8.46
CA SER C 370 -6.06 -26.63 9.07
C SER C 370 -5.26 -27.92 9.21
N GLU C 371 -5.93 -29.00 9.58
CA GLU C 371 -5.25 -30.28 9.79
C GLU C 371 -5.02 -31.17 8.56
N HIS C 372 -5.88 -31.08 7.56
CA HIS C 372 -5.73 -31.94 6.40
C HIS C 372 -5.41 -31.32 5.06
N ASN C 373 -5.10 -30.02 5.04
CA ASN C 373 -4.78 -29.38 3.78
C ASN C 373 -3.42 -29.95 3.36
N GLN C 374 -3.10 -29.87 2.08
CA GLN C 374 -1.85 -30.43 1.61
C GLN C 374 -0.72 -29.42 1.43
N GLY C 375 -0.89 -28.22 1.97
CA GLY C 375 0.15 -27.22 1.86
C GLY C 375 -0.38 -25.79 1.79
N ILE C 376 0.38 -24.86 2.36
CA ILE C 376 -0.01 -23.45 2.35
C ILE C 376 0.68 -22.70 1.22
N GLN C 377 -0.11 -22.15 0.29
CA GLN C 377 0.47 -21.38 -0.81
C GLN C 377 0.98 -20.07 -0.22
N THR C 378 2.19 -19.69 -0.58
CA THR C 378 2.79 -18.45 -0.09
C THR C 378 3.19 -17.53 -1.23
N GLN C 379 3.45 -16.27 -0.90
CA GLN C 379 3.85 -15.31 -1.91
C GLN C 379 5.16 -15.73 -2.56
N ALA C 380 5.95 -16.51 -1.83
CA ALA C 380 7.22 -16.98 -2.34
C ALA C 380 6.98 -17.99 -3.45
N HIS C 381 5.89 -18.75 -3.37
CA HIS C 381 5.59 -19.71 -4.41
C HIS C 381 5.31 -18.92 -5.68
N VAL C 382 4.71 -17.76 -5.51
CA VAL C 382 4.38 -16.91 -6.65
C VAL C 382 5.59 -16.24 -7.28
N SER C 383 6.47 -15.66 -6.47
CA SER C 383 7.64 -14.99 -7.02
C SER C 383 8.82 -15.92 -7.29
N GLY C 384 8.96 -16.94 -6.46
CA GLY C 384 10.04 -17.89 -6.60
C GLY C 384 10.48 -18.32 -5.21
N LEU C 385 10.40 -19.61 -4.92
CA LEU C 385 10.79 -20.11 -3.60
C LEU C 385 12.18 -19.66 -3.20
N GLU C 386 12.34 -19.32 -1.93
CA GLU C 386 13.61 -18.83 -1.41
C GLU C 386 14.15 -19.73 -0.31
N HIS C 387 15.46 -19.90 -0.31
CA HIS C 387 16.14 -20.72 0.69
C HIS C 387 17.60 -20.30 0.76
N HIS C 388 18.10 -20.09 1.98
CA HIS C 388 19.49 -19.69 2.16
C HIS C 388 20.28 -20.82 2.82
N HIS C 389 21.41 -21.16 2.20
CA HIS C 389 22.28 -22.22 2.72
C HIS C 389 22.44 -22.08 4.24
N HIS C 390 22.01 -23.10 4.97
CA HIS C 390 22.09 -23.07 6.43
C HIS C 390 23.49 -23.45 6.91
N ILE D 4 27.89 47.90 25.00
CA ILE D 4 28.18 46.71 24.14
C ILE D 4 27.67 45.43 24.80
N TRP D 5 28.42 44.93 25.77
CA TRP D 5 28.06 43.70 26.47
C TRP D 5 26.84 43.86 27.38
N LEU D 6 26.14 42.75 27.61
CA LEU D 6 24.95 42.75 28.46
C LEU D 6 25.09 41.75 29.60
N LYS D 7 24.59 42.12 30.77
CA LYS D 7 24.66 41.27 31.94
C LYS D 7 23.60 40.17 31.87
N VAL D 8 24.06 38.92 31.79
CA VAL D 8 23.15 37.78 31.72
C VAL D 8 22.83 37.30 33.13
N CYS D 9 23.82 36.73 33.80
CA CYS D 9 23.64 36.22 35.15
C CYS D 9 24.98 35.87 35.78
N ALA D 10 24.92 35.33 36.99
CA ALA D 10 26.14 34.92 37.69
C ALA D 10 26.47 33.54 37.18
N ALA D 11 27.73 33.31 36.85
CA ALA D 11 28.16 32.01 36.33
C ALA D 11 27.69 30.87 37.22
N SER D 12 27.47 31.18 38.49
CA SER D 12 27.03 30.20 39.48
C SER D 12 25.55 29.85 39.36
N ASP D 13 24.77 30.76 38.80
CA ASP D 13 23.33 30.56 38.64
C ASP D 13 22.97 29.53 37.58
N MET D 14 23.94 29.14 36.75
CA MET D 14 23.68 28.17 35.70
C MET D 14 24.40 26.84 35.92
N GLN D 15 23.62 25.77 36.08
CA GLN D 15 24.18 24.45 36.24
C GLN D 15 24.67 24.00 34.88
N PRO D 16 25.76 23.23 34.83
CA PRO D 16 26.27 22.79 33.53
C PRO D 16 25.17 22.02 32.78
N GLY D 17 25.10 22.22 31.47
CA GLY D 17 24.10 21.54 30.67
C GLY D 17 22.76 22.26 30.62
N THR D 18 22.73 23.52 31.06
CA THR D 18 21.48 24.28 31.05
C THR D 18 21.49 25.42 30.05
N ILE D 19 20.30 25.94 29.76
CA ILE D 19 20.14 27.02 28.80
C ILE D 19 19.44 28.19 29.49
N ARG D 20 19.73 29.40 29.03
CA ARG D 20 19.12 30.59 29.61
C ARG D 20 18.75 31.59 28.52
N ARG D 21 17.46 31.90 28.42
CA ARG D 21 17.00 32.85 27.43
C ARG D 21 17.26 34.28 27.89
N VAL D 22 17.82 35.08 26.99
CA VAL D 22 18.13 36.47 27.29
C VAL D 22 17.27 37.41 26.45
N ASN D 23 16.25 37.99 27.06
CA ASN D 23 15.38 38.92 26.34
C ASN D 23 16.06 40.28 26.25
N ARG D 24 15.99 40.89 25.07
CA ARG D 24 16.61 42.18 24.84
C ARG D 24 15.54 43.17 24.39
N VAL D 25 15.68 44.43 24.81
CA VAL D 25 14.72 45.46 24.45
C VAL D 25 14.92 45.91 23.00
N GLY D 26 13.82 45.95 22.24
CA GLY D 26 13.89 46.37 20.86
C GLY D 26 14.75 45.48 19.98
N ALA D 27 14.93 44.23 20.38
CA ALA D 27 15.75 43.29 19.61
C ALA D 27 15.32 41.84 19.86
N ALA D 28 15.73 40.95 18.96
CA ALA D 28 15.39 39.54 19.07
C ALA D 28 16.10 38.91 20.28
N PRO D 29 15.49 37.88 20.88
CA PRO D 29 16.07 37.19 22.05
C PRO D 29 17.29 36.33 21.74
N LEU D 30 18.16 36.16 22.74
CA LEU D 30 19.34 35.34 22.59
C LEU D 30 19.26 34.17 23.55
N ALA D 31 20.09 33.16 23.33
CA ALA D 31 20.12 31.99 24.19
C ALA D 31 21.54 31.79 24.69
N VAL D 32 21.68 31.57 25.99
CA VAL D 32 22.98 31.35 26.61
C VAL D 32 23.06 29.91 27.08
N TYR D 33 24.12 29.21 26.69
CA TYR D 33 24.28 27.82 27.09
C TYR D 33 25.56 27.63 27.89
N ARG D 34 25.46 26.84 28.95
CA ARG D 34 26.64 26.54 29.75
C ARG D 34 27.01 25.10 29.48
N VAL D 35 28.10 24.89 28.75
CA VAL D 35 28.57 23.55 28.43
C VAL D 35 29.74 23.26 29.34
N GLY D 36 29.48 22.54 30.42
CA GLY D 36 30.54 22.24 31.36
C GLY D 36 30.84 23.48 32.16
N ASP D 37 31.97 24.12 31.86
CA ASP D 37 32.37 25.34 32.56
C ASP D 37 32.58 26.49 31.59
N GLN D 38 32.09 26.32 30.36
CA GLN D 38 32.21 27.32 29.32
C GLN D 38 30.81 27.82 28.94
N PHE D 39 30.72 29.09 28.54
CA PHE D 39 29.43 29.67 28.15
C PHE D 39 29.43 30.07 26.67
N TYR D 40 28.28 29.90 26.03
CA TYR D 40 28.13 30.24 24.62
C TYR D 40 26.81 30.98 24.41
N ALA D 41 26.66 31.62 23.26
CA ALA D 41 25.44 32.35 22.97
C ALA D 41 25.14 32.38 21.48
N THR D 42 23.86 32.29 21.15
CA THR D 42 23.39 32.32 19.77
C THR D 42 22.02 32.98 19.76
N GLU D 43 21.44 33.10 18.57
CA GLU D 43 20.10 33.64 18.44
C GLU D 43 19.23 32.66 19.22
N ASP D 44 18.11 33.11 19.77
CA ASP D 44 17.24 32.19 20.49
C ASP D 44 16.31 31.51 19.50
N THR D 45 15.91 32.25 18.46
CA THR D 45 15.01 31.73 17.46
C THR D 45 15.66 30.76 16.49
N CYS D 46 15.07 29.57 16.37
CA CYS D 46 15.59 28.56 15.47
C CYS D 46 15.50 29.09 14.04
N THR D 47 16.56 28.92 13.27
CA THR D 47 16.60 29.41 11.89
C THR D 47 15.65 28.67 10.96
N HIS D 48 15.12 27.53 11.40
CA HIS D 48 14.21 26.74 10.59
C HIS D 48 12.74 27.15 10.78
N GLY D 49 12.48 28.01 11.76
CA GLY D 49 11.11 28.42 12.00
C GLY D 49 10.97 29.59 12.95
N ILE D 50 10.15 29.40 13.98
CA ILE D 50 9.92 30.45 14.97
C ILE D 50 10.05 29.91 16.40
N ALA D 51 10.65 28.73 16.52
CA ALA D 51 10.82 28.10 17.82
C ALA D 51 11.87 28.80 18.68
N SER D 52 11.72 28.67 19.99
CA SER D 52 12.66 29.24 20.94
C SER D 52 13.60 28.12 21.36
N LEU D 53 14.86 28.22 20.96
CA LEU D 53 15.85 27.20 21.28
C LEU D 53 16.10 27.05 22.78
N SER D 54 15.82 28.09 23.55
CA SER D 54 16.03 28.03 24.98
C SER D 54 15.04 27.03 25.60
N GLU D 55 14.01 26.68 24.84
CA GLU D 55 13.01 25.72 25.30
C GLU D 55 13.36 24.33 24.79
N GLY D 56 14.53 24.21 24.17
CA GLY D 56 14.98 22.95 23.63
C GLY D 56 15.76 22.09 24.61
N THR D 57 16.52 21.14 24.07
CA THR D 57 17.31 20.23 24.90
C THR D 57 18.77 20.31 24.52
N LEU D 58 19.63 20.56 25.51
CA LEU D 58 21.07 20.65 25.27
C LEU D 58 21.77 19.33 25.58
N ASP D 59 22.51 18.81 24.60
CA ASP D 59 23.24 17.55 24.75
C ASP D 59 24.68 17.84 24.35
N GLY D 60 25.53 18.06 25.35
CA GLY D 60 26.91 18.39 25.06
C GLY D 60 26.92 19.82 24.56
N ASP D 61 27.48 20.03 23.37
CA ASP D 61 27.53 21.37 22.79
C ASP D 61 26.52 21.50 21.65
N VAL D 62 25.55 20.59 21.61
CA VAL D 62 24.51 20.60 20.58
C VAL D 62 23.13 20.87 21.17
N ILE D 63 22.46 21.89 20.63
CA ILE D 63 21.13 22.25 21.11
C ILE D 63 20.08 21.73 20.15
N GLU D 64 19.05 21.05 20.67
CA GLU D 64 17.99 20.50 19.84
C GLU D 64 16.73 21.35 19.94
N CYS D 65 16.19 21.74 18.78
CA CYS D 65 14.98 22.55 18.72
C CYS D 65 13.75 21.72 19.12
N PRO D 66 12.89 22.29 19.98
CA PRO D 66 11.68 21.60 20.45
C PRO D 66 10.60 21.37 19.39
N PHE D 67 10.62 22.19 18.34
CA PHE D 67 9.64 22.09 17.27
C PHE D 67 9.75 20.86 16.38
N HIS D 68 10.86 20.74 15.67
CA HIS D 68 11.02 19.63 14.75
C HIS D 68 12.22 18.74 14.99
N GLY D 69 12.98 18.98 16.06
CA GLY D 69 14.13 18.15 16.34
C GLY D 69 15.40 18.52 15.59
N GLY D 70 15.39 19.66 14.93
CA GLY D 70 16.59 20.11 14.24
C GLY D 70 17.59 20.50 15.31
N ALA D 71 18.86 20.64 14.96
CA ALA D 71 19.85 20.98 15.97
C ALA D 71 21.02 21.80 15.45
N PHE D 72 21.71 22.47 16.37
CA PHE D 72 22.88 23.30 16.02
C PHE D 72 23.96 23.11 17.07
N ASN D 73 25.20 23.37 16.67
CA ASN D 73 26.33 23.32 17.58
C ASN D 73 26.29 24.73 18.18
N VAL D 74 26.17 24.83 19.49
CA VAL D 74 26.10 26.16 20.12
C VAL D 74 27.38 26.98 20.06
N CYS D 75 28.49 26.32 19.77
CA CYS D 75 29.78 27.00 19.67
C CYS D 75 29.97 27.64 18.30
N THR D 76 29.68 26.87 17.25
CA THR D 76 29.83 27.35 15.88
C THR D 76 28.54 27.87 15.26
N GLY D 77 27.42 27.41 15.79
CA GLY D 77 26.12 27.84 15.27
C GLY D 77 25.76 27.08 14.01
N MET D 78 26.61 26.14 13.62
CA MET D 78 26.37 25.34 12.42
C MET D 78 25.34 24.24 12.67
N PRO D 79 24.50 23.95 11.66
CA PRO D 79 23.47 22.90 11.79
C PRO D 79 24.09 21.55 12.14
N ALA D 80 23.42 20.81 13.03
CA ALA D 80 23.91 19.50 13.45
C ALA D 80 22.92 18.38 13.12
N SER D 81 21.64 18.72 13.03
CA SER D 81 20.61 17.74 12.70
C SER D 81 19.58 18.36 11.77
N SER D 82 19.06 17.56 10.86
CA SER D 82 18.02 18.04 9.95
C SER D 82 16.82 18.32 10.85
N PRO D 83 15.85 19.13 10.37
CA PRO D 83 15.74 19.79 9.07
C PRO D 83 16.50 21.12 8.94
N CYS D 84 17.20 21.53 10.00
CA CYS D 84 17.94 22.80 9.97
C CYS D 84 19.05 22.83 8.92
N THR D 85 19.18 23.96 8.23
CA THR D 85 20.20 24.13 7.20
C THR D 85 20.87 25.49 7.27
N VAL D 86 20.20 26.47 7.87
CA VAL D 86 20.74 27.81 7.98
C VAL D 86 21.48 28.00 9.29
N PRO D 87 22.78 28.34 9.22
CA PRO D 87 23.56 28.55 10.44
C PRO D 87 22.97 29.60 11.36
N LEU D 88 23.10 29.35 12.66
CA LEU D 88 22.58 30.23 13.69
C LEU D 88 23.57 31.37 13.94
N GLY D 89 23.06 32.54 14.33
CA GLY D 89 23.94 33.65 14.62
C GLY D 89 24.59 33.44 15.97
N VAL D 90 25.92 33.57 16.03
CA VAL D 90 26.64 33.37 17.28
C VAL D 90 27.05 34.70 17.89
N PHE D 91 26.90 34.82 19.21
CA PHE D 91 27.24 36.04 19.93
C PHE D 91 28.35 35.79 20.95
N GLU D 92 29.21 36.79 21.15
CA GLU D 92 30.32 36.66 22.09
C GLU D 92 29.91 36.73 23.56
N VAL D 93 30.45 35.80 24.35
CA VAL D 93 30.18 35.72 25.78
C VAL D 93 31.47 35.94 26.56
N GLU D 94 31.37 36.57 27.73
CA GLU D 94 32.53 36.81 28.56
C GLU D 94 32.17 36.64 30.04
N VAL D 95 33.03 35.95 30.78
CA VAL D 95 32.80 35.71 32.20
C VAL D 95 33.80 36.50 33.04
N LYS D 96 33.50 37.79 33.24
CA LYS D 96 34.38 38.64 34.02
C LYS D 96 33.97 38.66 35.50
N GLU D 97 34.84 38.09 36.34
CA GLU D 97 34.60 38.03 37.77
C GLU D 97 33.28 37.33 38.11
N GLY D 98 33.26 36.02 37.90
CA GLY D 98 32.06 35.23 38.19
C GLY D 98 30.77 35.82 37.66
N GLU D 99 30.84 36.51 36.53
CA GLU D 99 29.66 37.11 35.96
C GLU D 99 29.66 36.90 34.45
N VAL D 100 28.51 36.47 33.92
CA VAL D 100 28.38 36.21 32.49
C VAL D 100 27.86 37.41 31.72
N TYR D 101 28.51 37.70 30.59
CA TYR D 101 28.13 38.82 29.74
C TYR D 101 28.01 38.35 28.29
N VAL D 102 27.06 38.95 27.56
CA VAL D 102 26.84 38.61 26.16
C VAL D 102 26.96 39.85 25.28
N ALA D 103 27.69 39.73 24.17
CA ALA D 103 27.90 40.83 23.24
C ALA D 103 26.60 41.28 22.56
N GLY D 104 26.43 42.59 22.45
CA GLY D 104 25.23 43.13 21.82
C GLY D 104 25.02 42.68 20.40
N GLU D 105 26.10 42.46 19.67
CA GLU D 105 26.02 42.00 18.28
C GLU D 105 26.65 40.63 18.13
N LYS D 106 26.41 39.98 16.99
CA LYS D 106 26.97 38.66 16.74
C LYS D 106 28.40 38.78 16.23
N LYS D 107 29.27 37.89 16.71
CA LYS D 107 30.67 37.89 16.31
C LYS D 107 30.82 37.71 14.80
N GLN E 3 42.10 -37.18 -23.58
CA GLN E 3 41.41 -36.02 -22.94
C GLN E 3 40.70 -36.45 -21.67
N ILE E 4 40.71 -37.75 -21.40
CA ILE E 4 40.04 -38.28 -20.21
C ILE E 4 40.38 -37.45 -18.98
N TRP E 5 41.68 -37.31 -18.69
CA TRP E 5 42.10 -36.53 -17.53
C TRP E 5 42.85 -35.29 -18.00
N LEU E 6 42.40 -34.12 -17.53
CA LEU E 6 43.02 -32.85 -17.89
C LEU E 6 43.94 -32.36 -16.78
N LYS E 7 45.17 -32.03 -17.14
CA LYS E 7 46.15 -31.52 -16.19
C LYS E 7 45.76 -30.11 -15.78
N VAL E 8 45.54 -29.90 -14.48
CA VAL E 8 45.14 -28.60 -13.97
C VAL E 8 46.32 -27.80 -13.42
N CYS E 9 46.86 -28.28 -12.30
CA CYS E 9 47.99 -27.63 -11.65
C CYS E 9 48.54 -28.59 -10.60
N ALA E 10 49.48 -28.11 -9.79
CA ALA E 10 50.05 -28.92 -8.72
C ALA E 10 49.15 -28.72 -7.51
N ALA E 11 48.93 -29.77 -6.74
CA ALA E 11 48.09 -29.68 -5.55
C ALA E 11 48.58 -28.52 -4.71
N SER E 12 49.89 -28.29 -4.77
CA SER E 12 50.54 -27.22 -4.02
C SER E 12 50.09 -25.82 -4.44
N ASP E 13 49.87 -25.64 -5.75
CA ASP E 13 49.45 -24.34 -6.27
C ASP E 13 48.11 -23.85 -5.74
N MET E 14 47.39 -24.70 -5.02
CA MET E 14 46.10 -24.30 -4.49
C MET E 14 46.02 -24.37 -2.96
N GLN E 15 45.56 -23.27 -2.37
CA GLN E 15 45.40 -23.18 -0.92
C GLN E 15 44.02 -23.69 -0.55
N PRO E 16 43.88 -24.23 0.67
CA PRO E 16 42.58 -24.74 1.13
C PRO E 16 41.52 -23.64 1.01
N GLY E 17 40.37 -23.99 0.46
CA GLY E 17 39.29 -23.02 0.33
C GLY E 17 39.39 -22.10 -0.87
N THR E 18 40.11 -22.49 -1.91
CA THR E 18 40.22 -21.65 -3.10
C THR E 18 39.55 -22.31 -4.29
N ILE E 19 39.43 -21.55 -5.37
CA ILE E 19 38.78 -22.02 -6.59
C ILE E 19 39.64 -21.67 -7.80
N ARG E 20 39.73 -22.59 -8.75
CA ARG E 20 40.52 -22.36 -9.95
C ARG E 20 39.67 -22.65 -11.18
N ARG E 21 39.74 -21.76 -12.18
CA ARG E 21 38.98 -21.95 -13.40
C ARG E 21 39.82 -22.71 -14.44
N VAL E 22 39.22 -23.73 -15.04
CA VAL E 22 39.90 -24.52 -16.04
C VAL E 22 39.21 -24.33 -17.39
N ASN E 23 39.88 -23.61 -18.30
CA ASN E 23 39.34 -23.36 -19.62
C ASN E 23 39.65 -24.52 -20.55
N ARG E 24 38.69 -24.86 -21.39
CA ARG E 24 38.85 -25.98 -22.31
C ARG E 24 38.54 -25.62 -23.75
N VAL E 25 39.39 -26.06 -24.67
CA VAL E 25 39.21 -25.81 -26.09
C VAL E 25 37.92 -26.49 -26.59
N GLY E 26 37.03 -25.69 -27.17
CA GLY E 26 35.79 -26.23 -27.70
C GLY E 26 34.82 -26.80 -26.66
N ALA E 27 34.98 -26.40 -25.40
CA ALA E 27 34.11 -26.87 -24.33
C ALA E 27 33.89 -25.80 -23.28
N ALA E 28 32.87 -25.98 -22.45
CA ALA E 28 32.57 -25.02 -21.39
C ALA E 28 33.60 -25.17 -20.27
N PRO E 29 33.94 -24.06 -19.60
CA PRO E 29 34.93 -24.07 -18.51
C PRO E 29 34.51 -24.83 -17.27
N LEU E 30 35.50 -25.33 -16.54
CA LEU E 30 35.25 -26.06 -15.32
C LEU E 30 35.79 -25.24 -14.16
N ALA E 31 35.37 -25.60 -12.96
CA ALA E 31 35.82 -24.95 -11.75
C ALA E 31 36.31 -26.03 -10.81
N VAL E 32 37.54 -25.89 -10.33
CA VAL E 32 38.11 -26.86 -9.40
C VAL E 32 38.21 -26.22 -8.03
N TYR E 33 37.64 -26.87 -7.03
CA TYR E 33 37.66 -26.34 -5.67
C TYR E 33 38.48 -27.19 -4.72
N ARG E 34 39.27 -26.53 -3.88
CA ARG E 34 40.05 -27.26 -2.90
C ARG E 34 39.39 -27.05 -1.54
N VAL E 35 38.80 -28.13 -1.02
CA VAL E 35 38.14 -28.08 0.28
C VAL E 35 39.04 -28.85 1.24
N GLY E 36 39.93 -28.12 1.91
CA GLY E 36 40.87 -28.75 2.83
C GLY E 36 41.99 -29.30 1.97
N ASP E 37 42.14 -30.63 1.96
CA ASP E 37 43.16 -31.26 1.14
C ASP E 37 42.46 -32.06 0.05
N GLN E 38 41.15 -31.94 -0.02
CA GLN E 38 40.35 -32.65 -1.01
C GLN E 38 40.06 -31.71 -2.18
N PHE E 39 39.97 -32.27 -3.38
CA PHE E 39 39.67 -31.49 -4.57
C PHE E 39 38.39 -31.94 -5.23
N TYR E 40 37.58 -30.97 -5.65
CA TYR E 40 36.32 -31.24 -6.31
C TYR E 40 36.22 -30.34 -7.54
N ALA E 41 35.34 -30.69 -8.47
CA ALA E 41 35.17 -29.88 -9.67
C ALA E 41 33.76 -29.97 -10.23
N THR E 42 33.32 -28.86 -10.82
CA THR E 42 31.99 -28.78 -11.42
C THR E 42 32.11 -27.88 -12.64
N GLU E 43 31.00 -27.66 -13.33
CA GLU E 43 31.01 -26.75 -14.47
C GLU E 43 31.31 -25.42 -13.79
N ASP E 44 31.95 -24.49 -14.50
CA ASP E 44 32.25 -23.20 -13.92
C ASP E 44 31.07 -22.24 -14.02
N THR E 45 30.26 -22.41 -15.04
CA THR E 45 29.11 -21.55 -15.27
C THR E 45 27.93 -21.92 -14.38
N CYS E 46 27.41 -20.92 -13.66
CA CYS E 46 26.28 -21.13 -12.77
C CYS E 46 25.10 -21.62 -13.60
N THR E 47 24.39 -22.64 -13.12
CA THR E 47 23.26 -23.17 -13.87
C THR E 47 22.07 -22.20 -13.91
N HIS E 48 22.10 -21.17 -13.06
CA HIS E 48 21.02 -20.20 -13.01
C HIS E 48 21.21 -19.03 -13.99
N GLY E 49 22.38 -18.93 -14.58
CA GLY E 49 22.60 -17.84 -15.52
C GLY E 49 23.88 -17.97 -16.30
N ILE E 50 24.66 -16.90 -16.32
CA ILE E 50 25.93 -16.89 -17.05
C ILE E 50 27.10 -16.51 -16.16
N ALA E 51 26.90 -16.54 -14.85
CA ALA E 51 27.96 -16.18 -13.92
C ALA E 51 29.06 -17.23 -13.87
N SER E 52 30.27 -16.80 -13.52
CA SER E 52 31.40 -17.71 -13.39
C SER E 52 31.53 -18.02 -11.91
N LEU E 53 31.29 -19.28 -11.54
CA LEU E 53 31.38 -19.69 -10.14
C LEU E 53 32.78 -19.53 -9.55
N SER E 54 33.80 -19.56 -10.41
CA SER E 54 35.17 -19.42 -9.93
C SER E 54 35.38 -18.00 -9.42
N GLU E 55 34.41 -17.13 -9.69
CA GLU E 55 34.46 -15.73 -9.25
C GLU E 55 33.56 -15.53 -8.04
N GLY E 56 33.02 -16.63 -7.51
CA GLY E 56 32.14 -16.56 -6.36
C GLY E 56 32.88 -16.72 -5.04
N THR E 57 32.15 -17.12 -4.00
CA THR E 57 32.73 -17.31 -2.69
C THR E 57 32.53 -18.73 -2.15
N LEU E 58 33.63 -19.38 -1.80
CA LEU E 58 33.58 -20.74 -1.28
C LEU E 58 33.48 -20.75 0.24
N ASP E 59 32.38 -21.32 0.75
CA ASP E 59 32.18 -21.42 2.19
C ASP E 59 32.09 -22.89 2.56
N GLY E 60 33.23 -23.49 2.87
CA GLY E 60 33.25 -24.90 3.21
C GLY E 60 33.12 -25.67 1.91
N ASP E 61 32.08 -26.49 1.79
CA ASP E 61 31.89 -27.26 0.57
C ASP E 61 30.76 -26.68 -0.28
N VAL E 62 30.38 -25.44 0.04
CA VAL E 62 29.31 -24.77 -0.68
C VAL E 62 29.83 -23.53 -1.39
N ILE E 63 29.61 -23.47 -2.71
CA ILE E 63 30.04 -22.33 -3.51
C ILE E 63 28.88 -21.38 -3.75
N GLU E 64 29.11 -20.09 -3.51
CA GLU E 64 28.09 -19.06 -3.70
C GLU E 64 28.33 -18.24 -4.97
N CYS E 65 27.33 -18.20 -5.85
CA CYS E 65 27.42 -17.47 -7.11
C CYS E 65 27.46 -15.96 -6.87
N PRO E 66 28.35 -15.24 -7.56
CA PRO E 66 28.49 -13.79 -7.41
C PRO E 66 27.38 -12.94 -8.03
N PHE E 67 26.52 -13.55 -8.85
CA PHE E 67 25.44 -12.83 -9.50
C PHE E 67 24.21 -12.59 -8.63
N HIS E 68 23.58 -13.67 -8.16
CA HIS E 68 22.36 -13.55 -7.38
C HIS E 68 22.36 -14.18 -5.99
N GLY E 69 23.50 -14.71 -5.56
CA GLY E 69 23.56 -15.32 -4.25
C GLY E 69 23.14 -16.78 -4.20
N GLY E 70 22.88 -17.38 -5.36
CA GLY E 70 22.51 -18.79 -5.39
C GLY E 70 23.76 -19.55 -4.97
N ALA E 71 23.63 -20.83 -4.65
CA ALA E 71 24.79 -21.60 -4.22
C ALA E 71 24.62 -23.10 -4.50
N PHE E 72 25.75 -23.81 -4.55
CA PHE E 72 25.74 -25.24 -4.80
C PHE E 72 26.71 -25.96 -3.88
N ASN E 73 26.45 -27.25 -3.62
CA ASN E 73 27.37 -28.05 -2.83
C ASN E 73 28.35 -28.52 -3.90
N VAL E 74 29.63 -28.22 -3.72
CA VAL E 74 30.65 -28.58 -4.72
C VAL E 74 30.95 -30.06 -4.85
N CYS E 75 30.55 -30.86 -3.86
CA CYS E 75 30.80 -32.29 -3.90
C CYS E 75 29.74 -33.03 -4.72
N THR E 76 28.48 -32.64 -4.51
CA THR E 76 27.34 -33.27 -5.18
C THR E 76 26.84 -32.45 -6.37
N GLY E 77 27.10 -31.13 -6.33
CA GLY E 77 26.64 -30.26 -7.40
C GLY E 77 25.18 -29.86 -7.22
N MET E 78 24.57 -30.30 -6.12
CA MET E 78 23.17 -29.98 -5.87
C MET E 78 23.01 -28.54 -5.36
N PRO E 79 21.88 -27.89 -5.69
CA PRO E 79 21.64 -26.52 -5.24
C PRO E 79 21.67 -26.44 -3.71
N ALA E 80 22.23 -25.36 -3.18
CA ALA E 80 22.30 -25.18 -1.73
C ALA E 80 21.54 -23.93 -1.32
N SER E 81 21.38 -23.01 -2.27
CA SER E 81 20.66 -21.76 -2.00
C SER E 81 19.91 -21.30 -3.24
N SER E 82 18.70 -20.79 -3.04
CA SER E 82 17.89 -20.26 -4.12
C SER E 82 18.71 -19.08 -4.64
N PRO E 83 18.46 -18.63 -5.88
CA PRO E 83 17.46 -19.10 -6.84
C PRO E 83 17.86 -20.34 -7.65
N CYS E 84 19.06 -20.86 -7.41
CA CYS E 84 19.51 -22.04 -8.15
C CYS E 84 18.60 -23.25 -7.92
N THR E 85 18.33 -23.99 -8.99
CA THR E 85 17.48 -25.18 -8.91
C THR E 85 18.00 -26.34 -9.75
N VAL E 86 18.87 -26.03 -10.73
CA VAL E 86 19.44 -27.06 -11.60
C VAL E 86 20.82 -27.50 -11.11
N PRO E 87 20.98 -28.81 -10.85
CA PRO E 87 22.27 -29.33 -10.36
C PRO E 87 23.41 -29.09 -11.34
N LEU E 88 24.61 -28.90 -10.80
CA LEU E 88 25.79 -28.68 -11.62
C LEU E 88 26.36 -30.02 -12.06
N GLY E 89 27.01 -30.03 -13.22
CA GLY E 89 27.63 -31.25 -13.68
C GLY E 89 28.87 -31.37 -12.82
N VAL E 90 29.14 -32.57 -12.31
CA VAL E 90 30.33 -32.78 -11.48
C VAL E 90 31.38 -33.57 -12.25
N PHE E 91 32.64 -33.17 -12.07
CA PHE E 91 33.75 -33.84 -12.76
C PHE E 91 34.73 -34.40 -11.74
N GLU E 92 35.03 -35.68 -11.86
CA GLU E 92 35.94 -36.35 -10.95
C GLU E 92 37.32 -35.69 -10.97
N VAL E 93 37.95 -35.63 -9.80
CA VAL E 93 39.29 -35.06 -9.69
C VAL E 93 40.17 -36.06 -8.96
N GLU E 94 41.38 -36.25 -9.44
CA GLU E 94 42.30 -37.16 -8.79
C GLU E 94 43.69 -36.52 -8.79
N VAL E 95 44.47 -36.83 -7.75
CA VAL E 95 45.82 -36.28 -7.64
C VAL E 95 46.84 -37.40 -7.85
N LYS E 96 47.61 -37.29 -8.92
CA LYS E 96 48.64 -38.29 -9.22
C LYS E 96 50.00 -37.61 -9.23
N GLU E 97 50.88 -38.07 -8.34
CA GLU E 97 52.22 -37.51 -8.25
C GLU E 97 52.17 -36.03 -7.88
N GLY E 98 51.26 -35.68 -6.97
CA GLY E 98 51.11 -34.30 -6.54
C GLY E 98 50.55 -33.39 -7.61
N GLU E 99 50.03 -33.97 -8.68
CA GLU E 99 49.46 -33.18 -9.77
C GLU E 99 47.95 -33.33 -9.81
N VAL E 100 47.24 -32.22 -9.95
CA VAL E 100 45.78 -32.23 -10.01
C VAL E 100 45.25 -32.49 -11.43
N TYR E 101 44.37 -33.47 -11.54
CA TYR E 101 43.77 -33.81 -12.83
C TYR E 101 42.26 -33.79 -12.72
N VAL E 102 41.59 -33.22 -13.73
CA VAL E 102 40.14 -33.17 -13.71
C VAL E 102 39.58 -33.94 -14.90
N ALA E 103 38.50 -34.67 -14.67
CA ALA E 103 37.87 -35.47 -15.73
C ALA E 103 37.39 -34.60 -16.89
N GLY E 104 37.49 -35.12 -18.10
CA GLY E 104 37.06 -34.39 -19.27
C GLY E 104 35.56 -34.55 -19.53
N GLU E 105 34.97 -35.56 -18.88
CA GLU E 105 33.54 -35.82 -19.00
C GLU E 105 32.94 -35.84 -17.60
N LYS E 106 31.72 -35.33 -17.46
CA LYS E 106 31.07 -35.29 -16.16
C LYS E 106 30.54 -36.65 -15.72
N LYS E 107 30.35 -36.79 -14.41
CA LYS E 107 29.82 -38.03 -13.84
C LYS E 107 28.35 -38.19 -14.23
N LEU E 108 27.92 -39.43 -14.35
CA LEU E 108 26.53 -39.73 -14.72
C LEU E 108 25.87 -40.61 -13.67
N GLU E 109 24.55 -40.72 -13.77
CA GLU E 109 23.79 -41.55 -12.84
C GLU E 109 23.62 -42.95 -13.42
N ILE F 4 -27.85 -26.33 46.35
CA ILE F 4 -26.95 -25.16 46.55
C ILE F 4 -25.53 -25.52 46.08
N TRP F 5 -24.56 -25.62 46.99
CA TRP F 5 -23.19 -25.96 46.60
C TRP F 5 -23.15 -27.25 45.78
N LEU F 6 -22.32 -27.25 44.76
CA LEU F 6 -22.15 -28.42 43.90
C LEU F 6 -20.85 -29.16 44.18
N LYS F 7 -20.97 -30.43 44.54
CA LYS F 7 -19.81 -31.27 44.82
C LYS F 7 -19.27 -31.64 43.44
N VAL F 8 -18.16 -31.01 43.04
CA VAL F 8 -17.59 -31.26 41.72
C VAL F 8 -16.67 -32.47 41.61
N CYS F 9 -15.63 -32.51 42.42
CA CYS F 9 -14.69 -33.62 42.35
C CYS F 9 -13.70 -33.61 43.50
N ALA F 10 -12.84 -34.62 43.51
CA ALA F 10 -11.81 -34.74 44.53
C ALA F 10 -10.68 -33.85 44.06
N ALA F 11 -10.06 -33.11 44.98
CA ALA F 11 -8.97 -32.22 44.61
C ALA F 11 -7.89 -32.91 43.80
N SER F 12 -7.63 -34.18 44.09
CA SER F 12 -6.59 -34.93 43.39
C SER F 12 -6.99 -35.43 42.00
N ASP F 13 -8.24 -35.23 41.61
CA ASP F 13 -8.71 -35.65 40.29
C ASP F 13 -8.19 -34.71 39.23
N MET F 14 -7.68 -33.56 39.68
CA MET F 14 -7.15 -32.55 38.77
C MET F 14 -5.66 -32.29 39.03
N GLN F 15 -4.86 -32.42 37.97
CA GLN F 15 -3.43 -32.15 38.08
C GLN F 15 -3.26 -30.64 38.06
N PRO F 16 -2.20 -30.13 38.71
CA PRO F 16 -1.97 -28.68 38.73
C PRO F 16 -1.98 -28.08 37.33
N GLY F 17 -2.58 -26.90 37.19
CA GLY F 17 -2.63 -26.22 35.91
C GLY F 17 -3.61 -26.77 34.89
N THR F 18 -4.57 -27.58 35.34
CA THR F 18 -5.56 -28.13 34.42
C THR F 18 -6.93 -27.52 34.62
N ILE F 19 -7.82 -27.81 33.67
CA ILE F 19 -9.18 -27.28 33.71
C ILE F 19 -10.17 -28.40 33.51
N ARG F 20 -11.27 -28.33 34.25
CA ARG F 20 -12.31 -29.34 34.15
C ARG F 20 -13.65 -28.70 33.86
N ARG F 21 -14.34 -29.21 32.85
CA ARG F 21 -15.65 -28.69 32.49
C ARG F 21 -16.70 -29.39 33.35
N VAL F 22 -17.62 -28.62 33.89
CA VAL F 22 -18.67 -29.17 34.74
C VAL F 22 -20.03 -28.89 34.11
N ASN F 23 -20.63 -29.92 33.53
CA ASN F 23 -21.94 -29.78 32.91
C ASN F 23 -23.02 -29.73 33.97
N ARG F 24 -24.03 -28.88 33.75
CA ARG F 24 -25.14 -28.73 34.67
C ARG F 24 -26.43 -28.82 33.87
N VAL F 25 -27.18 -29.90 34.06
CA VAL F 25 -28.44 -30.07 33.32
C VAL F 25 -29.33 -28.85 33.51
N GLY F 26 -29.85 -28.32 32.41
CA GLY F 26 -30.71 -27.15 32.48
C GLY F 26 -29.98 -25.89 32.91
N ALA F 27 -28.71 -25.80 32.55
CA ALA F 27 -27.91 -24.63 32.91
C ALA F 27 -26.61 -24.61 32.11
N ALA F 28 -26.01 -23.43 32.00
CA ALA F 28 -24.75 -23.27 31.26
C ALA F 28 -23.62 -23.97 32.01
N PRO F 29 -22.72 -24.64 31.27
CA PRO F 29 -21.61 -25.34 31.91
C PRO F 29 -20.62 -24.41 32.61
N LEU F 30 -19.89 -24.96 33.57
CA LEU F 30 -18.90 -24.20 34.31
C LEU F 30 -17.52 -24.79 34.05
N ALA F 31 -16.49 -24.01 34.38
CA ALA F 31 -15.11 -24.45 34.23
C ALA F 31 -14.45 -24.32 35.59
N VAL F 32 -13.83 -25.40 36.04
CA VAL F 32 -13.13 -25.39 37.33
C VAL F 32 -11.65 -25.45 37.01
N TYR F 33 -10.91 -24.47 37.51
CA TYR F 33 -9.48 -24.41 37.25
C TYR F 33 -8.65 -24.71 38.49
N ARG F 34 -7.58 -25.47 38.31
CA ARG F 34 -6.68 -25.76 39.41
C ARG F 34 -5.37 -25.02 39.15
N VAL F 35 -5.17 -23.94 39.88
CA VAL F 35 -3.97 -23.13 39.77
C VAL F 35 -3.09 -23.52 40.95
N GLY F 36 -2.12 -24.40 40.69
CA GLY F 36 -1.26 -24.86 41.76
C GLY F 36 -2.08 -25.78 42.65
N ASP F 37 -2.30 -25.36 43.89
CA ASP F 37 -3.09 -26.16 44.83
C ASP F 37 -4.39 -25.43 45.19
N GLN F 38 -4.72 -24.42 44.39
CA GLN F 38 -5.94 -23.64 44.61
C GLN F 38 -6.95 -23.96 43.51
N PHE F 39 -8.23 -23.71 43.79
CA PHE F 39 -9.28 -23.96 42.82
C PHE F 39 -10.17 -22.75 42.61
N TYR F 40 -10.55 -22.52 41.35
CA TYR F 40 -11.41 -21.41 40.98
C TYR F 40 -12.45 -21.93 39.99
N ALA F 41 -13.53 -21.16 39.80
CA ALA F 41 -14.58 -21.57 38.87
C ALA F 41 -15.26 -20.37 38.21
N THR F 42 -15.60 -20.53 36.93
CA THR F 42 -16.27 -19.49 36.16
C THR F 42 -17.20 -20.19 35.20
N GLU F 43 -17.93 -19.41 34.40
CA GLU F 43 -18.80 -20.01 33.40
C GLU F 43 -17.78 -20.58 32.43
N ASP F 44 -18.13 -21.66 31.73
CA ASP F 44 -17.19 -22.29 30.80
C ASP F 44 -17.17 -21.63 29.42
N THR F 45 -18.30 -21.10 28.99
CA THR F 45 -18.40 -20.47 27.69
C THR F 45 -17.75 -19.09 27.65
N CYS F 46 -16.81 -18.90 26.74
CA CYS F 46 -16.14 -17.61 26.61
C CYS F 46 -17.24 -16.57 26.34
N THR F 47 -17.13 -15.38 26.94
CA THR F 47 -18.15 -14.35 26.76
C THR F 47 -18.09 -13.69 25.37
N HIS F 48 -17.04 -14.01 24.62
CA HIS F 48 -16.83 -13.47 23.28
C HIS F 48 -17.33 -14.37 22.15
N GLY F 49 -17.74 -15.59 22.47
CA GLY F 49 -18.21 -16.48 21.44
C GLY F 49 -18.82 -17.77 21.96
N ILE F 50 -18.44 -18.88 21.36
CA ILE F 50 -18.97 -20.19 21.77
C ILE F 50 -17.86 -21.13 22.25
N ALA F 51 -16.64 -20.61 22.38
CA ALA F 51 -15.51 -21.43 22.80
C ALA F 51 -15.65 -21.93 24.23
N SER F 52 -15.06 -23.09 24.49
CA SER F 52 -15.08 -23.68 25.83
C SER F 52 -13.75 -23.32 26.49
N LEU F 53 -13.79 -22.51 27.56
CA LEU F 53 -12.57 -22.11 28.24
C LEU F 53 -11.82 -23.29 28.81
N SER F 54 -12.54 -24.39 29.06
CA SER F 54 -11.92 -25.60 29.60
C SER F 54 -10.99 -26.22 28.56
N GLU F 55 -11.06 -25.75 27.32
CA GLU F 55 -10.21 -26.27 26.25
C GLU F 55 -9.17 -25.20 25.90
N GLY F 56 -9.04 -24.23 26.79
CA GLY F 56 -8.10 -23.14 26.60
C GLY F 56 -6.76 -23.37 27.28
N THR F 57 -6.01 -22.29 27.48
CA THR F 57 -4.69 -22.35 28.10
C THR F 57 -4.64 -21.55 29.38
N LEU F 58 -4.22 -22.20 30.46
CA LEU F 58 -4.12 -21.55 31.75
C LEU F 58 -2.71 -21.04 32.02
N ASP F 59 -2.58 -19.73 32.25
CA ASP F 59 -1.29 -19.11 32.55
C ASP F 59 -1.45 -18.40 33.89
N GLY F 60 -1.08 -19.09 34.97
CA GLY F 60 -1.23 -18.50 36.29
C GLY F 60 -2.71 -18.43 36.61
N ASP F 61 -3.21 -17.26 36.95
CA ASP F 61 -4.62 -17.09 37.26
C ASP F 61 -5.38 -16.54 36.05
N VAL F 62 -4.79 -16.70 34.87
CA VAL F 62 -5.40 -16.20 33.65
C VAL F 62 -5.68 -17.31 32.63
N ILE F 63 -6.94 -17.44 32.25
CA ILE F 63 -7.33 -18.46 31.29
C ILE F 63 -7.39 -17.84 29.88
N GLU F 64 -6.73 -18.49 28.93
CA GLU F 64 -6.69 -18.01 27.56
C GLU F 64 -7.65 -18.81 26.69
N CYS F 65 -8.58 -18.11 26.04
CA CYS F 65 -9.56 -18.76 25.18
C CYS F 65 -8.90 -19.39 23.95
N PRO F 66 -9.28 -20.64 23.60
CA PRO F 66 -8.70 -21.35 22.46
C PRO F 66 -9.06 -20.78 21.08
N PHE F 67 -10.14 -20.02 21.02
CA PHE F 67 -10.59 -19.44 19.75
C PHE F 67 -9.81 -18.24 19.24
N HIS F 68 -9.85 -17.13 19.98
CA HIS F 68 -9.19 -15.91 19.54
C HIS F 68 -8.08 -15.33 20.43
N GLY F 69 -7.74 -16.03 21.50
CA GLY F 69 -6.68 -15.53 22.36
C GLY F 69 -7.18 -14.53 23.38
N GLY F 70 -8.50 -14.38 23.50
CA GLY F 70 -9.04 -13.49 24.50
C GLY F 70 -8.69 -14.14 25.82
N ALA F 71 -8.78 -13.40 26.92
CA ALA F 71 -8.44 -14.00 28.21
C ALA F 71 -9.16 -13.35 29.39
N PHE F 72 -9.22 -14.11 30.49
CA PHE F 72 -9.87 -13.64 31.71
C PHE F 72 -9.05 -14.05 32.93
N ASN F 73 -9.23 -13.32 34.02
CA ASN F 73 -8.58 -13.63 35.28
C ASN F 73 -9.62 -14.56 35.92
N VAL F 74 -9.24 -15.82 36.15
CA VAL F 74 -10.18 -16.78 36.71
C VAL F 74 -10.63 -16.49 38.13
N CYS F 75 -10.03 -15.49 38.77
CA CYS F 75 -10.39 -15.14 40.14
C CYS F 75 -11.45 -14.04 40.18
N THR F 76 -11.29 -13.03 39.33
CA THR F 76 -12.23 -11.91 39.29
C THR F 76 -13.21 -12.04 38.11
N GLY F 77 -12.82 -12.79 37.09
CA GLY F 77 -13.67 -12.95 35.92
C GLY F 77 -13.55 -11.81 34.95
N MET F 78 -12.74 -10.82 35.30
CA MET F 78 -12.54 -9.65 34.45
C MET F 78 -11.66 -9.98 33.25
N PRO F 79 -11.95 -9.37 32.09
CA PRO F 79 -11.14 -9.62 30.89
C PRO F 79 -9.68 -9.24 31.12
N ALA F 80 -8.77 -10.08 30.64
CA ALA F 80 -7.34 -9.82 30.79
C ALA F 80 -6.72 -9.50 29.44
N SER F 81 -7.35 -9.99 28.36
CA SER F 81 -6.88 -9.76 27.00
C SER F 81 -8.04 -9.58 26.03
N SER F 82 -7.84 -8.72 25.04
CA SER F 82 -8.85 -8.50 24.01
C SER F 82 -8.90 -9.83 23.25
N PRO F 83 -9.96 -10.08 22.47
CA PRO F 83 -11.13 -9.23 22.23
C PRO F 83 -12.22 -9.31 23.30
N CYS F 84 -11.98 -10.09 24.36
CA CYS F 84 -12.98 -10.21 25.41
C CYS F 84 -13.24 -8.87 26.10
N THR F 85 -14.52 -8.55 26.30
CA THR F 85 -14.91 -7.30 26.93
C THR F 85 -15.97 -7.50 28.02
N VAL F 86 -16.73 -8.59 27.91
CA VAL F 86 -17.78 -8.90 28.88
C VAL F 86 -17.22 -9.78 30.00
N PRO F 87 -17.31 -9.30 31.26
CA PRO F 87 -16.80 -10.08 32.40
C PRO F 87 -17.43 -11.46 32.51
N LEU F 88 -16.61 -12.43 32.90
CA LEU F 88 -17.04 -13.81 33.08
C LEU F 88 -17.75 -13.99 34.41
N GLY F 89 -18.75 -14.87 34.42
CA GLY F 89 -19.46 -15.12 35.67
C GLY F 89 -18.50 -15.90 36.55
N VAL F 90 -18.42 -15.55 37.83
CA VAL F 90 -17.54 -16.22 38.77
C VAL F 90 -18.34 -16.95 39.84
N PHE F 91 -17.82 -18.08 40.30
CA PHE F 91 -18.47 -18.86 41.35
C PHE F 91 -17.43 -19.15 42.42
N GLU F 92 -17.70 -18.73 43.66
CA GLU F 92 -16.73 -18.99 44.72
C GLU F 92 -16.55 -20.50 44.85
N VAL F 93 -15.33 -20.91 45.20
CA VAL F 93 -15.02 -22.33 45.35
C VAL F 93 -14.52 -22.62 46.75
N GLU F 94 -14.88 -23.78 47.26
CA GLU F 94 -14.47 -24.19 48.60
C GLU F 94 -13.95 -25.62 48.56
N VAL F 95 -12.80 -25.84 49.19
CA VAL F 95 -12.21 -27.17 49.25
C VAL F 95 -12.20 -27.63 50.70
N LYS F 96 -13.00 -28.65 51.01
CA LYS F 96 -13.05 -29.17 52.36
C LYS F 96 -12.87 -30.69 52.35
N GLU F 97 -11.93 -31.15 53.18
CA GLU F 97 -11.64 -32.58 53.25
C GLU F 97 -11.25 -33.17 51.89
N GLY F 98 -10.48 -32.42 51.13
CA GLY F 98 -10.03 -32.89 49.83
C GLY F 98 -11.10 -33.00 48.76
N GLU F 99 -12.24 -32.33 48.98
CA GLU F 99 -13.34 -32.36 48.02
C GLU F 99 -13.60 -30.94 47.52
N VAL F 100 -13.80 -30.80 46.21
CA VAL F 100 -14.04 -29.49 45.59
C VAL F 100 -15.52 -29.16 45.44
N TYR F 101 -15.94 -28.04 46.02
CA TYR F 101 -17.33 -27.59 45.94
C TYR F 101 -17.38 -26.21 45.27
N VAL F 102 -18.37 -26.02 44.40
CA VAL F 102 -18.54 -24.75 43.71
C VAL F 102 -19.92 -24.19 43.96
N ALA F 103 -19.98 -22.91 44.32
CA ALA F 103 -21.26 -22.22 44.59
C ALA F 103 -22.30 -22.53 43.52
N GLY F 104 -23.55 -22.65 43.95
CA GLY F 104 -24.62 -22.95 43.00
C GLY F 104 -24.88 -21.85 42.00
N GLU F 105 -24.88 -20.61 42.46
CA GLU F 105 -25.14 -19.47 41.60
C GLU F 105 -23.99 -18.48 41.57
N LYS F 106 -23.84 -17.79 40.44
CA LYS F 106 -22.80 -16.79 40.25
C LYS F 106 -22.78 -15.87 41.46
N LYS F 107 -21.59 -15.46 41.89
CA LYS F 107 -21.47 -14.60 43.05
C LYS F 107 -20.01 -14.24 43.33
FE FE2 G . -10.04 31.14 4.32
FE1 FES H . -25.05 -9.88 11.28
FE2 FES H . -24.44 -12.60 11.22
S1 FES H . -26.32 -11.63 12.09
S2 FES H . -23.13 -10.84 10.39
O1 OXY I . -11.22 32.31 6.32
O2 OXY I . -11.41 31.00 5.70
FE FE2 J . 13.97 -2.10 -29.40
FE1 FES K . 3.75 29.13 0.09
FE2 FES K . 2.75 29.62 2.61
S1 FES K . 3.67 31.07 1.09
S2 FES K . 2.74 27.60 1.53
O1 OXY L . 16.01 -0.87 -30.28
O2 OXY L . 15.01 -0.44 -29.34
FE FE2 M . -26.45 -19.26 0.37
FE1 FES N . 11.09 -14.59 -22.64
FE2 FES N . 13.45 -13.29 -22.81
S1 FES N . 12.77 -15.05 -24.03
S2 FES N . 11.69 -12.75 -21.44
O1 OXY O . -26.69 -21.86 0.18
O2 OXY O . -25.71 -20.97 -0.39
FE1 FES P . 11.96 23.55 12.84
FE2 FES P . 13.51 24.50 14.84
S1 FES P . 11.65 25.43 14.01
S2 FES P . 13.77 22.54 13.80
FE1 FES Q . 24.19 -17.75 -10.36
FE2 FES Q . 21.84 -16.41 -10.75
S1 FES Q . 23.58 -16.70 -12.22
S2 FES Q . 22.61 -17.38 -8.90
FE1 FES R . -13.33 -15.15 20.95
FE2 FES R . -13.12 -16.55 23.28
S1 FES R . -14.62 -16.99 21.58
S2 FES R . -11.74 -14.87 22.62
#